data_8YEM
#
_entry.id   8YEM
#
_cell.length_a   104.940
_cell.length_b   156.810
_cell.length_c   182.100
_cell.angle_alpha   90.00
_cell.angle_beta   90.00
_cell.angle_gamma   90.00
#
_symmetry.space_group_name_H-M   'P 21 21 21'
#
loop_
_entity.id
_entity.type
_entity.pdbx_description
1 polymer 'Detyrosinated tubulin alpha-1B chain'
2 polymer 'Tubulin beta chain'
3 polymer Stathmin-4
4 polymer 'Tubulin--tyrosine ligase'
5 non-polymer "GUANOSINE-5'-TRIPHOSPHATE"
6 non-polymer 'CALCIUM ION'
7 non-polymer 'MAGNESIUM ION'
8 non-polymer "GUANOSINE-5'-DIPHOSPHATE"
9 non-polymer '2-(N-MORPHOLINO)-ETHANESULFONIC ACID'
10 non-polymer 4-(2-chloranyl-6-fluoranyl-quinazolin-4-yl)-7-methoxy-1,3-dihydroquinoxalin-2-one
11 non-polymer 'PHOSPHOMETHYLPHOSPHONIC ACID ADENYLATE ESTER'
#
loop_
_entity_poly.entity_id
_entity_poly.type
_entity_poly.pdbx_seq_one_letter_code
_entity_poly.pdbx_strand_id
1 'polypeptide(L)'
;MRECISIHVGQAGVQIGNACWELYCLEHGIQPDGQMPSDKTIGGGDDSFNTFFSETGAGKHVPRAVFVDLEPTVIDEVRT
GTYRQLFHPEQLITGKEDAANNYARGHYTIGKEIIDLVLDRIRKLADQCTGLQGFLVFHSFGGGTGSGFTSLLMERLSVD
YGKKSKLEFSIYPAPQVSTAVVEPYNSILTTHTTLEHSDCAFMVDNEAIYDICRRNLDIERPTYTNLNRLISQIVSSITA
SLRFDGALNVDLTEFQTNLVPYPRIHFPLATYAPVISAEKAYHEQLSVAEITNACFEPANQMVKCDPRHGKYMACCLLYR
GDVVPKDVNAAIATIKTKRSIQFVDWCPTGFKVGINYQPPTVVPGGDLAKVQRAVCMLSNTTAIAEAWARLDHKFDLMYA
KRAFVHWYVGEGMEEGEFSEAREDMAALEKDYEEVGVDSV
;
A,C
2 'polypeptide(L)'
;MREIVHIQAGQCGNQIGAKFWEVISDEHGIDPTGSYHGDSDLQLERINVYYNEATGNKYVPRAILVDLEPGTMDSVRSGP
FGQIFRPDNFVFGQSGAGNNWAKGHYTEGAELVDSVLDVVRKESESCDCLQGFQLTHSLGGGTGSGMGTLLISKIREEYP
DRIMNTFSVMPSPKVSDTVVEPYNATLSVHQLVENTDETYCIDNEALYDICFRTLKLTTPTYGDLNHLVSATMSGVTTCL
RFPGQLNADLRKLAVNMVPFPRLHFFMPGFAPLTSRGSQQYRALTVPELTQQMFDSKNMMAACDPRHGRYLTVAAIFRGR
MSMKEVDEQMLNVQNKNSSYFVEWIPNNVKTAVCDIPPRGLKMSATFIGNSTAIQELFKRISEQFTAMFRRKAFLHWYTG
EGMDEMEFTEAESNMNDLVSEYQQYQDATAD
;
B,D
3 'polypeptide(L)'
;MEVIELNKCTSGQSFEVILKPPSFDGVPEFNASLPRRRDPSLEEIQKKLEAAEERRKYQEAELLKHLAEKREHEREVIQK
AIEENNNFIKMAKEKLAQKMESNKENREAHLAAMLERLQEKDKHAEEVRKNKELKE
;
E
4 'polypeptide(L)'
;MYTFVVRDENSSVYAEVSRLLLATGQWKRLRKDNPRFNLMLGERNRLPFGRLGHEPGLVQLVNYYRGADKLCRKASLVKL
IKTSPELSESCTWFPESYVIYPTNLKTPVAPAQNGIRHLINNTRTDEREVFLAAYNRRREGREGNVWIAKSSAGAKGEGI
LISSEASELLDFIDEQGQVHVIQKYLEKPLLLEPGHRKFDIRSWVLVDHLYNIYLYREGVLRTSSEPYNSANFQDKTCHL
TNHCIQKEYSKNYGRYEEGNEMFFEEFNQYLMDALNTTLENSILLQIKHIIRSCLMCIEPAISTKHLHYQSFQLFGFDFM
VDEELKVWLIEVNGAPACAQKLYAELCQGIVDVAISSVFPLADTGQKTSQPTSIFIKLHH
;
F
#
# COMPACT_ATOMS: atom_id res chain seq x y z
N MET A 1 -47.11 -28.39 -49.35
CA MET A 1 -46.73 -28.06 -47.96
C MET A 1 -45.51 -27.13 -47.91
N ARG A 2 -45.48 -26.25 -46.91
CA ARG A 2 -44.46 -25.22 -46.77
C ARG A 2 -43.69 -25.42 -45.46
N GLU A 3 -42.36 -25.52 -45.56
CA GLU A 3 -41.50 -25.81 -44.41
C GLU A 3 -41.20 -24.55 -43.60
N CYS A 4 -40.91 -24.77 -42.32
CA CYS A 4 -40.57 -23.73 -41.35
C CYS A 4 -39.25 -24.11 -40.69
N ILE A 5 -38.29 -23.18 -40.64
CA ILE A 5 -37.00 -23.45 -40.03
C ILE A 5 -36.92 -22.79 -38.66
N SER A 6 -36.52 -23.56 -37.66
CA SER A 6 -36.38 -23.08 -36.29
C SER A 6 -34.93 -22.75 -35.99
N ILE A 7 -34.68 -21.54 -35.50
CA ILE A 7 -33.34 -21.07 -35.16
C ILE A 7 -33.31 -20.77 -33.66
N HIS A 8 -32.50 -21.52 -32.92
CA HIS A 8 -32.37 -21.35 -31.48
C HIS A 8 -31.03 -20.71 -31.14
N VAL A 9 -31.05 -19.53 -30.53
CA VAL A 9 -29.85 -18.72 -30.33
C VAL A 9 -29.63 -18.44 -28.86
N GLY A 10 -28.40 -18.67 -28.40
CA GLY A 10 -28.04 -18.39 -27.03
C GLY A 10 -28.38 -19.56 -26.14
N GLN A 11 -28.09 -19.40 -24.85
CA GLN A 11 -28.47 -20.42 -23.89
C GLN A 11 -29.99 -20.55 -23.78
N ALA A 12 -30.67 -19.45 -23.48
CA ALA A 12 -32.14 -19.51 -23.39
C ALA A 12 -32.75 -20.11 -24.66
N GLY A 13 -32.27 -19.68 -25.84
CA GLY A 13 -32.80 -20.23 -27.09
C GLY A 13 -32.61 -21.73 -27.21
N VAL A 14 -31.39 -22.22 -26.94
CA VAL A 14 -31.06 -23.63 -27.17
C VAL A 14 -31.78 -24.52 -26.17
N GLN A 15 -31.75 -24.15 -24.89
CA GLN A 15 -32.39 -24.98 -23.89
C GLN A 15 -33.91 -25.03 -24.07
N ILE A 16 -34.52 -23.92 -24.50
CA ILE A 16 -35.95 -23.94 -24.83
C ILE A 16 -36.19 -24.74 -26.11
N GLY A 17 -35.31 -24.59 -27.13
CA GLY A 17 -35.40 -25.42 -28.33
C GLY A 17 -35.42 -26.91 -28.02
N ASN A 18 -34.51 -27.35 -27.15
CA ASN A 18 -34.53 -28.73 -26.67
C ASN A 18 -35.88 -29.08 -26.09
N ALA A 19 -36.37 -28.26 -25.16
CA ALA A 19 -37.66 -28.51 -24.56
C ALA A 19 -38.73 -28.71 -25.63
N CYS A 20 -38.80 -27.81 -26.61
CA CYS A 20 -39.82 -27.93 -27.66
C CYS A 20 -39.59 -29.16 -28.52
N TRP A 21 -38.39 -29.31 -29.08
CA TRP A 21 -38.19 -30.41 -30.00
C TRP A 21 -38.51 -31.73 -29.35
N GLU A 22 -38.18 -31.87 -28.07
CA GLU A 22 -38.55 -33.09 -27.37
C GLU A 22 -40.05 -33.23 -27.28
N LEU A 23 -40.76 -32.12 -27.04
CA LEU A 23 -42.23 -32.15 -26.98
C LEU A 23 -42.82 -32.51 -28.34
N TYR A 24 -42.46 -31.76 -29.39
CA TYR A 24 -42.80 -32.16 -30.75
C TYR A 24 -42.67 -33.68 -30.97
N CYS A 25 -41.48 -34.23 -30.71
CA CYS A 25 -41.27 -35.66 -30.93
C CYS A 25 -42.30 -36.49 -30.18
N LEU A 26 -42.61 -36.12 -28.94
CA LEU A 26 -43.63 -36.87 -28.20
C LEU A 26 -44.98 -36.77 -28.91
N GLU A 27 -45.35 -35.56 -29.34
CA GLU A 27 -46.68 -35.32 -29.90
C GLU A 27 -46.82 -35.99 -31.26
N HIS A 28 -45.76 -35.98 -32.07
CA HIS A 28 -45.76 -36.59 -33.41
C HIS A 28 -45.34 -38.06 -33.41
N GLY A 29 -45.05 -38.65 -32.25
CA GLY A 29 -44.70 -40.05 -32.18
C GLY A 29 -43.33 -40.40 -32.70
N ILE A 30 -42.54 -39.40 -33.11
CA ILE A 30 -41.12 -39.59 -33.45
C ILE A 30 -40.32 -39.99 -32.21
N GLN A 31 -39.31 -40.82 -32.41
CA GLN A 31 -38.49 -41.36 -31.33
C GLN A 31 -37.16 -40.61 -31.24
N PRO A 32 -36.39 -40.87 -30.17
CA PRO A 32 -35.09 -40.20 -30.02
C PRO A 32 -34.08 -40.43 -31.14
N ASP A 33 -34.30 -41.40 -32.03
CA ASP A 33 -33.42 -41.60 -33.17
C ASP A 33 -34.03 -41.10 -34.48
N GLY A 34 -35.20 -40.48 -34.42
CA GLY A 34 -35.82 -39.94 -35.59
C GLY A 34 -36.58 -40.93 -36.44
N GLN A 35 -36.85 -42.13 -35.92
CA GLN A 35 -37.72 -43.09 -36.59
C GLN A 35 -39.15 -42.83 -36.16
N MET A 36 -40.03 -42.60 -37.15
CA MET A 36 -41.45 -42.38 -36.91
C MET A 36 -42.27 -43.57 -37.38
N PRO A 37 -42.44 -44.63 -36.55
CA PRO A 37 -43.27 -45.78 -36.97
C PRO A 37 -44.50 -45.40 -37.78
N SER A 38 -45.27 -44.41 -37.29
CA SER A 38 -46.53 -44.07 -37.94
C SER A 38 -46.36 -43.48 -39.34
N ASP A 39 -45.20 -42.91 -39.68
CA ASP A 39 -45.02 -42.41 -41.06
C ASP A 39 -44.86 -43.60 -41.99
N LYS A 40 -45.71 -43.65 -43.00
CA LYS A 40 -45.64 -44.66 -44.03
C LYS A 40 -45.10 -44.14 -45.35
N THR A 41 -45.20 -42.83 -45.60
CA THR A 41 -44.44 -42.22 -46.69
C THR A 41 -42.98 -42.13 -46.24
N ILE A 42 -42.23 -43.22 -46.50
CA ILE A 42 -40.88 -43.39 -46.00
C ILE A 42 -39.90 -42.61 -46.86
N GLY A 43 -39.01 -41.85 -46.22
CA GLY A 43 -38.13 -40.99 -46.96
C GLY A 43 -38.81 -39.82 -47.64
N GLY A 44 -40.02 -39.46 -47.22
CA GLY A 44 -40.67 -38.30 -47.80
C GLY A 44 -42.12 -38.16 -47.40
N GLY A 45 -42.74 -37.14 -47.96
CA GLY A 45 -44.13 -36.80 -47.71
C GLY A 45 -44.25 -35.30 -47.70
N ASP A 46 -45.44 -34.80 -48.06
CA ASP A 46 -45.76 -33.41 -47.75
C ASP A 46 -46.93 -33.39 -46.77
N ASP A 47 -46.79 -34.19 -45.71
CA ASP A 47 -47.68 -34.16 -44.54
C ASP A 47 -47.51 -32.84 -43.77
N SER A 48 -48.29 -32.70 -42.71
CA SER A 48 -48.23 -31.43 -41.99
C SER A 48 -47.05 -31.39 -41.02
N PHE A 49 -46.71 -32.52 -40.41
CA PHE A 49 -45.49 -32.53 -39.61
C PHE A 49 -44.25 -32.28 -40.46
N ASN A 50 -44.30 -32.55 -41.75
CA ASN A 50 -43.13 -32.35 -42.61
C ASN A 50 -42.76 -30.88 -42.72
N THR A 51 -43.57 -29.98 -42.15
CA THR A 51 -43.18 -28.59 -42.09
C THR A 51 -42.08 -28.34 -41.07
N PHE A 52 -41.94 -29.24 -40.09
CA PHE A 52 -40.92 -29.11 -39.07
C PHE A 52 -39.87 -30.21 -39.15
N PHE A 53 -40.14 -31.25 -39.90
CA PHE A 53 -39.22 -32.37 -40.05
C PHE A 53 -39.02 -32.64 -41.53
N SER A 54 -37.80 -33.06 -41.87
CA SER A 54 -37.49 -33.75 -43.11
C SER A 54 -37.31 -35.24 -42.82
N GLU A 55 -37.48 -36.04 -43.86
CA GLU A 55 -37.31 -37.48 -43.74
C GLU A 55 -36.01 -37.88 -44.43
N THR A 56 -35.46 -39.02 -44.02
CA THR A 56 -34.23 -39.50 -44.62
C THR A 56 -34.51 -40.76 -45.43
N GLY A 57 -33.73 -40.95 -46.50
CA GLY A 57 -33.80 -42.17 -47.27
C GLY A 57 -33.89 -43.38 -46.36
N ALA A 58 -33.24 -43.31 -45.21
CA ALA A 58 -33.37 -44.32 -44.17
C ALA A 58 -34.52 -44.01 -43.22
N GLY A 59 -35.44 -43.15 -43.64
CA GLY A 59 -36.67 -42.92 -42.90
C GLY A 59 -36.50 -42.27 -41.55
N LYS A 60 -35.46 -41.47 -41.37
CA LYS A 60 -35.33 -40.70 -40.14
C LYS A 60 -35.99 -39.34 -40.29
N HIS A 61 -36.53 -38.86 -39.18
CA HIS A 61 -37.25 -37.58 -39.15
C HIS A 61 -36.40 -36.59 -38.38
N VAL A 62 -36.02 -35.50 -39.06
CA VAL A 62 -34.90 -34.66 -38.64
C VAL A 62 -35.41 -33.24 -38.46
N PRO A 63 -35.25 -32.65 -37.29
CA PRO A 63 -35.69 -31.26 -37.08
C PRO A 63 -35.15 -30.31 -38.14
N ARG A 64 -36.04 -29.47 -38.68
CA ARG A 64 -35.62 -28.31 -39.49
C ARG A 64 -35.12 -27.21 -38.56
N ALA A 65 -34.18 -27.62 -37.72
CA ALA A 65 -33.68 -26.82 -36.62
C ALA A 65 -32.20 -26.49 -36.84
N VAL A 66 -31.83 -25.28 -36.43
CA VAL A 66 -30.44 -24.84 -36.30
C VAL A 66 -30.25 -24.29 -34.89
N PHE A 67 -29.31 -24.86 -34.14
CA PHE A 67 -28.92 -24.32 -32.85
C PHE A 67 -27.62 -23.56 -33.02
N VAL A 68 -27.49 -22.43 -32.33
CA VAL A 68 -26.27 -21.64 -32.45
C VAL A 68 -25.98 -20.92 -31.15
N ASP A 69 -24.85 -21.24 -30.52
CA ASP A 69 -24.42 -20.57 -29.32
C ASP A 69 -22.99 -20.12 -29.50
N LEU A 70 -22.70 -18.89 -29.09
CA LEU A 70 -21.32 -18.43 -29.11
C LEU A 70 -20.40 -19.25 -28.20
N GLU A 71 -20.93 -20.27 -27.51
CA GLU A 71 -20.14 -20.97 -26.53
C GLU A 71 -20.57 -22.43 -26.49
N PRO A 72 -19.62 -23.36 -26.32
CA PRO A 72 -19.94 -24.78 -26.57
C PRO A 72 -20.69 -25.50 -25.46
N THR A 73 -20.87 -24.91 -24.29
CA THR A 73 -21.29 -25.72 -23.15
C THR A 73 -22.73 -26.23 -23.32
N VAL A 74 -23.64 -25.39 -23.81
CA VAL A 74 -25.05 -25.75 -23.81
C VAL A 74 -25.38 -26.65 -24.99
N ILE A 75 -24.95 -26.26 -26.19
CA ILE A 75 -25.17 -27.07 -27.36
C ILE A 75 -24.43 -28.40 -27.28
N ASP A 76 -23.37 -28.48 -26.47
CA ASP A 76 -22.69 -29.75 -26.25
C ASP A 76 -23.61 -30.74 -25.56
N GLU A 77 -24.38 -30.28 -24.58
CA GLU A 77 -25.32 -31.18 -23.92
C GLU A 77 -26.36 -31.70 -24.90
N VAL A 78 -26.72 -30.90 -25.92
CA VAL A 78 -27.50 -31.43 -27.04
C VAL A 78 -26.70 -32.51 -27.78
N ARG A 79 -25.44 -32.22 -28.11
CA ARG A 79 -24.63 -33.17 -28.85
C ARG A 79 -24.48 -34.53 -28.16
N THR A 80 -24.82 -34.60 -26.86
CA THR A 80 -24.60 -35.81 -26.08
C THR A 80 -25.85 -36.25 -25.34
N GLY A 81 -27.01 -35.72 -25.71
CA GLY A 81 -28.25 -35.95 -25.00
C GLY A 81 -29.10 -37.06 -25.61
N THR A 82 -30.22 -37.33 -24.94
CA THR A 82 -31.12 -38.39 -25.39
C THR A 82 -31.49 -38.23 -26.86
N TYR A 83 -31.50 -37.00 -27.37
CA TYR A 83 -31.88 -36.73 -28.75
C TYR A 83 -30.67 -36.37 -29.59
N ARG A 84 -29.50 -36.94 -29.24
CA ARG A 84 -28.30 -36.68 -30.03
C ARG A 84 -28.47 -37.14 -31.46
N GLN A 85 -29.14 -38.27 -31.68
CA GLN A 85 -29.26 -38.78 -33.05
C GLN A 85 -30.25 -37.97 -33.87
N LEU A 86 -31.16 -37.26 -33.21
CA LEU A 86 -32.19 -36.50 -33.89
C LEU A 86 -31.60 -35.45 -34.84
N PHE A 87 -30.66 -34.67 -34.33
CA PHE A 87 -30.11 -33.56 -35.08
C PHE A 87 -28.90 -33.98 -35.88
N HIS A 88 -28.55 -33.16 -36.86
CA HIS A 88 -27.40 -33.44 -37.69
C HIS A 88 -26.26 -32.50 -37.30
N PRO A 89 -25.09 -33.05 -36.98
CA PRO A 89 -23.97 -32.21 -36.50
C PRO A 89 -23.89 -30.79 -37.04
N GLU A 90 -24.04 -30.56 -38.36
CA GLU A 90 -23.87 -29.18 -38.84
C GLU A 90 -25.03 -28.28 -38.49
N GLN A 91 -26.07 -28.78 -37.83
CA GLN A 91 -27.15 -27.91 -37.36
C GLN A 91 -26.89 -27.41 -35.95
N LEU A 92 -25.91 -27.99 -35.25
CA LEU A 92 -25.47 -27.60 -33.91
C LEU A 92 -24.18 -26.82 -34.03
N ILE A 93 -24.29 -25.50 -34.22
CA ILE A 93 -23.15 -24.59 -34.41
C ILE A 93 -22.74 -23.94 -33.09
N THR A 94 -21.47 -24.07 -32.70
CA THR A 94 -20.99 -23.49 -31.46
C THR A 94 -19.72 -22.69 -31.70
N GLY A 95 -19.58 -21.59 -30.96
CA GLY A 95 -18.34 -20.84 -30.90
C GLY A 95 -17.42 -21.35 -29.81
N LYS A 96 -16.53 -20.49 -29.36
CA LYS A 96 -15.59 -20.82 -28.30
C LYS A 96 -15.66 -19.87 -27.12
N GLU A 97 -15.76 -18.57 -27.39
CA GLU A 97 -15.83 -17.51 -26.41
C GLU A 97 -17.20 -16.85 -26.54
N ASP A 98 -17.95 -16.74 -25.42
CA ASP A 98 -19.31 -16.22 -25.50
C ASP A 98 -19.33 -14.70 -25.41
N ALA A 99 -20.53 -14.11 -25.42
CA ALA A 99 -20.66 -12.66 -25.52
C ALA A 99 -20.56 -11.96 -24.17
N ALA A 100 -20.30 -12.69 -23.08
CA ALA A 100 -20.18 -12.09 -21.75
C ALA A 100 -21.30 -11.09 -21.46
N ASN A 101 -22.55 -11.50 -21.71
CA ASN A 101 -23.73 -10.68 -21.43
C ASN A 101 -23.64 -9.29 -22.04
N ASN A 102 -22.95 -9.18 -23.16
CA ASN A 102 -22.61 -7.91 -23.78
C ASN A 102 -23.27 -7.90 -25.15
N TYR A 103 -24.35 -7.15 -25.30
CA TYR A 103 -24.97 -7.02 -26.61
C TYR A 103 -23.94 -6.75 -27.71
N ALA A 104 -23.07 -5.74 -27.51
CA ALA A 104 -22.07 -5.34 -28.50
C ALA A 104 -21.07 -6.44 -28.79
N ARG A 105 -20.71 -7.25 -27.79
CA ARG A 105 -19.76 -8.33 -28.05
C ARG A 105 -20.38 -9.42 -28.92
N GLY A 106 -21.65 -9.75 -28.69
CA GLY A 106 -22.30 -10.74 -29.54
C GLY A 106 -22.66 -10.23 -30.91
N HIS A 107 -22.96 -8.94 -31.04
CA HIS A 107 -23.37 -8.39 -32.32
C HIS A 107 -22.18 -8.05 -33.20
N TYR A 108 -21.31 -7.16 -32.70
CA TYR A 108 -20.17 -6.64 -33.45
C TYR A 108 -18.95 -7.53 -33.34
N THR A 109 -18.39 -7.67 -32.14
CA THR A 109 -17.08 -8.33 -32.09
C THR A 109 -17.19 -9.79 -32.50
N ILE A 110 -17.82 -10.63 -31.66
CA ILE A 110 -17.92 -12.06 -31.98
C ILE A 110 -19.00 -12.37 -33.03
N GLY A 111 -19.96 -11.47 -33.26
CA GLY A 111 -20.99 -11.74 -34.24
C GLY A 111 -20.44 -11.79 -35.64
N LYS A 112 -19.52 -10.88 -35.97
CA LYS A 112 -19.02 -10.75 -37.33
C LYS A 112 -18.25 -12.00 -37.79
N GLU A 113 -17.69 -12.79 -36.89
CA GLU A 113 -16.87 -13.91 -37.28
C GLU A 113 -17.65 -15.19 -37.41
N ILE A 114 -18.95 -15.15 -37.20
CA ILE A 114 -19.70 -16.40 -37.27
C ILE A 114 -20.99 -16.15 -38.07
N ILE A 115 -21.33 -14.88 -38.31
CA ILE A 115 -22.57 -14.60 -39.03
C ILE A 115 -22.58 -15.28 -40.39
N ASP A 116 -21.41 -15.44 -41.03
CA ASP A 116 -21.38 -16.10 -42.32
C ASP A 116 -21.51 -17.62 -42.20
N LEU A 117 -20.76 -18.22 -41.29
CA LEU A 117 -20.88 -19.67 -41.11
C LEU A 117 -22.32 -20.06 -40.80
N VAL A 118 -23.03 -19.21 -40.03
CA VAL A 118 -24.39 -19.54 -39.60
C VAL A 118 -25.37 -19.42 -40.76
N LEU A 119 -25.39 -18.25 -41.44
CA LEU A 119 -26.25 -18.11 -42.61
C LEU A 119 -25.97 -19.17 -43.68
N ASP A 120 -24.83 -19.87 -43.60
CA ASP A 120 -24.58 -20.94 -44.56
C ASP A 120 -25.22 -22.24 -44.14
N ARG A 121 -25.07 -22.65 -42.88
CA ARG A 121 -25.80 -23.84 -42.44
C ARG A 121 -27.31 -23.62 -42.48
N ILE A 122 -27.73 -22.37 -42.34
CA ILE A 122 -29.15 -22.04 -42.51
C ILE A 122 -29.58 -22.27 -43.96
N ARG A 123 -28.82 -21.73 -44.92
CA ARG A 123 -29.18 -21.93 -46.33
C ARG A 123 -29.05 -23.41 -46.73
N LYS A 124 -28.20 -24.17 -46.07
CA LYS A 124 -28.15 -25.60 -46.36
C LYS A 124 -29.49 -26.26 -46.07
N LEU A 125 -30.23 -25.71 -45.09
CA LEU A 125 -31.56 -26.22 -44.76
C LEU A 125 -32.62 -25.64 -45.70
N ALA A 126 -32.55 -24.34 -45.99
CA ALA A 126 -33.47 -23.73 -46.93
C ALA A 126 -33.45 -24.44 -48.29
N ASP A 127 -32.37 -25.13 -48.63
CA ASP A 127 -32.26 -25.80 -49.92
C ASP A 127 -32.95 -27.16 -49.97
N GLN A 128 -33.28 -27.76 -48.81
CA GLN A 128 -34.11 -28.96 -48.79
C GLN A 128 -35.59 -28.62 -48.65
N CYS A 129 -35.96 -27.37 -48.92
CA CYS A 129 -37.31 -26.88 -48.73
C CYS A 129 -37.91 -26.47 -50.06
N THR A 130 -39.07 -27.04 -50.38
CA THR A 130 -39.76 -26.77 -51.62
C THR A 130 -40.44 -25.42 -51.61
N GLY A 131 -41.03 -25.02 -50.47
CA GLY A 131 -41.69 -23.73 -50.38
C GLY A 131 -41.59 -23.09 -49.00
N LEU A 132 -40.37 -22.73 -48.60
CA LEU A 132 -40.07 -22.17 -47.29
C LEU A 132 -40.99 -21.01 -46.91
N GLN A 133 -41.64 -21.15 -45.75
CA GLN A 133 -42.46 -20.12 -45.13
C GLN A 133 -41.61 -19.05 -44.46
N GLY A 134 -40.60 -19.47 -43.70
CA GLY A 134 -39.84 -18.55 -42.88
C GLY A 134 -39.36 -19.21 -41.61
N PHE A 135 -39.03 -18.35 -40.65
CA PHE A 135 -38.21 -18.73 -39.50
C PHE A 135 -38.89 -18.44 -38.18
N LEU A 136 -38.69 -19.36 -37.23
CA LEU A 136 -39.06 -19.19 -35.84
C LEU A 136 -37.76 -19.07 -35.06
N VAL A 137 -37.54 -17.90 -34.44
CA VAL A 137 -36.27 -17.53 -33.82
C VAL A 137 -36.45 -17.44 -32.31
N PHE A 138 -35.74 -18.30 -31.57
CA PHE A 138 -35.84 -18.48 -30.12
C PHE A 138 -34.59 -17.91 -29.43
N HIS A 139 -34.76 -16.95 -28.52
CA HIS A 139 -33.63 -16.24 -27.96
C HIS A 139 -34.05 -15.50 -26.69
N SER A 140 -33.08 -15.24 -25.81
CA SER A 140 -33.29 -14.34 -24.68
C SER A 140 -33.05 -12.88 -25.09
N PHE A 141 -33.83 -11.96 -24.51
CA PHE A 141 -33.48 -10.55 -24.57
C PHE A 141 -32.17 -10.27 -23.81
N GLY A 142 -31.87 -11.04 -22.76
CA GLY A 142 -30.85 -10.67 -21.79
C GLY A 142 -29.44 -11.07 -22.15
N GLY A 143 -29.23 -12.31 -22.57
CA GLY A 143 -27.88 -12.74 -22.87
C GLY A 143 -27.25 -11.88 -23.95
N GLY A 144 -25.92 -11.78 -23.92
CA GLY A 144 -25.24 -11.07 -24.99
C GLY A 144 -25.39 -11.77 -26.33
N THR A 145 -25.24 -13.11 -26.35
CA THR A 145 -25.54 -13.90 -27.53
C THR A 145 -27.02 -13.84 -27.87
N GLY A 146 -27.88 -14.08 -26.90
CA GLY A 146 -29.31 -13.99 -27.13
C GLY A 146 -29.74 -12.67 -27.74
N SER A 147 -29.24 -11.56 -27.24
CA SER A 147 -29.72 -10.28 -27.76
C SER A 147 -28.98 -9.81 -28.99
N GLY A 148 -27.66 -9.96 -29.01
CA GLY A 148 -26.80 -9.26 -29.94
C GLY A 148 -26.54 -10.06 -31.18
N PHE A 149 -26.29 -11.36 -31.04
CA PHE A 149 -26.13 -12.14 -32.25
C PHE A 149 -27.47 -12.27 -32.99
N THR A 150 -28.55 -12.43 -32.24
CA THR A 150 -29.89 -12.56 -32.82
C THR A 150 -30.24 -11.36 -33.70
N SER A 151 -29.96 -10.14 -33.24
CA SER A 151 -30.30 -9.02 -34.12
C SER A 151 -29.37 -8.93 -35.33
N LEU A 152 -28.13 -9.43 -35.24
CA LEU A 152 -27.32 -9.47 -36.44
C LEU A 152 -27.83 -10.53 -37.40
N LEU A 153 -28.23 -11.69 -36.86
CA LEU A 153 -28.84 -12.73 -37.68
C LEU A 153 -30.15 -12.24 -38.31
N MET A 154 -31.04 -11.66 -37.49
CA MET A 154 -32.30 -11.12 -37.99
C MET A 154 -32.07 -10.16 -39.16
N GLU A 155 -31.02 -9.33 -39.10
CA GLU A 155 -30.80 -8.35 -40.17
C GLU A 155 -30.44 -9.02 -41.48
N ARG A 156 -29.56 -10.03 -41.45
CA ARG A 156 -29.19 -10.71 -42.67
C ARG A 156 -30.35 -11.53 -43.23
N LEU A 157 -31.12 -12.18 -42.36
CA LEU A 157 -32.26 -12.96 -42.85
C LEU A 157 -33.21 -12.08 -43.67
N SER A 158 -33.56 -10.90 -43.15
CA SER A 158 -34.32 -9.94 -43.93
C SER A 158 -33.69 -9.68 -45.29
N VAL A 159 -32.39 -9.88 -45.42
CA VAL A 159 -31.70 -9.60 -46.67
C VAL A 159 -31.73 -10.80 -47.60
N ASP A 160 -31.34 -11.98 -47.11
CA ASP A 160 -31.28 -13.17 -47.95
C ASP A 160 -32.65 -13.81 -48.21
N TYR A 161 -33.68 -13.45 -47.46
CA TYR A 161 -35.00 -14.06 -47.58
C TYR A 161 -36.09 -13.02 -47.45
N GLY A 162 -35.92 -11.88 -48.10
CA GLY A 162 -36.86 -10.77 -47.94
C GLY A 162 -38.32 -11.15 -48.01
N LYS A 163 -38.63 -12.29 -48.64
CA LYS A 163 -40.02 -12.70 -48.86
C LYS A 163 -40.56 -13.69 -47.82
N LYS A 164 -39.71 -14.19 -46.93
CA LYS A 164 -40.10 -15.17 -45.92
C LYS A 164 -40.37 -14.48 -44.59
N SER A 165 -41.29 -15.07 -43.82
CA SER A 165 -41.72 -14.50 -42.54
C SER A 165 -40.75 -14.89 -41.41
N LYS A 166 -40.67 -14.01 -40.41
CA LYS A 166 -39.82 -14.27 -39.25
C LYS A 166 -40.64 -14.04 -37.97
N LEU A 167 -40.80 -15.10 -37.18
CA LEU A 167 -41.46 -15.03 -35.88
C LEU A 167 -40.46 -15.25 -34.75
N GLU A 168 -40.71 -14.57 -33.62
CA GLU A 168 -39.84 -14.59 -32.46
C GLU A 168 -40.53 -15.24 -31.25
N PHE A 169 -39.75 -16.02 -30.50
CA PHE A 169 -40.09 -16.40 -29.12
C PHE A 169 -38.98 -15.85 -28.24
N SER A 170 -39.26 -14.80 -27.48
CA SER A 170 -38.26 -14.03 -26.76
C SER A 170 -38.49 -14.15 -25.27
N ILE A 171 -37.47 -14.64 -24.55
CA ILE A 171 -37.46 -14.64 -23.08
C ILE A 171 -37.13 -13.24 -22.59
N TYR A 172 -38.09 -12.58 -21.95
CA TYR A 172 -37.95 -11.24 -21.40
C TYR A 172 -37.34 -11.31 -19.98
N PRO A 173 -36.47 -10.39 -19.60
CA PRO A 173 -35.53 -10.65 -18.49
C PRO A 173 -36.20 -10.48 -17.13
N ALA A 174 -36.02 -11.49 -16.26
CA ALA A 174 -36.55 -11.43 -14.91
C ALA A 174 -35.43 -11.53 -13.89
N PRO A 175 -35.35 -10.60 -12.94
CA PRO A 175 -34.26 -10.65 -11.95
C PRO A 175 -34.12 -11.93 -11.15
N GLN A 176 -35.22 -12.62 -10.80
CA GLN A 176 -35.11 -13.81 -9.96
C GLN A 176 -34.20 -14.86 -10.59
N VAL A 177 -34.44 -15.21 -11.85
CA VAL A 177 -33.62 -16.23 -12.50
C VAL A 177 -32.50 -15.61 -13.33
N SER A 178 -32.31 -14.29 -13.25
CA SER A 178 -31.36 -13.59 -14.09
C SER A 178 -29.95 -13.67 -13.59
N THR A 179 -29.00 -13.72 -14.52
CA THR A 179 -27.60 -13.86 -14.18
C THR A 179 -26.83 -12.55 -14.34
N ALA A 180 -27.44 -11.50 -14.89
CA ALA A 180 -26.66 -10.35 -15.32
C ALA A 180 -27.41 -9.08 -15.00
N VAL A 181 -26.65 -8.02 -14.67
CA VAL A 181 -27.30 -6.75 -14.37
C VAL A 181 -27.50 -5.88 -15.61
N VAL A 182 -26.96 -6.27 -16.75
CA VAL A 182 -27.02 -5.41 -17.92
C VAL A 182 -28.14 -5.81 -18.87
N GLU A 183 -28.97 -6.79 -18.47
CA GLU A 183 -30.04 -7.28 -19.34
C GLU A 183 -30.92 -6.17 -19.90
N PRO A 184 -31.23 -5.10 -19.18
CA PRO A 184 -32.04 -4.04 -19.79
C PRO A 184 -31.32 -3.32 -20.93
N TYR A 185 -30.00 -3.14 -20.86
CA TYR A 185 -29.29 -2.61 -22.00
C TYR A 185 -29.48 -3.51 -23.22
N ASN A 186 -29.19 -4.81 -23.05
CA ASN A 186 -29.28 -5.77 -24.14
C ASN A 186 -30.70 -5.88 -24.69
N SER A 187 -31.71 -5.77 -23.83
CA SER A 187 -33.10 -5.88 -24.28
C SER A 187 -33.46 -4.74 -25.22
N ILE A 188 -33.36 -3.49 -24.77
CA ILE A 188 -33.65 -2.33 -25.62
C ILE A 188 -32.83 -2.37 -26.91
N LEU A 189 -31.52 -2.65 -26.78
CA LEU A 189 -30.67 -2.63 -27.97
C LEU A 189 -31.18 -3.61 -29.01
N THR A 190 -31.51 -4.83 -28.59
CA THR A 190 -31.88 -5.84 -29.56
C THR A 190 -33.30 -5.66 -30.06
N THR A 191 -34.18 -5.10 -29.24
CA THR A 191 -35.53 -4.84 -29.74
C THR A 191 -35.48 -3.80 -30.84
N HIS A 192 -34.74 -2.71 -30.60
CA HIS A 192 -34.63 -1.63 -31.58
C HIS A 192 -34.07 -2.13 -32.93
N THR A 193 -33.02 -2.94 -32.90
CA THR A 193 -32.41 -3.40 -34.13
C THR A 193 -33.15 -4.57 -34.76
N THR A 194 -34.05 -5.25 -34.03
CA THR A 194 -34.83 -6.36 -34.59
C THR A 194 -36.25 -5.95 -34.95
N LEU A 195 -36.73 -4.80 -34.48
CA LEU A 195 -38.15 -4.48 -34.58
C LEU A 195 -38.68 -4.68 -35.99
N GLU A 196 -38.13 -3.96 -36.96
CA GLU A 196 -38.62 -4.04 -38.34
C GLU A 196 -38.23 -5.33 -39.07
N HIS A 197 -37.61 -6.30 -38.41
CA HIS A 197 -37.25 -7.55 -39.05
C HIS A 197 -38.09 -8.71 -38.56
N SER A 198 -38.86 -8.51 -37.50
CA SER A 198 -39.68 -9.54 -36.90
C SER A 198 -41.14 -9.31 -37.25
N ASP A 199 -41.79 -10.34 -37.77
CA ASP A 199 -43.18 -10.15 -38.14
C ASP A 199 -44.14 -10.30 -36.96
N CYS A 200 -43.77 -11.16 -36.00
CA CYS A 200 -44.60 -11.42 -34.83
C CYS A 200 -43.69 -11.96 -33.74
N ALA A 201 -43.82 -11.44 -32.53
CA ALA A 201 -42.96 -11.92 -31.46
C ALA A 201 -43.81 -12.21 -30.23
N PHE A 202 -43.62 -13.39 -29.65
CA PHE A 202 -44.28 -13.76 -28.40
C PHE A 202 -43.28 -13.63 -27.25
N MET A 203 -43.54 -12.68 -26.33
CA MET A 203 -42.67 -12.48 -25.19
C MET A 203 -43.07 -13.42 -24.06
N VAL A 204 -42.08 -13.94 -23.35
CA VAL A 204 -42.32 -14.76 -22.18
C VAL A 204 -41.46 -14.17 -21.07
N ASP A 205 -42.06 -13.37 -20.22
CA ASP A 205 -41.35 -12.81 -19.06
C ASP A 205 -41.08 -13.93 -18.05
N ASN A 206 -39.79 -14.25 -17.84
CA ASN A 206 -39.41 -15.31 -16.89
C ASN A 206 -40.06 -15.11 -15.52
N GLU A 207 -40.37 -13.88 -15.14
CA GLU A 207 -41.09 -13.66 -13.89
C GLU A 207 -42.41 -14.41 -13.90
N ALA A 208 -43.17 -14.31 -15.01
CA ALA A 208 -44.50 -14.92 -15.05
C ALA A 208 -44.41 -16.44 -15.01
N ILE A 209 -43.53 -17.02 -15.84
CA ILE A 209 -43.37 -18.46 -15.87
C ILE A 209 -42.94 -18.98 -14.50
N TYR A 210 -42.07 -18.23 -13.82
CA TYR A 210 -41.55 -18.67 -12.53
C TYR A 210 -42.65 -18.75 -11.50
N ASP A 211 -43.54 -17.75 -11.48
CA ASP A 211 -44.56 -17.77 -10.45
C ASP A 211 -45.69 -18.73 -10.78
N ILE A 212 -45.98 -18.96 -12.08
CA ILE A 212 -46.88 -20.06 -12.43
C ILE A 212 -46.29 -21.37 -11.93
N CYS A 213 -44.97 -21.53 -12.04
CA CYS A 213 -44.35 -22.77 -11.60
C CYS A 213 -44.41 -22.94 -10.07
N ARG A 214 -44.36 -21.83 -9.31
CA ARG A 214 -44.42 -21.94 -7.86
C ARG A 214 -45.86 -22.19 -7.39
N ARG A 215 -46.77 -21.28 -7.75
CA ARG A 215 -48.20 -21.37 -7.46
C ARG A 215 -48.82 -22.69 -7.94
N ASN A 216 -48.91 -22.86 -9.25
CA ASN A 216 -49.76 -23.92 -9.80
C ASN A 216 -49.05 -25.26 -9.90
N LEU A 217 -47.73 -25.30 -9.65
CA LEU A 217 -47.00 -26.56 -9.65
C LEU A 217 -46.41 -26.92 -8.31
N ASP A 218 -46.47 -26.03 -7.33
CA ASP A 218 -45.87 -26.28 -6.02
C ASP A 218 -44.39 -26.61 -6.15
N ILE A 219 -43.70 -25.90 -7.02
CA ILE A 219 -42.25 -25.99 -7.15
C ILE A 219 -41.66 -24.81 -6.39
N GLU A 220 -40.85 -25.12 -5.37
CA GLU A 220 -40.30 -24.13 -4.46
C GLU A 220 -39.42 -23.12 -5.19
N ARG A 221 -38.29 -23.57 -5.71
CA ARG A 221 -37.42 -22.72 -6.53
C ARG A 221 -37.37 -23.33 -7.93
N PRO A 222 -38.26 -22.90 -8.82
CA PRO A 222 -38.23 -23.38 -10.23
C PRO A 222 -36.85 -23.32 -10.88
N THR A 223 -36.48 -24.42 -11.54
CA THR A 223 -35.28 -24.50 -12.35
C THR A 223 -35.57 -24.14 -13.82
N TYR A 224 -34.52 -24.05 -14.63
CA TYR A 224 -34.76 -23.79 -16.05
C TYR A 224 -35.53 -24.93 -16.69
N THR A 225 -35.33 -26.16 -16.22
CA THR A 225 -36.05 -27.27 -16.82
C THR A 225 -37.53 -27.24 -16.43
N ASN A 226 -37.85 -26.74 -15.23
CA ASN A 226 -39.25 -26.49 -14.90
C ASN A 226 -39.83 -25.45 -15.85
N LEU A 227 -39.15 -24.31 -15.99
CA LEU A 227 -39.65 -23.23 -16.83
C LEU A 227 -39.64 -23.59 -18.30
N ASN A 228 -38.72 -24.46 -18.70
CA ASN A 228 -38.64 -24.69 -20.12
C ASN A 228 -39.67 -25.71 -20.58
N ARG A 229 -39.97 -26.72 -19.75
CA ARG A 229 -41.04 -27.64 -20.11
C ARG A 229 -42.38 -26.93 -20.15
N LEU A 230 -42.65 -26.08 -19.15
CA LEU A 230 -43.86 -25.27 -19.22
C LEU A 230 -43.84 -24.32 -20.42
N ILE A 231 -42.68 -23.71 -20.73
CA ILE A 231 -42.64 -22.80 -21.89
C ILE A 231 -42.78 -23.56 -23.20
N SER A 232 -42.31 -24.81 -23.29
CA SER A 232 -42.50 -25.44 -24.59
C SER A 232 -43.95 -25.88 -24.77
N GLN A 233 -44.65 -26.20 -23.68
CA GLN A 233 -46.10 -26.38 -23.78
C GLN A 233 -46.74 -25.20 -24.51
N ILE A 234 -46.48 -23.98 -24.01
CA ILE A 234 -47.08 -22.84 -24.68
C ILE A 234 -46.62 -22.79 -26.13
N VAL A 235 -45.33 -23.01 -26.38
CA VAL A 235 -44.82 -22.92 -27.75
C VAL A 235 -45.53 -23.92 -28.65
N SER A 236 -45.60 -25.18 -28.20
CA SER A 236 -46.36 -26.18 -28.91
C SER A 236 -47.76 -25.69 -29.25
N SER A 237 -48.50 -25.17 -28.25
CA SER A 237 -49.84 -24.65 -28.51
C SER A 237 -49.85 -23.67 -29.67
N ILE A 238 -48.83 -22.80 -29.76
CA ILE A 238 -48.81 -21.76 -30.78
C ILE A 238 -48.37 -22.28 -32.14
N THR A 239 -47.67 -23.41 -32.19
CA THR A 239 -47.20 -23.94 -33.45
C THR A 239 -48.04 -25.11 -33.96
N ALA A 240 -48.82 -25.77 -33.09
CA ALA A 240 -49.63 -26.91 -33.51
C ALA A 240 -50.29 -26.69 -34.86
N SER A 241 -50.82 -25.49 -35.11
CA SER A 241 -51.50 -25.23 -36.38
C SER A 241 -50.59 -25.31 -37.58
N LEU A 242 -49.28 -25.21 -37.39
CA LEU A 242 -48.36 -25.42 -38.49
C LEU A 242 -48.02 -26.88 -38.67
N ARG A 243 -48.15 -27.69 -37.62
CA ARG A 243 -47.73 -29.08 -37.63
C ARG A 243 -48.90 -30.06 -37.66
N PHE A 244 -50.14 -29.58 -37.72
CA PHE A 244 -51.31 -30.44 -37.65
C PHE A 244 -52.35 -30.00 -38.69
N ASP A 245 -53.23 -30.94 -39.04
CA ASP A 245 -54.38 -30.61 -39.86
C ASP A 245 -55.17 -29.51 -39.18
N GLY A 246 -55.50 -28.48 -39.94
CA GLY A 246 -56.33 -27.41 -39.42
C GLY A 246 -56.53 -26.37 -40.48
N ALA A 247 -57.31 -25.35 -40.09
CA ALA A 247 -57.71 -24.28 -41.00
C ALA A 247 -57.45 -22.91 -40.40
N LEU A 248 -56.86 -22.86 -39.20
CA LEU A 248 -56.52 -21.61 -38.54
C LEU A 248 -55.03 -21.56 -38.27
N ASN A 249 -54.43 -20.41 -38.57
CA ASN A 249 -52.98 -20.21 -38.48
C ASN A 249 -52.25 -21.37 -39.15
N VAL A 250 -52.63 -21.67 -40.40
CA VAL A 250 -51.96 -22.77 -41.08
C VAL A 250 -50.57 -22.40 -41.58
N ASP A 251 -50.28 -21.12 -41.82
CA ASP A 251 -48.95 -20.66 -42.20
C ASP A 251 -48.56 -19.43 -41.38
N LEU A 252 -47.24 -19.21 -41.27
CA LEU A 252 -46.71 -18.08 -40.50
C LEU A 252 -47.23 -16.71 -40.97
N THR A 253 -47.82 -16.62 -42.16
CA THR A 253 -48.33 -15.32 -42.56
C THR A 253 -49.65 -15.03 -41.86
N GLU A 254 -50.41 -16.07 -41.52
CA GLU A 254 -51.68 -15.86 -40.83
C GLU A 254 -51.47 -15.25 -39.46
N PHE A 255 -50.36 -15.61 -38.78
CA PHE A 255 -50.07 -15.05 -37.46
C PHE A 255 -50.03 -13.52 -37.51
N GLN A 256 -49.43 -12.96 -38.57
CA GLN A 256 -49.38 -11.51 -38.71
C GLN A 256 -50.74 -10.96 -39.12
N THR A 257 -51.46 -11.71 -39.95
CA THR A 257 -52.79 -11.33 -40.39
C THR A 257 -53.79 -11.38 -39.25
N ASN A 258 -53.75 -12.45 -38.45
CA ASN A 258 -54.75 -12.65 -37.41
C ASN A 258 -54.46 -11.85 -36.15
N LEU A 259 -53.17 -11.62 -35.83
CA LEU A 259 -52.79 -11.00 -34.56
C LEU A 259 -52.07 -9.67 -34.67
N VAL A 260 -51.69 -9.22 -35.87
CA VAL A 260 -50.87 -8.01 -35.97
C VAL A 260 -51.42 -7.04 -37.00
N PRO A 261 -52.44 -6.22 -36.67
CA PRO A 261 -52.95 -5.28 -37.66
C PRO A 261 -51.97 -4.14 -37.95
N TYR A 262 -51.45 -3.48 -36.91
CA TYR A 262 -50.36 -2.53 -37.09
C TYR A 262 -49.03 -3.26 -36.92
N PRO A 263 -48.04 -3.02 -37.79
CA PRO A 263 -46.85 -3.88 -37.83
C PRO A 263 -45.87 -3.73 -36.69
N ARG A 264 -45.67 -2.51 -36.15
CA ARG A 264 -44.77 -2.35 -35.00
C ARG A 264 -45.32 -3.05 -33.78
N ILE A 265 -46.62 -2.85 -33.53
CA ILE A 265 -47.24 -3.38 -32.34
C ILE A 265 -47.50 -4.86 -32.53
N HIS A 266 -46.44 -5.66 -32.63
CA HIS A 266 -46.57 -7.07 -32.98
C HIS A 266 -46.10 -8.01 -31.86
N PHE A 267 -46.53 -7.72 -30.62
CA PHE A 267 -46.16 -8.47 -29.43
C PHE A 267 -47.41 -9.04 -28.77
N PRO A 268 -47.97 -10.13 -29.32
CA PRO A 268 -49.20 -10.71 -28.78
C PRO A 268 -48.97 -11.35 -27.42
N LEU A 269 -49.84 -11.01 -26.46
CA LEU A 269 -49.84 -11.64 -25.14
C LEU A 269 -50.37 -13.07 -25.21
N ALA A 270 -49.68 -13.99 -24.54
CA ALA A 270 -50.10 -15.39 -24.46
C ALA A 270 -50.61 -15.67 -23.06
N THR A 271 -51.77 -16.31 -22.96
CA THR A 271 -52.28 -16.78 -21.69
C THR A 271 -52.55 -18.27 -21.85
N TYR A 272 -52.26 -19.05 -20.82
CA TYR A 272 -52.37 -20.50 -20.90
C TYR A 272 -53.01 -21.07 -19.63
N ALA A 273 -54.07 -21.85 -19.82
CA ALA A 273 -54.67 -22.65 -18.74
C ALA A 273 -55.09 -24.00 -19.30
N PRO A 274 -55.06 -25.04 -18.46
CA PRO A 274 -54.75 -25.01 -17.05
C PRO A 274 -53.37 -25.62 -16.77
N VAL A 275 -52.65 -25.09 -15.79
CA VAL A 275 -51.36 -25.64 -15.39
C VAL A 275 -51.58 -26.35 -14.06
N ILE A 276 -51.52 -27.68 -14.11
CA ILE A 276 -51.94 -28.56 -13.02
C ILE A 276 -50.79 -29.48 -12.64
N SER A 277 -50.48 -29.55 -11.35
CA SER A 277 -49.33 -30.31 -10.87
C SER A 277 -49.53 -31.81 -11.02
N ALA A 278 -48.48 -32.50 -11.47
CA ALA A 278 -48.53 -33.96 -11.57
C ALA A 278 -48.46 -34.64 -10.22
N GLU A 279 -48.12 -33.91 -9.15
CA GLU A 279 -48.10 -34.49 -7.81
C GLU A 279 -49.47 -34.56 -7.19
N LYS A 280 -50.36 -33.61 -7.52
CA LYS A 280 -51.75 -33.66 -7.09
C LYS A 280 -52.37 -35.00 -7.45
N ALA A 281 -52.63 -35.85 -6.45
CA ALA A 281 -53.18 -37.17 -6.73
C ALA A 281 -54.62 -37.08 -7.22
N TYR A 282 -55.41 -36.19 -6.61
CA TYR A 282 -56.83 -36.01 -6.92
C TYR A 282 -57.01 -34.64 -7.55
N HIS A 283 -57.38 -34.61 -8.83
CA HIS A 283 -57.58 -33.37 -9.56
C HIS A 283 -58.93 -33.40 -10.26
N GLU A 284 -59.73 -32.36 -10.04
CA GLU A 284 -61.02 -32.22 -10.69
C GLU A 284 -60.81 -31.54 -12.04
N GLN A 285 -61.19 -32.22 -13.12
CA GLN A 285 -60.86 -31.74 -14.46
C GLN A 285 -61.68 -30.50 -14.80
N LEU A 286 -60.99 -29.45 -15.22
CA LEU A 286 -61.61 -28.17 -15.53
C LEU A 286 -62.30 -28.17 -16.89
N SER A 287 -63.37 -27.38 -16.97
CA SER A 287 -64.28 -27.35 -18.10
C SER A 287 -63.81 -26.38 -19.17
N VAL A 288 -64.48 -26.42 -20.33
CA VAL A 288 -64.25 -25.40 -21.34
C VAL A 288 -64.44 -24.01 -20.76
N ALA A 289 -65.48 -23.80 -19.98
CA ALA A 289 -65.71 -22.42 -19.55
C ALA A 289 -64.69 -22.03 -18.49
N GLU A 290 -64.40 -22.93 -17.54
CA GLU A 290 -63.42 -22.63 -16.51
C GLU A 290 -62.06 -22.24 -17.13
N ILE A 291 -61.60 -22.99 -18.15
CA ILE A 291 -60.28 -22.73 -18.71
C ILE A 291 -60.31 -21.53 -19.65
N THR A 292 -61.44 -21.26 -20.32
CA THR A 292 -61.51 -20.03 -21.11
C THR A 292 -61.55 -18.80 -20.23
N ASN A 293 -62.13 -18.92 -19.03
CA ASN A 293 -62.14 -17.79 -18.12
C ASN A 293 -60.75 -17.53 -17.58
N ALA A 294 -59.98 -18.60 -17.33
CA ALA A 294 -58.61 -18.49 -16.84
C ALA A 294 -57.72 -17.72 -17.80
N CYS A 295 -58.10 -17.60 -19.06
CA CYS A 295 -57.35 -16.84 -20.05
C CYS A 295 -57.43 -15.35 -19.82
N PHE A 296 -58.34 -14.88 -18.96
CA PHE A 296 -58.49 -13.46 -18.65
C PHE A 296 -58.06 -13.14 -17.24
N GLU A 297 -57.37 -14.06 -16.58
CA GLU A 297 -56.74 -13.81 -15.31
C GLU A 297 -55.26 -13.50 -15.54
N PRO A 298 -54.74 -12.39 -15.02
CA PRO A 298 -53.32 -12.09 -15.26
C PRO A 298 -52.37 -13.16 -14.75
N ALA A 299 -52.69 -13.84 -13.64
CA ALA A 299 -51.78 -14.84 -13.10
C ALA A 299 -51.56 -16.03 -14.01
N ASN A 300 -52.16 -16.04 -15.20
CA ASN A 300 -51.93 -17.11 -16.16
C ASN A 300 -51.20 -16.61 -17.41
N GLN A 301 -50.98 -15.30 -17.51
CA GLN A 301 -50.38 -14.70 -18.68
C GLN A 301 -48.88 -14.98 -18.71
N MET A 302 -48.32 -15.01 -19.93
CA MET A 302 -46.88 -15.12 -20.13
C MET A 302 -46.14 -13.86 -19.71
N VAL A 303 -46.87 -12.76 -19.51
CA VAL A 303 -46.31 -11.51 -19.02
C VAL A 303 -47.33 -10.96 -18.06
N LYS A 304 -46.90 -10.53 -16.88
CA LYS A 304 -47.84 -9.96 -15.94
C LYS A 304 -48.19 -8.54 -16.36
N CYS A 305 -49.48 -8.28 -16.53
CA CYS A 305 -49.98 -6.96 -16.90
C CYS A 305 -51.49 -7.06 -16.79
N ASP A 306 -52.18 -5.97 -17.08
CA ASP A 306 -53.61 -5.85 -16.81
C ASP A 306 -54.35 -5.51 -18.09
N PRO A 307 -54.81 -6.51 -18.84
CA PRO A 307 -55.50 -6.22 -20.11
C PRO A 307 -56.78 -5.39 -19.96
N ARG A 308 -57.37 -5.32 -18.74
CA ARG A 308 -58.52 -4.44 -18.53
C ARG A 308 -58.18 -3.00 -18.83
N HIS A 309 -56.92 -2.60 -18.63
CA HIS A 309 -56.51 -1.23 -18.84
C HIS A 309 -55.68 -1.15 -20.11
N GLY A 310 -56.22 -1.72 -21.17
CA GLY A 310 -55.72 -1.56 -22.51
C GLY A 310 -56.84 -1.87 -23.49
N LYS A 311 -56.50 -2.14 -24.72
CA LYS A 311 -57.51 -2.50 -25.70
C LYS A 311 -56.96 -3.61 -26.58
N TYR A 312 -57.85 -4.48 -27.00
CA TYR A 312 -57.47 -5.56 -27.88
C TYR A 312 -57.56 -5.13 -29.35
N MET A 313 -56.74 -5.76 -30.18
CA MET A 313 -56.87 -5.68 -31.62
C MET A 313 -57.02 -7.05 -32.26
N ALA A 314 -56.95 -8.12 -31.48
CA ALA A 314 -57.07 -9.45 -32.04
C ALA A 314 -57.09 -10.46 -30.91
N CYS A 315 -57.60 -11.65 -31.20
CA CYS A 315 -57.71 -12.65 -30.17
C CYS A 315 -57.86 -14.00 -30.86
N CYS A 316 -57.02 -14.96 -30.48
CA CYS A 316 -57.19 -16.35 -30.88
C CYS A 316 -57.36 -17.18 -29.64
N LEU A 317 -58.25 -18.16 -29.69
CA LEU A 317 -58.28 -19.22 -28.70
C LEU A 317 -57.82 -20.50 -29.39
N LEU A 318 -56.73 -21.07 -28.89
CA LEU A 318 -56.23 -22.33 -29.40
C LEU A 318 -56.50 -23.40 -28.32
N TYR A 319 -57.48 -24.27 -28.57
CA TYR A 319 -57.76 -25.37 -27.66
C TYR A 319 -57.09 -26.66 -28.13
N ARG A 320 -56.75 -27.50 -27.16
CA ARG A 320 -56.24 -28.83 -27.41
C ARG A 320 -56.96 -29.78 -26.47
N GLY A 321 -57.65 -30.76 -27.04
CA GLY A 321 -58.39 -31.75 -26.28
C GLY A 321 -59.88 -31.75 -26.51
N ASP A 322 -60.59 -32.26 -25.51
CA ASP A 322 -62.03 -32.47 -25.58
C ASP A 322 -62.73 -31.11 -25.50
N VAL A 323 -62.87 -30.48 -26.66
CA VAL A 323 -63.52 -29.18 -26.77
C VAL A 323 -64.37 -29.18 -28.04
N VAL A 324 -65.59 -28.64 -27.95
CA VAL A 324 -66.50 -28.49 -29.09
C VAL A 324 -66.88 -27.02 -29.22
N PRO A 325 -67.10 -26.54 -30.44
CA PRO A 325 -67.51 -25.13 -30.63
C PRO A 325 -68.61 -24.63 -29.69
N LYS A 326 -69.66 -25.42 -29.46
CA LYS A 326 -70.79 -24.95 -28.67
C LYS A 326 -70.35 -24.55 -27.25
N ASP A 327 -69.59 -25.43 -26.59
CA ASP A 327 -69.07 -25.12 -25.27
C ASP A 327 -68.25 -23.84 -25.26
N VAL A 328 -67.46 -23.60 -26.32
CA VAL A 328 -66.64 -22.40 -26.42
C VAL A 328 -67.52 -21.15 -26.46
N ASN A 329 -68.55 -21.15 -27.32
CA ASN A 329 -69.38 -19.95 -27.46
C ASN A 329 -70.22 -19.68 -26.22
N ALA A 330 -70.64 -20.73 -25.52
CA ALA A 330 -71.31 -20.52 -24.25
C ALA A 330 -70.35 -19.91 -23.24
N ALA A 331 -69.09 -20.37 -23.23
CA ALA A 331 -68.11 -19.82 -22.30
C ALA A 331 -67.71 -18.41 -22.70
N ILE A 332 -67.62 -18.14 -24.00
CA ILE A 332 -67.36 -16.78 -24.47
C ILE A 332 -68.50 -15.85 -24.08
N ALA A 333 -69.74 -16.29 -24.32
CA ALA A 333 -70.91 -15.47 -23.99
C ALA A 333 -70.98 -15.18 -22.50
N THR A 334 -70.86 -16.22 -21.68
CA THR A 334 -70.80 -16.07 -20.22
C THR A 334 -69.68 -15.13 -19.79
N ILE A 335 -68.52 -15.23 -20.44
CA ILE A 335 -67.39 -14.39 -20.05
C ILE A 335 -67.56 -12.96 -20.52
N LYS A 336 -68.13 -12.76 -21.72
CA LYS A 336 -68.22 -11.41 -22.26
C LYS A 336 -68.90 -10.48 -21.27
N THR A 337 -70.00 -10.94 -20.67
CA THR A 337 -70.70 -10.12 -19.69
C THR A 337 -69.78 -9.72 -18.54
N LYS A 338 -69.16 -10.70 -17.88
CA LYS A 338 -68.46 -10.46 -16.61
C LYS A 338 -67.09 -9.80 -16.74
N ARG A 339 -66.46 -9.81 -17.92
CA ARG A 339 -65.09 -9.31 -18.05
C ARG A 339 -65.04 -8.01 -18.84
N SER A 340 -63.92 -7.30 -18.67
CA SER A 340 -63.73 -5.96 -19.21
C SER A 340 -62.87 -6.08 -20.46
N ILE A 341 -63.53 -6.39 -21.58
CA ILE A 341 -62.88 -6.72 -22.83
C ILE A 341 -63.25 -5.65 -23.85
N GLN A 342 -62.32 -4.73 -24.09
CA GLN A 342 -62.53 -3.58 -24.94
C GLN A 342 -61.58 -3.67 -26.12
N PHE A 343 -62.14 -3.73 -27.32
CA PHE A 343 -61.32 -3.69 -28.52
C PHE A 343 -61.16 -2.28 -29.02
N VAL A 344 -60.16 -2.08 -29.88
CA VAL A 344 -60.06 -0.83 -30.60
C VAL A 344 -61.25 -0.73 -31.55
N ASP A 345 -61.64 0.51 -31.84
CA ASP A 345 -62.88 0.72 -32.59
C ASP A 345 -62.77 0.25 -34.02
N TRP A 346 -61.57 0.27 -34.59
CA TRP A 346 -61.41 -0.22 -35.95
C TRP A 346 -61.25 -1.74 -36.04
N CYS A 347 -61.47 -2.47 -34.93
CA CYS A 347 -61.37 -3.92 -34.99
C CYS A 347 -62.67 -4.53 -34.48
N PRO A 348 -63.13 -5.59 -35.11
CA PRO A 348 -64.31 -6.29 -34.58
C PRO A 348 -64.00 -6.92 -33.25
N THR A 349 -64.85 -6.67 -32.26
CA THR A 349 -64.84 -7.47 -31.05
C THR A 349 -65.19 -8.91 -31.42
N GLY A 350 -64.23 -9.82 -31.27
CA GLY A 350 -64.50 -11.23 -31.55
C GLY A 350 -63.27 -12.10 -31.60
N PHE A 351 -63.46 -13.41 -31.48
CA PHE A 351 -62.38 -14.37 -31.32
C PHE A 351 -62.25 -15.26 -32.54
N LYS A 352 -61.02 -15.51 -32.98
CA LYS A 352 -60.76 -16.61 -33.90
C LYS A 352 -60.41 -17.84 -33.08
N VAL A 353 -61.22 -18.88 -33.18
CA VAL A 353 -61.06 -20.08 -32.37
C VAL A 353 -60.42 -21.18 -33.20
N GLY A 354 -59.56 -21.95 -32.55
CA GLY A 354 -58.98 -23.11 -33.18
C GLY A 354 -58.97 -24.24 -32.18
N ILE A 355 -59.40 -25.43 -32.62
CA ILE A 355 -59.50 -26.59 -31.73
C ILE A 355 -58.78 -27.74 -32.37
N ASN A 356 -57.88 -28.37 -31.62
CA ASN A 356 -57.28 -29.63 -32.00
C ASN A 356 -57.67 -30.68 -30.97
N TYR A 357 -58.22 -31.79 -31.46
CA TYR A 357 -58.77 -32.81 -30.56
C TYR A 357 -57.69 -33.58 -29.79
N GLN A 358 -56.43 -33.61 -30.25
CA GLN A 358 -55.44 -34.35 -29.44
C GLN A 358 -55.10 -33.60 -28.16
N PRO A 359 -55.42 -34.13 -26.98
CA PRO A 359 -55.18 -33.39 -25.72
C PRO A 359 -53.71 -33.14 -25.51
N PRO A 360 -53.36 -32.13 -24.70
CA PRO A 360 -51.94 -31.79 -24.54
C PRO A 360 -51.12 -33.00 -24.14
N THR A 361 -49.86 -32.97 -24.55
CA THR A 361 -48.93 -34.04 -24.26
C THR A 361 -48.00 -33.59 -23.14
N VAL A 362 -47.70 -34.50 -22.24
CA VAL A 362 -46.84 -34.19 -21.12
C VAL A 362 -45.66 -35.15 -21.17
N VAL A 363 -44.44 -34.60 -21.15
CA VAL A 363 -43.27 -35.47 -21.18
C VAL A 363 -43.28 -36.36 -19.94
N PRO A 364 -43.15 -37.67 -20.08
CA PRO A 364 -43.26 -38.53 -18.90
C PRO A 364 -42.28 -38.10 -17.82
N GLY A 365 -42.78 -38.05 -16.58
CA GLY A 365 -41.98 -37.61 -15.46
C GLY A 365 -41.69 -36.13 -15.40
N GLY A 366 -42.51 -35.31 -16.04
CA GLY A 366 -42.46 -33.87 -15.89
C GLY A 366 -43.28 -33.44 -14.69
N ASP A 367 -43.52 -32.14 -14.61
CA ASP A 367 -44.32 -31.59 -13.53
C ASP A 367 -45.75 -31.30 -13.95
N LEU A 368 -46.06 -31.31 -15.24
CA LEU A 368 -47.44 -31.06 -15.68
C LEU A 368 -48.25 -32.34 -15.69
N ALA A 369 -49.48 -32.25 -15.21
CA ALA A 369 -50.41 -33.36 -15.25
C ALA A 369 -51.09 -33.42 -16.61
N LYS A 370 -51.37 -34.65 -17.08
CA LYS A 370 -52.30 -34.81 -18.19
C LYS A 370 -53.64 -34.17 -17.86
N VAL A 371 -54.28 -33.58 -18.86
CA VAL A 371 -55.57 -32.94 -18.70
C VAL A 371 -56.39 -33.20 -19.95
N GLN A 372 -57.71 -33.17 -19.80
CA GLN A 372 -58.59 -33.52 -20.91
C GLN A 372 -58.69 -32.41 -21.93
N ARG A 373 -58.58 -31.17 -21.48
CA ARG A 373 -58.63 -30.02 -22.36
C ARG A 373 -57.72 -28.91 -21.84
N ALA A 374 -57.04 -28.24 -22.75
CA ALA A 374 -56.24 -27.05 -22.46
C ALA A 374 -56.54 -26.00 -23.51
N VAL A 375 -56.12 -24.77 -23.22
CA VAL A 375 -56.33 -23.66 -24.14
C VAL A 375 -55.16 -22.72 -24.01
N CYS A 376 -54.84 -22.03 -25.11
CA CYS A 376 -53.82 -20.98 -25.10
C CYS A 376 -54.41 -19.82 -25.83
N MET A 377 -54.71 -18.75 -25.10
CA MET A 377 -55.18 -17.52 -25.74
C MET A 377 -53.98 -16.71 -26.25
N LEU A 378 -54.08 -16.23 -27.49
CA LEU A 378 -53.14 -15.25 -28.04
C LEU A 378 -53.93 -13.97 -28.24
N SER A 379 -53.56 -12.91 -27.53
CA SER A 379 -54.31 -11.68 -27.65
C SER A 379 -53.35 -10.51 -27.85
N ASN A 380 -53.61 -9.69 -28.85
CA ASN A 380 -52.81 -8.48 -29.04
C ASN A 380 -53.45 -7.35 -28.25
N THR A 381 -53.09 -7.26 -26.97
CA THR A 381 -53.61 -6.22 -26.09
C THR A 381 -52.54 -5.17 -25.84
N THR A 382 -52.95 -3.89 -25.84
CA THR A 382 -51.95 -2.86 -25.59
C THR A 382 -51.38 -2.95 -24.19
N ALA A 383 -52.01 -3.72 -23.30
CA ALA A 383 -51.56 -3.76 -21.90
C ALA A 383 -50.17 -4.37 -21.75
N ILE A 384 -49.68 -5.07 -22.78
CA ILE A 384 -48.33 -5.61 -22.76
C ILE A 384 -47.28 -4.51 -22.82
N ALA A 385 -47.64 -3.31 -23.28
CA ALA A 385 -46.71 -2.19 -23.23
C ALA A 385 -46.21 -1.95 -21.81
N GLU A 386 -46.97 -2.36 -20.79
CA GLU A 386 -46.50 -2.27 -19.41
C GLU A 386 -45.09 -2.85 -19.27
N ALA A 387 -44.83 -3.95 -19.98
CA ALA A 387 -43.53 -4.59 -19.85
C ALA A 387 -42.45 -3.71 -20.45
N TRP A 388 -42.76 -3.03 -21.57
CA TRP A 388 -41.84 -2.07 -22.17
C TRP A 388 -41.55 -0.90 -21.22
N ALA A 389 -42.56 -0.38 -20.55
CA ALA A 389 -42.30 0.67 -19.59
C ALA A 389 -41.35 0.18 -18.50
N ARG A 390 -41.67 -0.96 -17.88
CA ARG A 390 -40.77 -1.56 -16.88
C ARG A 390 -39.33 -1.61 -17.39
N LEU A 391 -39.11 -2.32 -18.49
CA LEU A 391 -37.78 -2.45 -19.08
C LEU A 391 -37.17 -1.09 -19.38
N ASP A 392 -37.96 -0.14 -19.89
CA ASP A 392 -37.41 1.17 -20.27
C ASP A 392 -37.09 2.01 -19.05
N HIS A 393 -37.84 1.85 -17.96
CA HIS A 393 -37.43 2.53 -16.74
C HIS A 393 -36.08 2.01 -16.25
N LYS A 394 -35.95 0.71 -16.09
CA LYS A 394 -34.69 0.14 -15.65
C LYS A 394 -33.54 0.67 -16.50
N PHE A 395 -33.77 0.81 -17.81
CA PHE A 395 -32.72 1.27 -18.70
C PHE A 395 -32.40 2.74 -18.45
N ASP A 396 -33.41 3.59 -18.27
CA ASP A 396 -33.14 5.00 -17.98
C ASP A 396 -32.35 5.16 -16.68
N LEU A 397 -32.62 4.31 -15.68
CA LEU A 397 -31.91 4.42 -14.41
C LEU A 397 -30.41 4.22 -14.59
N MET A 398 -29.99 3.11 -15.20
CA MET A 398 -28.57 2.88 -15.42
C MET A 398 -27.98 3.93 -16.35
N TYR A 399 -28.66 4.20 -17.47
CA TYR A 399 -28.06 5.02 -18.53
C TYR A 399 -27.90 6.47 -18.13
N ALA A 400 -28.69 6.96 -17.18
CA ALA A 400 -28.51 8.34 -16.74
C ALA A 400 -27.12 8.55 -16.17
N LYS A 401 -26.57 7.54 -15.51
CA LYS A 401 -25.21 7.53 -15.04
C LYS A 401 -24.24 6.95 -16.05
N ARG A 402 -24.71 6.39 -17.15
CA ARG A 402 -23.88 5.68 -18.11
C ARG A 402 -23.13 4.52 -17.47
N ALA A 403 -23.74 3.89 -16.45
CA ALA A 403 -23.13 2.71 -15.86
C ALA A 403 -22.98 1.62 -16.90
N PHE A 404 -21.82 0.95 -16.90
CA PHE A 404 -21.55 -0.18 -17.77
C PHE A 404 -21.38 0.17 -19.25
N VAL A 405 -21.80 1.38 -19.66
CA VAL A 405 -21.69 1.77 -21.08
C VAL A 405 -20.31 1.44 -21.64
N HIS A 406 -19.25 1.73 -20.89
CA HIS A 406 -17.90 1.53 -21.41
C HIS A 406 -17.68 0.11 -21.92
N TRP A 407 -18.32 -0.88 -21.32
CA TRP A 407 -18.15 -2.24 -21.81
C TRP A 407 -18.62 -2.36 -23.25
N TYR A 408 -19.63 -1.57 -23.62
CA TYR A 408 -20.21 -1.63 -24.95
C TYR A 408 -19.38 -0.84 -25.95
N VAL A 409 -19.11 0.43 -25.62
CA VAL A 409 -18.27 1.27 -26.45
C VAL A 409 -16.96 0.57 -26.75
N GLY A 410 -16.41 -0.12 -25.75
CA GLY A 410 -15.16 -0.83 -25.88
C GLY A 410 -15.18 -2.03 -26.79
N GLU A 411 -16.32 -2.32 -27.43
CA GLU A 411 -16.37 -3.35 -28.46
C GLU A 411 -16.66 -2.77 -29.83
N GLY A 412 -16.86 -1.46 -29.95
CA GLY A 412 -17.26 -0.90 -31.23
C GLY A 412 -18.43 0.05 -31.16
N MET A 413 -19.38 -0.24 -30.27
CA MET A 413 -20.64 0.49 -30.28
C MET A 413 -20.41 1.94 -29.85
N GLU A 414 -21.35 2.80 -30.19
CA GLU A 414 -21.24 4.22 -29.88
C GLU A 414 -22.33 4.62 -28.92
N GLU A 415 -22.00 5.43 -27.92
CA GLU A 415 -23.04 5.89 -27.02
C GLU A 415 -24.32 6.24 -27.78
N GLY A 416 -24.21 6.56 -29.07
CA GLY A 416 -25.37 6.98 -29.82
C GLY A 416 -26.41 5.89 -30.01
N GLU A 417 -25.98 4.66 -30.35
CA GLU A 417 -26.89 3.53 -30.48
C GLU A 417 -27.71 3.31 -29.21
N PHE A 418 -27.20 3.72 -28.04
CA PHE A 418 -27.97 3.61 -26.81
C PHE A 418 -29.17 4.54 -26.84
N SER A 419 -28.98 5.82 -27.15
CA SER A 419 -30.10 6.75 -27.16
C SER A 419 -30.95 6.55 -28.39
N GLU A 420 -30.38 6.01 -29.45
CA GLU A 420 -31.19 5.74 -30.61
C GLU A 420 -32.15 4.59 -30.32
N ALA A 421 -31.62 3.48 -29.77
CA ALA A 421 -32.45 2.36 -29.39
C ALA A 421 -33.50 2.77 -28.35
N ARG A 422 -33.15 3.66 -27.41
CA ARG A 422 -34.11 4.12 -26.42
C ARG A 422 -35.19 5.03 -26.99
N GLU A 423 -34.89 5.73 -28.09
CA GLU A 423 -35.90 6.59 -28.69
C GLU A 423 -36.90 5.78 -29.49
N ASP A 424 -36.43 4.74 -30.17
CA ASP A 424 -37.33 3.77 -30.78
C ASP A 424 -38.31 3.26 -29.73
N MET A 425 -37.78 2.72 -28.63
CA MET A 425 -38.61 2.29 -27.51
C MET A 425 -39.58 3.38 -27.09
N ALA A 426 -39.11 4.64 -27.04
CA ALA A 426 -40.01 5.73 -26.70
C ALA A 426 -41.07 5.91 -27.77
N ALA A 427 -40.69 5.77 -29.05
CA ALA A 427 -41.69 5.69 -30.10
C ALA A 427 -42.66 4.54 -29.84
N LEU A 428 -42.13 3.37 -29.48
CA LEU A 428 -42.99 2.20 -29.31
C LEU A 428 -44.03 2.41 -28.22
N GLU A 429 -43.64 3.02 -27.09
CA GLU A 429 -44.59 3.20 -25.99
C GLU A 429 -45.67 4.22 -26.32
N LYS A 430 -45.35 5.13 -27.23
CA LYS A 430 -46.29 6.14 -27.70
C LYS A 430 -47.29 5.52 -28.67
N ASP A 431 -46.81 4.75 -29.65
CA ASP A 431 -47.69 3.94 -30.50
C ASP A 431 -48.71 3.20 -29.65
N TYR A 432 -48.25 2.35 -28.74
CA TYR A 432 -49.16 1.64 -27.87
C TYR A 432 -50.15 2.59 -27.23
N GLU A 433 -49.66 3.64 -26.57
CA GLU A 433 -50.57 4.48 -25.81
C GLU A 433 -51.59 5.18 -26.70
N GLU A 434 -51.21 5.52 -27.94
CA GLU A 434 -52.19 6.04 -28.89
C GLU A 434 -53.34 5.06 -29.05
N VAL A 435 -53.02 3.85 -29.54
CA VAL A 435 -54.01 2.82 -29.80
C VAL A 435 -54.90 2.54 -28.59
N GLY A 436 -54.37 2.67 -27.38
CA GLY A 436 -55.12 2.26 -26.21
C GLY A 436 -55.68 3.35 -25.33
N VAL A 437 -56.17 4.44 -25.91
CA VAL A 437 -56.88 5.44 -25.12
C VAL A 437 -58.04 6.10 -25.88
N ARG B 2 -11.74 -22.95 -20.60
CA ARG B 2 -11.37 -21.57 -20.26
C ARG B 2 -10.32 -21.62 -19.13
N GLU B 3 -9.05 -21.61 -19.53
CA GLU B 3 -7.95 -21.68 -18.58
C GLU B 3 -7.64 -20.31 -18.00
N ILE B 4 -7.19 -20.31 -16.74
CA ILE B 4 -6.70 -19.15 -16.02
C ILE B 4 -5.22 -19.39 -15.76
N VAL B 5 -4.42 -18.33 -15.82
CA VAL B 5 -2.98 -18.40 -15.54
C VAL B 5 -2.69 -17.65 -14.26
N HIS B 6 -2.20 -18.36 -13.26
CA HIS B 6 -1.94 -17.80 -11.94
C HIS B 6 -0.48 -17.38 -11.83
N ILE B 7 -0.25 -16.23 -11.22
CA ILE B 7 1.09 -15.71 -11.00
C ILE B 7 1.16 -15.17 -9.58
N GLN B 8 2.17 -15.59 -8.83
CA GLN B 8 2.37 -15.08 -7.47
C GLN B 8 3.78 -14.54 -7.35
N ALA B 9 3.91 -13.32 -6.80
CA ALA B 9 5.15 -12.55 -6.94
C ALA B 9 5.57 -11.94 -5.60
N GLY B 10 6.79 -12.25 -5.17
CA GLY B 10 7.36 -11.71 -3.95
C GLY B 10 6.99 -12.49 -2.69
N GLN B 11 7.57 -12.04 -1.57
CA GLN B 11 7.33 -12.65 -0.26
C GLN B 11 5.85 -12.94 -0.08
N CYS B 12 5.02 -11.90 -0.10
CA CYS B 12 3.62 -12.06 0.26
C CYS B 12 2.84 -12.85 -0.79
N GLY B 13 3.03 -12.51 -2.08
CA GLY B 13 2.29 -13.21 -3.12
C GLY B 13 2.58 -14.69 -3.18
N ASN B 14 3.80 -15.10 -2.82
CA ASN B 14 4.10 -16.53 -2.83
C ASN B 14 3.57 -17.23 -1.59
N GLN B 15 3.63 -16.57 -0.43
CA GLN B 15 3.07 -17.20 0.77
C GLN B 15 1.56 -17.36 0.66
N ILE B 16 0.84 -16.33 0.21
CA ILE B 16 -0.60 -16.57 0.06
C ILE B 16 -0.87 -17.39 -1.19
N GLY B 17 -0.17 -17.09 -2.27
CA GLY B 17 -0.20 -17.96 -3.42
C GLY B 17 -0.09 -19.43 -3.06
N ALA B 18 0.84 -19.77 -2.16
CA ALA B 18 1.02 -21.17 -1.82
C ALA B 18 -0.18 -21.71 -1.03
N LYS B 19 -0.72 -20.91 -0.12
CA LYS B 19 -1.87 -21.41 0.64
C LYS B 19 -3.07 -21.67 -0.28
N PHE B 20 -3.34 -20.75 -1.20
CA PHE B 20 -4.43 -20.93 -2.15
C PHE B 20 -4.36 -22.30 -2.81
N TRP B 21 -3.19 -22.68 -3.31
CA TRP B 21 -3.08 -23.95 -4.04
C TRP B 21 -3.23 -25.15 -3.12
N GLU B 22 -2.71 -25.05 -1.90
CA GLU B 22 -3.04 -26.05 -0.89
C GLU B 22 -4.54 -26.19 -0.75
N VAL B 23 -5.18 -25.09 -0.34
CA VAL B 23 -6.60 -25.08 -0.02
C VAL B 23 -7.43 -25.66 -1.17
N ILE B 24 -7.25 -25.13 -2.38
CA ILE B 24 -8.10 -25.59 -3.48
C ILE B 24 -7.62 -26.93 -4.01
N SER B 25 -6.37 -27.30 -3.80
CA SER B 25 -5.96 -28.66 -4.15
C SER B 25 -6.67 -29.68 -3.28
N ASP B 26 -6.98 -29.31 -2.03
CA ASP B 26 -7.71 -30.18 -1.14
C ASP B 26 -9.19 -30.25 -1.53
N GLU B 27 -9.74 -29.15 -2.01
CA GLU B 27 -11.15 -29.14 -2.40
C GLU B 27 -11.38 -29.95 -3.67
N HIS B 28 -10.39 -30.02 -4.55
CA HIS B 28 -10.51 -30.81 -5.77
C HIS B 28 -9.87 -32.17 -5.63
N GLY B 29 -9.64 -32.60 -4.39
CA GLY B 29 -9.07 -33.90 -4.13
C GLY B 29 -7.74 -34.18 -4.77
N ILE B 30 -6.98 -33.16 -5.19
CA ILE B 30 -5.64 -33.35 -5.72
C ILE B 30 -4.68 -33.34 -4.54
N ASP B 31 -3.74 -34.28 -4.52
CA ASP B 31 -2.85 -34.38 -3.37
C ASP B 31 -1.48 -33.77 -3.67
N PRO B 32 -0.54 -33.78 -2.72
CA PRO B 32 0.75 -33.12 -2.97
C PRO B 32 1.56 -33.76 -4.08
N THR B 33 1.16 -34.93 -4.59
CA THR B 33 1.83 -35.51 -5.74
C THR B 33 1.19 -35.15 -7.07
N GLY B 34 0.02 -34.54 -7.06
CA GLY B 34 -0.70 -34.27 -8.28
C GLY B 34 -1.70 -35.34 -8.69
N SER B 35 -1.93 -36.35 -7.84
CA SER B 35 -2.84 -37.45 -8.13
C SER B 35 -4.19 -37.19 -7.47
N TYR B 36 -5.27 -37.31 -8.25
CA TYR B 36 -6.62 -37.09 -7.76
C TYR B 36 -7.10 -38.29 -6.93
N HIS B 37 -7.60 -38.00 -5.72
CA HIS B 37 -8.15 -39.03 -4.81
C HIS B 37 -9.42 -38.51 -4.12
N GLY B 38 -10.42 -38.15 -4.93
CA GLY B 38 -11.64 -37.55 -4.42
C GLY B 38 -12.88 -38.41 -4.66
N ASP B 39 -14.00 -37.94 -4.10
CA ASP B 39 -15.26 -38.67 -4.12
C ASP B 39 -16.20 -38.23 -5.24
N SER B 40 -16.39 -36.92 -5.41
CA SER B 40 -17.38 -36.39 -6.34
C SER B 40 -16.77 -36.06 -7.70
N ASP B 41 -17.58 -36.19 -8.75
CA ASP B 41 -17.11 -35.74 -10.05
C ASP B 41 -17.11 -34.21 -10.13
N LEU B 42 -17.96 -33.56 -9.32
CA LEU B 42 -17.95 -32.10 -9.23
C LEU B 42 -16.55 -31.53 -9.04
N GLN B 43 -15.62 -32.32 -8.49
CA GLN B 43 -14.24 -31.89 -8.24
C GLN B 43 -13.40 -31.83 -9.51
N LEU B 44 -13.73 -32.62 -10.54
CA LEU B 44 -12.89 -32.63 -11.72
C LEU B 44 -13.55 -32.04 -12.95
N GLU B 45 -14.84 -31.70 -12.89
CA GLU B 45 -15.51 -31.23 -14.08
C GLU B 45 -14.91 -29.94 -14.61
N ARG B 46 -14.44 -29.07 -13.72
CA ARG B 46 -13.82 -27.82 -14.15
C ARG B 46 -12.40 -27.67 -13.62
N ILE B 47 -11.74 -28.79 -13.36
CA ILE B 47 -10.38 -28.78 -12.82
C ILE B 47 -9.43 -28.05 -13.75
N ASN B 48 -9.73 -28.02 -15.05
CA ASN B 48 -8.78 -27.46 -16.01
C ASN B 48 -8.69 -25.94 -15.94
N VAL B 49 -9.69 -25.28 -15.37
CA VAL B 49 -9.64 -23.83 -15.23
C VAL B 49 -8.36 -23.41 -14.51
N TYR B 50 -7.95 -24.20 -13.52
CA TYR B 50 -6.80 -23.90 -12.70
C TYR B 50 -5.66 -24.91 -12.84
N TYR B 51 -5.93 -26.16 -13.22
CA TYR B 51 -4.87 -27.15 -13.31
C TYR B 51 -4.66 -27.61 -14.75
N ASN B 52 -3.40 -27.89 -15.07
CA ASN B 52 -3.02 -28.56 -16.31
C ASN B 52 -2.97 -30.06 -16.05
N GLU B 53 -3.48 -30.84 -17.00
CA GLU B 53 -3.50 -32.29 -16.84
C GLU B 53 -2.24 -32.86 -17.46
N ALA B 54 -1.42 -33.50 -16.64
CA ALA B 54 -0.13 -34.05 -17.03
C ALA B 54 -0.21 -35.55 -17.28
N THR B 55 0.77 -36.06 -18.04
CA THR B 55 0.80 -37.48 -18.35
C THR B 55 0.83 -38.31 -17.07
N GLY B 56 0.28 -39.53 -17.15
CA GLY B 56 -0.05 -40.26 -15.94
C GLY B 56 -1.33 -39.79 -15.30
N ASN B 57 -2.09 -38.92 -15.96
CA ASN B 57 -3.27 -38.28 -15.42
C ASN B 57 -2.99 -37.68 -14.03
N LYS B 58 -1.97 -36.82 -14.01
CA LYS B 58 -1.64 -35.95 -12.89
C LYS B 58 -2.05 -34.51 -13.20
N TYR B 59 -2.20 -33.71 -12.15
CA TYR B 59 -2.63 -32.32 -12.30
C TYR B 59 -1.56 -31.38 -11.76
N VAL B 60 -1.17 -30.42 -12.59
CA VAL B 60 -0.12 -29.48 -12.29
C VAL B 60 -0.71 -28.07 -12.32
N PRO B 61 -0.69 -27.34 -11.20
CA PRO B 61 -1.25 -25.97 -11.20
C PRO B 61 -0.66 -25.13 -12.33
N ARG B 62 -1.53 -24.37 -12.99
CA ARG B 62 -1.09 -23.41 -14.00
C ARG B 62 -0.60 -22.16 -13.25
N ALA B 63 0.53 -22.33 -12.56
CA ALA B 63 1.05 -21.35 -11.62
C ALA B 63 2.48 -20.97 -11.97
N ILE B 64 2.72 -19.68 -12.11
CA ILE B 64 4.05 -19.15 -12.36
C ILE B 64 4.51 -18.48 -11.07
N LEU B 65 5.67 -18.90 -10.55
CA LEU B 65 6.19 -18.44 -9.26
C LEU B 65 7.40 -17.54 -9.49
N VAL B 66 7.32 -16.31 -8.97
CA VAL B 66 8.20 -15.21 -9.35
C VAL B 66 8.67 -14.49 -8.10
N ASP B 67 9.99 -14.40 -7.92
CA ASP B 67 10.52 -13.57 -6.87
C ASP B 67 11.88 -13.03 -7.31
N LEU B 68 12.21 -11.82 -6.86
CA LEU B 68 13.54 -11.29 -7.05
C LEU B 68 14.56 -11.91 -6.10
N GLU B 69 14.12 -12.71 -5.14
CA GLU B 69 14.89 -13.31 -4.06
C GLU B 69 14.64 -14.81 -4.00
N PRO B 70 15.65 -15.61 -3.65
CA PRO B 70 15.43 -17.07 -3.59
C PRO B 70 14.81 -17.53 -2.29
N GLY B 71 14.75 -16.68 -1.26
CA GLY B 71 14.18 -17.04 0.02
C GLY B 71 12.84 -17.75 0.08
N THR B 72 11.74 -16.99 0.01
CA THR B 72 10.38 -17.55 0.13
C THR B 72 10.16 -18.69 -0.87
N MET B 73 10.62 -18.52 -2.11
CA MET B 73 10.33 -19.51 -3.13
C MET B 73 10.92 -20.87 -2.79
N ASP B 74 12.10 -20.88 -2.18
CA ASP B 74 12.64 -22.14 -1.66
C ASP B 74 11.75 -22.71 -0.56
N SER B 75 11.17 -21.85 0.29
CA SER B 75 10.24 -22.33 1.30
C SER B 75 8.98 -22.91 0.68
N VAL B 76 8.53 -22.37 -0.44
CA VAL B 76 7.41 -22.99 -1.13
C VAL B 76 7.81 -24.38 -1.56
N ARG B 77 8.96 -24.52 -2.22
CA ARG B 77 9.33 -25.83 -2.73
C ARG B 77 9.45 -26.84 -1.61
N SER B 78 9.78 -26.36 -0.40
CA SER B 78 9.91 -27.19 0.78
C SER B 78 8.57 -27.42 1.48
N GLY B 79 7.55 -26.64 1.12
CA GLY B 79 6.27 -26.70 1.77
C GLY B 79 5.52 -27.96 1.42
N PRO B 80 4.32 -28.08 1.98
CA PRO B 80 3.55 -29.34 1.85
C PRO B 80 3.20 -29.69 0.41
N PHE B 81 2.67 -28.72 -0.34
CA PHE B 81 2.33 -28.90 -1.74
C PHE B 81 3.42 -28.40 -2.67
N GLY B 82 4.60 -28.09 -2.13
CA GLY B 82 5.65 -27.53 -2.96
C GLY B 82 5.98 -28.38 -4.17
N GLN B 83 5.84 -29.70 -4.03
CA GLN B 83 6.18 -30.57 -5.14
C GLN B 83 5.14 -30.52 -6.26
N ILE B 84 3.96 -29.97 -5.99
CA ILE B 84 2.93 -30.01 -7.04
C ILE B 84 3.31 -29.05 -8.16
N PHE B 85 4.04 -27.99 -7.85
CA PHE B 85 4.29 -26.94 -8.82
C PHE B 85 5.30 -27.38 -9.88
N ARG B 86 4.97 -27.12 -11.13
CA ARG B 86 5.84 -27.41 -12.26
C ARG B 86 7.18 -26.69 -12.09
N PRO B 87 8.29 -27.41 -11.91
CA PRO B 87 9.54 -26.75 -11.52
C PRO B 87 10.05 -25.71 -12.50
N ASP B 88 9.90 -25.94 -13.80
CA ASP B 88 10.27 -24.90 -14.76
C ASP B 88 9.61 -23.55 -14.46
N ASN B 89 8.52 -23.53 -13.69
CA ASN B 89 7.77 -22.31 -13.46
C ASN B 89 8.25 -21.54 -12.24
N PHE B 90 9.41 -21.90 -11.69
CA PHE B 90 10.06 -21.11 -10.66
C PHE B 90 11.02 -20.16 -11.36
N VAL B 91 10.66 -18.88 -11.43
CA VAL B 91 11.50 -17.87 -12.06
C VAL B 91 11.93 -16.89 -10.98
N PHE B 92 13.24 -16.73 -10.81
CA PHE B 92 13.72 -15.91 -9.69
C PHE B 92 15.15 -15.40 -9.91
N GLY B 93 15.36 -14.14 -9.53
CA GLY B 93 16.69 -13.56 -9.42
C GLY B 93 17.28 -13.81 -8.05
N GLN B 94 18.33 -13.05 -7.74
CA GLN B 94 19.07 -13.23 -6.49
C GLN B 94 19.27 -11.94 -5.68
N SER B 95 19.17 -10.77 -6.29
CA SER B 95 19.54 -9.55 -5.58
C SER B 95 18.52 -9.12 -4.56
N GLY B 96 17.29 -9.59 -4.67
CA GLY B 96 16.21 -9.01 -3.89
C GLY B 96 15.81 -7.64 -4.40
N ALA B 97 14.69 -7.15 -3.88
CA ALA B 97 14.13 -5.85 -4.26
C ALA B 97 14.07 -4.89 -3.07
N GLY B 98 14.58 -5.30 -1.90
CA GLY B 98 14.61 -4.45 -0.73
C GLY B 98 13.38 -3.60 -0.41
N ASN B 99 12.18 -4.16 -0.50
CA ASN B 99 10.98 -3.41 -0.15
C ASN B 99 10.87 -2.10 -0.92
N ASN B 100 11.44 -2.05 -2.12
CA ASN B 100 11.62 -0.80 -2.88
C ASN B 100 10.86 -0.94 -4.19
N TRP B 101 9.80 -0.14 -4.37
CA TRP B 101 8.99 -0.24 -5.58
C TRP B 101 9.84 -0.01 -6.82
N ALA B 102 10.77 0.96 -6.74
CA ALA B 102 11.60 1.25 -7.91
C ALA B 102 12.43 0.05 -8.32
N LYS B 103 13.02 -0.68 -7.36
CA LYS B 103 13.81 -1.85 -7.74
C LYS B 103 12.96 -2.92 -8.39
N GLY B 104 11.66 -2.98 -8.06
CA GLY B 104 10.78 -4.00 -8.58
C GLY B 104 10.42 -3.67 -10.00
N HIS B 105 10.19 -2.38 -10.22
CA HIS B 105 9.56 -1.91 -11.44
C HIS B 105 10.55 -1.49 -12.52
N TYR B 106 11.70 -0.93 -12.16
CA TYR B 106 12.58 -0.22 -13.08
C TYR B 106 14.00 -0.79 -13.18
N THR B 107 14.62 -1.21 -12.09
CA THR B 107 15.99 -1.73 -12.19
C THR B 107 16.01 -3.25 -12.06
N GLU B 108 15.97 -3.75 -10.83
CA GLU B 108 16.11 -5.19 -10.62
C GLU B 108 15.03 -6.00 -11.34
N GLY B 109 13.76 -5.58 -11.24
CA GLY B 109 12.70 -6.33 -11.89
C GLY B 109 12.83 -6.36 -13.40
N ALA B 110 13.25 -5.25 -13.99
CA ALA B 110 13.48 -5.20 -15.43
C ALA B 110 14.37 -6.36 -15.88
N GLU B 111 15.51 -6.57 -15.19
CA GLU B 111 16.37 -7.69 -15.58
C GLU B 111 15.58 -8.98 -15.74
N LEU B 112 14.71 -9.30 -14.77
CA LEU B 112 14.10 -10.62 -14.66
C LEU B 112 12.75 -10.77 -15.39
N VAL B 113 12.10 -9.68 -15.80
CA VAL B 113 10.70 -9.77 -16.24
C VAL B 113 10.55 -10.63 -17.49
N ASP B 114 11.49 -10.52 -18.45
CA ASP B 114 11.36 -11.28 -19.70
C ASP B 114 11.32 -12.78 -19.44
N SER B 115 12.17 -13.27 -18.55
CA SER B 115 12.13 -14.69 -18.24
C SER B 115 10.78 -15.10 -17.67
N VAL B 116 10.14 -14.21 -16.88
CA VAL B 116 8.80 -14.51 -16.41
C VAL B 116 7.84 -14.53 -17.59
N LEU B 117 7.94 -13.52 -18.46
CA LEU B 117 7.07 -13.47 -19.63
C LEU B 117 7.23 -14.70 -20.52
N ASP B 118 8.38 -15.37 -20.47
CA ASP B 118 8.57 -16.57 -21.27
C ASP B 118 7.80 -17.74 -20.68
N VAL B 119 7.83 -17.92 -19.37
CA VAL B 119 7.03 -19.00 -18.79
C VAL B 119 5.54 -18.70 -18.95
N VAL B 120 5.17 -17.42 -18.86
CA VAL B 120 3.78 -17.06 -19.10
C VAL B 120 3.39 -17.49 -20.50
N ARG B 121 4.27 -17.24 -21.48
CA ARG B 121 3.98 -17.59 -22.86
C ARG B 121 3.82 -19.10 -23.04
N LYS B 122 4.75 -19.90 -22.52
CA LYS B 122 4.61 -21.35 -22.65
C LYS B 122 3.26 -21.81 -22.11
N GLU B 123 2.86 -21.30 -20.95
CA GLU B 123 1.56 -21.66 -20.38
C GLU B 123 0.39 -21.19 -21.25
N SER B 124 0.42 -19.94 -21.72
CA SER B 124 -0.68 -19.43 -22.54
C SER B 124 -0.87 -20.27 -23.79
N GLU B 125 0.22 -20.76 -24.38
CA GLU B 125 0.11 -21.45 -25.66
C GLU B 125 -0.54 -22.82 -25.48
N SER B 126 -0.18 -23.54 -24.42
CA SER B 126 -0.93 -24.71 -24.05
C SER B 126 -2.44 -24.46 -24.00
N CYS B 127 -2.86 -23.21 -23.80
CA CYS B 127 -4.23 -22.96 -23.38
C CYS B 127 -5.20 -23.04 -24.55
N ASP B 128 -6.38 -23.57 -24.26
CA ASP B 128 -7.45 -23.79 -25.25
C ASP B 128 -8.28 -22.53 -25.46
N CYS B 129 -8.82 -21.94 -24.38
CA CYS B 129 -9.44 -20.61 -24.41
C CYS B 129 -9.03 -19.91 -23.10
N LEU B 130 -8.02 -19.06 -23.19
CA LEU B 130 -7.45 -18.47 -22.00
C LEU B 130 -8.29 -17.28 -21.56
N GLN B 131 -8.85 -17.34 -20.34
CA GLN B 131 -9.67 -16.24 -19.84
C GLN B 131 -8.81 -15.04 -19.51
N GLY B 132 -7.68 -15.29 -18.91
CA GLY B 132 -6.84 -14.21 -18.44
C GLY B 132 -5.99 -14.71 -17.28
N PHE B 133 -5.67 -13.77 -16.41
CA PHE B 133 -4.62 -13.94 -15.45
C PHE B 133 -5.10 -13.50 -14.08
N GLN B 134 -4.57 -14.15 -13.06
CA GLN B 134 -4.78 -13.70 -11.69
C GLN B 134 -3.44 -13.66 -10.98
N LEU B 135 -3.19 -12.54 -10.30
CA LEU B 135 -1.93 -12.29 -9.66
C LEU B 135 -2.16 -12.14 -8.16
N THR B 136 -1.29 -12.77 -7.38
CA THR B 136 -1.24 -12.56 -5.94
C THR B 136 0.03 -11.79 -5.62
N HIS B 137 -0.12 -10.68 -4.93
CA HIS B 137 1.02 -9.86 -4.56
C HIS B 137 0.59 -8.98 -3.41
N SER B 138 1.57 -8.42 -2.73
CA SER B 138 1.30 -7.29 -1.85
C SER B 138 1.75 -6.02 -2.54
N LEU B 139 1.20 -4.90 -2.10
CA LEU B 139 1.54 -3.59 -2.63
C LEU B 139 2.57 -2.86 -1.79
N GLY B 140 3.08 -3.48 -0.71
CA GLY B 140 3.85 -2.73 0.26
C GLY B 140 5.34 -2.98 0.25
N GLY B 141 5.78 -4.12 -0.29
CA GLY B 141 7.18 -4.40 -0.53
C GLY B 141 7.62 -3.91 -1.90
N GLY B 142 8.57 -4.62 -2.50
CA GLY B 142 9.12 -4.23 -3.78
C GLY B 142 8.91 -5.19 -4.93
N THR B 143 9.17 -6.47 -4.71
CA THR B 143 8.92 -7.41 -5.79
C THR B 143 7.45 -7.40 -6.17
N GLY B 144 6.58 -7.98 -5.34
CA GLY B 144 5.16 -8.06 -5.70
C GLY B 144 4.57 -6.72 -6.08
N SER B 145 5.02 -5.67 -5.41
CA SER B 145 4.48 -4.34 -5.68
C SER B 145 5.01 -3.78 -6.99
N GLY B 146 6.32 -3.52 -7.04
CA GLY B 146 6.90 -2.90 -8.22
C GLY B 146 7.04 -3.82 -9.42
N MET B 147 7.62 -4.99 -9.24
CA MET B 147 7.72 -5.90 -10.38
C MET B 147 6.35 -6.42 -10.79
N GLY B 148 5.59 -6.89 -9.80
CA GLY B 148 4.21 -7.26 -10.01
C GLY B 148 3.46 -6.35 -10.96
N THR B 149 3.44 -5.05 -10.71
CA THR B 149 2.72 -4.17 -11.63
C THR B 149 3.46 -4.03 -12.96
N LEU B 150 4.78 -4.19 -12.99
CA LEU B 150 5.48 -4.18 -14.25
C LEU B 150 5.06 -5.38 -15.11
N LEU B 151 4.99 -6.55 -14.51
CA LEU B 151 4.43 -7.70 -15.22
C LEU B 151 3.04 -7.39 -15.76
N ILE B 152 2.15 -6.90 -14.89
CA ILE B 152 0.79 -6.62 -15.31
C ILE B 152 0.80 -5.68 -16.50
N SER B 153 1.70 -4.70 -16.53
CA SER B 153 1.80 -3.83 -17.70
C SER B 153 2.20 -4.61 -18.94
N LYS B 154 3.15 -5.54 -18.79
CA LYS B 154 3.66 -6.24 -19.96
C LYS B 154 2.68 -7.30 -20.44
N ILE B 155 2.06 -8.05 -19.52
CA ILE B 155 1.02 -9.01 -19.89
C ILE B 155 -0.08 -8.33 -20.70
N ARG B 156 -0.55 -7.18 -20.23
CA ARG B 156 -1.58 -6.47 -20.95
C ARG B 156 -1.14 -6.04 -22.34
N GLU B 157 0.17 -5.87 -22.58
CA GLU B 157 0.62 -5.53 -23.92
C GLU B 157 0.62 -6.76 -24.82
N GLU B 158 1.06 -7.89 -24.29
CA GLU B 158 1.05 -9.13 -25.05
C GLU B 158 -0.38 -9.69 -25.21
N TYR B 159 -1.21 -9.58 -24.18
CA TYR B 159 -2.57 -10.15 -24.19
C TYR B 159 -3.59 -9.06 -23.90
N PRO B 160 -3.65 -8.04 -24.72
CA PRO B 160 -4.45 -6.84 -24.38
C PRO B 160 -5.91 -7.09 -24.12
N ASP B 161 -6.42 -8.26 -24.52
CA ASP B 161 -7.84 -8.53 -24.55
C ASP B 161 -8.23 -9.72 -23.67
N ARG B 162 -7.32 -10.21 -22.83
CA ARG B 162 -7.61 -11.15 -21.76
C ARG B 162 -7.90 -10.38 -20.46
N ILE B 163 -8.49 -11.08 -19.51
CA ILE B 163 -8.86 -10.44 -18.26
C ILE B 163 -7.67 -10.45 -17.30
N MET B 164 -7.49 -9.32 -16.60
CA MET B 164 -6.45 -9.18 -15.58
C MET B 164 -7.12 -9.01 -14.21
N ASN B 165 -6.88 -9.99 -13.34
CA ASN B 165 -7.40 -10.09 -11.98
C ASN B 165 -6.24 -10.15 -11.00
N THR B 166 -6.29 -9.33 -9.93
CA THR B 166 -5.28 -9.46 -8.89
C THR B 166 -5.92 -9.68 -7.53
N PHE B 167 -5.16 -10.32 -6.66
CA PHE B 167 -5.40 -10.33 -5.22
C PHE B 167 -4.32 -9.45 -4.61
N SER B 168 -4.65 -8.20 -4.28
CA SER B 168 -3.68 -7.22 -3.82
C SER B 168 -3.79 -7.01 -2.32
N VAL B 169 -2.78 -7.43 -1.57
CA VAL B 169 -2.71 -7.18 -0.12
C VAL B 169 -2.31 -5.74 0.17
N MET B 170 -3.23 -4.99 0.84
CA MET B 170 -2.99 -3.60 1.29
C MET B 170 -2.07 -3.57 2.51
N PRO B 171 -1.15 -2.61 2.59
CA PRO B 171 -0.28 -2.50 3.76
C PRO B 171 -1.01 -1.87 4.93
N SER B 172 -0.45 -2.06 6.15
CA SER B 172 -1.00 -1.45 7.36
C SER B 172 0.03 -1.29 8.48
N PRO B 173 0.18 -0.09 9.00
CA PRO B 173 0.98 0.11 10.23
C PRO B 173 0.80 -0.95 11.31
N LYS B 174 -0.35 -1.61 11.37
CA LYS B 174 -0.51 -2.68 12.35
C LYS B 174 0.26 -3.94 11.92
N VAL B 175 0.54 -4.11 10.63
CA VAL B 175 1.36 -5.23 10.18
C VAL B 175 2.33 -4.70 9.12
N SER B 176 3.42 -4.05 9.53
CA SER B 176 4.21 -3.34 8.54
C SER B 176 5.67 -3.73 8.67
N ASP B 177 6.29 -4.01 7.51
CA ASP B 177 7.71 -4.33 7.46
C ASP B 177 8.58 -3.07 7.53
N THR B 178 8.20 -2.01 6.80
CA THR B 178 9.04 -0.83 6.65
C THR B 178 8.16 0.39 6.47
N VAL B 179 8.76 1.59 6.59
CA VAL B 179 7.95 2.79 6.56
C VAL B 179 7.61 3.25 5.15
N VAL B 180 8.24 2.67 4.13
CA VAL B 180 7.95 3.11 2.76
C VAL B 180 6.72 2.41 2.16
N GLU B 181 6.04 1.52 2.89
CA GLU B 181 4.87 0.85 2.32
C GLU B 181 3.84 1.80 1.74
N PRO B 182 3.51 2.94 2.35
CA PRO B 182 2.57 3.84 1.68
C PRO B 182 3.06 4.35 0.35
N TYR B 183 4.37 4.62 0.22
CA TYR B 183 4.95 4.96 -1.09
C TYR B 183 4.76 3.83 -2.09
N ASN B 184 5.14 2.60 -1.71
CA ASN B 184 5.05 1.48 -2.64
C ASN B 184 3.61 1.23 -3.07
N ALA B 185 2.65 1.39 -2.15
CA ALA B 185 1.27 1.04 -2.47
C ALA B 185 0.61 2.12 -3.34
N THR B 186 0.86 3.40 -3.06
CA THR B 186 0.35 4.47 -3.92
C THR B 186 0.85 4.32 -5.35
N LEU B 187 2.13 4.01 -5.51
CA LEU B 187 2.67 3.76 -6.85
C LEU B 187 1.97 2.58 -7.51
N SER B 188 1.72 1.51 -6.76
CA SER B 188 1.07 0.34 -7.33
C SER B 188 -0.39 0.62 -7.63
N VAL B 189 -1.08 1.33 -6.73
CA VAL B 189 -2.51 1.55 -6.93
C VAL B 189 -2.76 2.29 -8.23
N HIS B 190 -1.85 3.20 -8.57
CA HIS B 190 -1.87 3.87 -9.88
C HIS B 190 -1.83 2.85 -11.02
N GLN B 191 -0.85 1.94 -10.97
CA GLN B 191 -0.82 0.83 -11.91
C GLN B 191 -2.15 0.06 -11.95
N LEU B 192 -2.71 -0.27 -10.76
CA LEU B 192 -3.85 -1.18 -10.73
C LEU B 192 -5.09 -0.54 -11.32
N VAL B 193 -5.28 0.76 -11.08
CA VAL B 193 -6.43 1.48 -11.65
C VAL B 193 -6.42 1.38 -13.16
N GLU B 194 -5.24 1.39 -13.76
CA GLU B 194 -5.14 1.41 -15.20
C GLU B 194 -5.18 0.02 -15.81
N ASN B 195 -4.54 -0.97 -15.19
CA ASN B 195 -4.23 -2.21 -15.90
C ASN B 195 -4.89 -3.46 -15.34
N THR B 196 -5.83 -3.37 -14.42
CA THR B 196 -6.57 -4.56 -14.06
C THR B 196 -8.06 -4.36 -14.33
N ASP B 197 -8.72 -5.48 -14.67
CA ASP B 197 -10.18 -5.56 -14.66
C ASP B 197 -10.74 -5.76 -13.26
N GLU B 198 -10.09 -6.58 -12.43
CA GLU B 198 -10.62 -6.94 -11.11
C GLU B 198 -9.49 -7.03 -10.09
N THR B 199 -9.56 -6.25 -9.01
CA THR B 199 -8.64 -6.45 -7.90
C THR B 199 -9.42 -6.60 -6.60
N TYR B 200 -9.09 -7.65 -5.87
CA TYR B 200 -9.61 -7.88 -4.53
C TYR B 200 -8.70 -7.18 -3.52
N CYS B 201 -9.27 -6.24 -2.76
CA CYS B 201 -8.49 -5.46 -1.82
C CYS B 201 -8.42 -6.22 -0.50
N ILE B 202 -7.40 -7.05 -0.35
CA ILE B 202 -7.12 -7.75 0.90
C ILE B 202 -6.31 -6.81 1.81
N ASP B 203 -6.99 -6.10 2.68
CA ASP B 203 -6.36 -5.15 3.59
C ASP B 203 -5.70 -5.88 4.75
N ASN B 204 -4.42 -5.60 5.02
CA ASN B 204 -3.82 -6.20 6.19
C ASN B 204 -4.33 -5.56 7.46
N GLU B 205 -4.88 -4.35 7.38
CA GLU B 205 -5.52 -3.78 8.54
C GLU B 205 -6.73 -4.61 8.94
N ALA B 206 -7.61 -4.92 7.98
CA ALA B 206 -8.80 -5.70 8.28
C ALA B 206 -8.45 -7.13 8.68
N LEU B 207 -7.46 -7.75 8.02
CA LEU B 207 -7.07 -9.08 8.48
C LEU B 207 -6.59 -9.03 9.92
N TYR B 208 -5.93 -7.93 10.31
CA TYR B 208 -5.36 -7.87 11.66
C TYR B 208 -6.46 -7.77 12.71
N ASP B 209 -7.34 -6.79 12.55
CA ASP B 209 -8.45 -6.64 13.48
C ASP B 209 -9.28 -7.91 13.57
N ILE B 210 -9.61 -8.53 12.43
CA ILE B 210 -10.38 -9.76 12.50
C ILE B 210 -9.63 -10.81 13.31
N CYS B 211 -8.30 -10.84 13.19
CA CYS B 211 -7.52 -11.78 13.99
C CYS B 211 -7.54 -11.40 15.47
N PHE B 212 -7.51 -10.11 15.78
CA PHE B 212 -7.40 -9.63 17.15
C PHE B 212 -8.78 -9.57 17.83
N ARG B 213 -9.70 -8.78 17.26
CA ARG B 213 -11.01 -8.57 17.90
C ARG B 213 -11.88 -9.81 17.81
N THR B 214 -12.02 -10.39 16.64
CA THR B 214 -13.05 -11.42 16.52
C THR B 214 -12.53 -12.83 16.77
N LEU B 215 -11.32 -13.17 16.34
CA LEU B 215 -10.78 -14.49 16.64
C LEU B 215 -10.06 -14.53 17.96
N LYS B 216 -9.95 -13.37 18.63
CA LYS B 216 -9.31 -13.20 19.93
C LYS B 216 -7.83 -13.63 19.94
N LEU B 217 -7.19 -13.68 18.78
CA LEU B 217 -5.75 -13.94 18.69
C LEU B 217 -4.98 -12.73 19.22
N THR B 218 -4.33 -12.90 20.36
CA THR B 218 -3.63 -11.77 20.99
C THR B 218 -2.52 -11.23 20.09
N THR B 219 -1.72 -12.12 19.50
CA THR B 219 -0.54 -11.72 18.72
C THR B 219 -0.52 -12.48 17.39
N PRO B 220 -1.20 -11.94 16.37
CA PRO B 220 -1.43 -12.68 15.11
C PRO B 220 -0.19 -12.68 14.20
N THR B 221 0.18 -13.87 13.75
CA THR B 221 1.23 -14.03 12.76
C THR B 221 0.72 -13.80 11.33
N TYR B 222 1.65 -13.80 10.37
CA TYR B 222 1.20 -13.84 8.97
C TYR B 222 0.43 -15.11 8.68
N GLY B 223 0.79 -16.23 9.31
CA GLY B 223 0.04 -17.46 9.13
C GLY B 223 -1.42 -17.33 9.54
N ASP B 224 -1.69 -16.49 10.55
CA ASP B 224 -3.08 -16.25 10.93
C ASP B 224 -3.77 -15.39 9.90
N LEU B 225 -3.14 -14.28 9.52
CA LEU B 225 -3.66 -13.45 8.44
C LEU B 225 -3.91 -14.28 7.17
N ASN B 226 -2.99 -15.19 6.85
CA ASN B 226 -3.05 -15.89 5.57
C ASN B 226 -4.08 -17.00 5.55
N HIS B 227 -4.41 -17.55 6.72
CA HIS B 227 -5.58 -18.40 6.86
C HIS B 227 -6.84 -17.64 6.43
N LEU B 228 -6.99 -16.40 6.87
CA LEU B 228 -8.12 -15.60 6.40
C LEU B 228 -8.03 -15.37 4.89
N VAL B 229 -6.82 -15.21 4.37
CA VAL B 229 -6.67 -14.86 2.96
C VAL B 229 -6.97 -16.06 2.08
N SER B 230 -6.60 -17.27 2.53
CA SER B 230 -6.90 -18.45 1.74
C SER B 230 -8.39 -18.79 1.78
N ALA B 231 -9.07 -18.50 2.89
CA ALA B 231 -10.52 -18.69 2.96
C ALA B 231 -11.24 -17.79 1.96
N THR B 232 -10.91 -16.49 1.96
CA THR B 232 -11.50 -15.58 0.99
C THR B 232 -11.15 -15.98 -0.44
N MET B 233 -9.89 -16.39 -0.66
CA MET B 233 -9.50 -16.69 -2.03
C MET B 233 -10.22 -17.92 -2.57
N SER B 234 -10.36 -18.97 -1.74
CA SER B 234 -11.17 -20.10 -2.15
C SER B 234 -12.60 -19.67 -2.43
N GLY B 235 -13.22 -18.94 -1.50
CA GLY B 235 -14.52 -18.34 -1.72
C GLY B 235 -14.75 -17.63 -3.05
N VAL B 236 -14.03 -16.52 -3.31
CA VAL B 236 -14.28 -15.74 -4.52
C VAL B 236 -14.03 -16.56 -5.79
N THR B 237 -13.19 -17.58 -5.74
CA THR B 237 -12.96 -18.39 -6.94
C THR B 237 -13.89 -19.59 -7.03
N THR B 238 -14.81 -19.77 -6.08
CA THR B 238 -15.73 -20.91 -6.14
C THR B 238 -16.40 -21.02 -7.52
N CYS B 239 -17.09 -19.94 -7.95
CA CYS B 239 -17.96 -20.04 -9.11
C CYS B 239 -17.22 -20.11 -10.40
N LEU B 240 -15.89 -20.21 -10.33
CA LEU B 240 -15.03 -20.46 -11.48
C LEU B 240 -14.52 -21.89 -11.53
N ARG B 241 -14.37 -22.55 -10.38
CA ARG B 241 -13.76 -23.89 -10.29
C ARG B 241 -14.77 -25.02 -10.19
N PHE B 242 -16.02 -24.72 -9.86
CA PHE B 242 -17.00 -25.76 -9.61
C PHE B 242 -18.19 -25.59 -10.54
N PRO B 243 -18.91 -26.68 -10.80
CA PRO B 243 -20.13 -26.59 -11.62
C PRO B 243 -21.31 -26.14 -10.77
N GLY B 244 -22.09 -25.22 -11.34
CA GLY B 244 -23.31 -24.74 -10.74
C GLY B 244 -24.23 -24.12 -11.78
N GLN B 245 -25.29 -23.47 -11.30
CA GLN B 245 -26.17 -22.76 -12.22
C GLN B 245 -25.42 -21.64 -12.90
N LEU B 246 -24.58 -20.93 -12.13
CA LEU B 246 -23.75 -19.85 -12.66
C LEU B 246 -22.71 -20.33 -13.66
N ASN B 247 -21.69 -21.05 -13.19
CA ASN B 247 -20.55 -21.43 -14.03
C ASN B 247 -19.92 -20.19 -14.67
N ALA B 248 -19.28 -19.39 -13.82
CA ALA B 248 -18.84 -18.07 -14.22
C ALA B 248 -17.40 -18.09 -14.74
N ASP B 249 -17.00 -16.97 -15.32
CA ASP B 249 -15.64 -16.75 -15.79
C ASP B 249 -15.26 -15.30 -15.47
N LEU B 250 -13.97 -15.00 -15.63
CA LEU B 250 -13.48 -13.70 -15.21
C LEU B 250 -14.18 -12.55 -15.96
N ARG B 251 -14.48 -12.75 -17.24
CA ARG B 251 -15.04 -11.66 -18.04
C ARG B 251 -16.47 -11.33 -17.63
N LYS B 252 -17.34 -12.34 -17.57
CA LYS B 252 -18.70 -12.07 -17.09
C LYS B 252 -18.65 -11.44 -15.72
N LEU B 253 -17.76 -11.93 -14.86
CA LEU B 253 -17.57 -11.32 -13.56
C LEU B 253 -17.27 -9.83 -13.69
N ALA B 254 -16.33 -9.47 -14.58
CA ALA B 254 -15.96 -8.06 -14.73
C ALA B 254 -17.10 -7.24 -15.34
N VAL B 255 -17.80 -7.78 -16.34
CA VAL B 255 -18.91 -7.05 -16.95
C VAL B 255 -19.94 -6.66 -15.89
N ASN B 256 -20.33 -7.61 -15.05
CA ASN B 256 -21.45 -7.34 -14.14
C ASN B 256 -21.06 -6.60 -12.88
N MET B 257 -19.79 -6.67 -12.47
CA MET B 257 -19.36 -6.02 -11.24
C MET B 257 -18.88 -4.58 -11.45
N VAL B 258 -18.36 -4.24 -12.64
CA VAL B 258 -17.66 -2.98 -12.86
C VAL B 258 -18.44 -2.01 -13.75
N PRO B 259 -19.29 -1.13 -13.19
CA PRO B 259 -20.03 -0.18 -14.02
C PRO B 259 -19.16 0.90 -14.64
N PHE B 260 -18.01 1.20 -14.05
CA PHE B 260 -17.13 2.25 -14.52
C PHE B 260 -15.70 1.70 -14.43
N PRO B 261 -14.91 1.89 -15.46
CA PRO B 261 -13.71 1.04 -15.59
C PRO B 261 -12.74 1.16 -14.43
N ARG B 262 -12.55 2.37 -13.89
CA ARG B 262 -11.57 2.52 -12.82
C ARG B 262 -12.07 2.00 -11.47
N LEU B 263 -13.38 1.90 -11.28
CA LEU B 263 -13.94 1.46 -10.00
C LEU B 263 -14.09 -0.08 -9.99
N HIS B 264 -12.95 -0.76 -9.98
CA HIS B 264 -12.95 -2.23 -10.02
C HIS B 264 -12.21 -2.81 -8.80
N PHE B 265 -12.32 -2.14 -7.66
CA PHE B 265 -11.67 -2.56 -6.43
C PHE B 265 -12.72 -3.11 -5.50
N PHE B 266 -12.72 -4.42 -5.32
CA PHE B 266 -13.74 -5.12 -4.56
C PHE B 266 -13.33 -5.36 -3.11
N MET B 267 -14.29 -5.18 -2.17
CA MET B 267 -14.22 -5.59 -0.77
C MET B 267 -14.63 -7.04 -0.64
N PRO B 268 -13.73 -7.96 -0.33
CA PRO B 268 -14.15 -9.32 -0.02
C PRO B 268 -14.62 -9.44 1.42
N GLY B 269 -15.41 -10.47 1.67
CA GLY B 269 -15.91 -10.74 3.01
C GLY B 269 -16.19 -12.22 3.15
N PHE B 270 -16.09 -12.71 4.38
CA PHE B 270 -16.22 -14.15 4.57
C PHE B 270 -17.00 -14.41 5.84
N ALA B 271 -17.72 -15.54 5.85
CA ALA B 271 -18.49 -15.98 7.04
C ALA B 271 -18.64 -17.49 6.99
N PRO B 272 -18.44 -18.19 8.11
CA PRO B 272 -18.09 -17.69 9.45
C PRO B 272 -16.62 -17.41 9.59
N LEU B 273 -16.20 -16.34 10.28
CA LEU B 273 -14.78 -16.16 10.57
C LEU B 273 -14.30 -17.25 11.53
N THR B 274 -13.26 -17.96 11.13
CA THR B 274 -12.68 -19.06 11.90
C THR B 274 -11.19 -18.82 12.09
N SER B 275 -10.64 -19.43 13.13
CA SER B 275 -9.21 -19.37 13.41
C SER B 275 -8.62 -20.77 13.27
N ARG B 276 -7.41 -20.84 12.69
CA ARG B 276 -6.80 -22.11 12.29
C ARG B 276 -6.90 -23.14 13.41
N GLY B 277 -6.99 -24.41 13.01
CA GLY B 277 -6.97 -25.50 13.96
C GLY B 277 -8.27 -25.71 14.70
N SER B 278 -8.64 -24.77 15.57
CA SER B 278 -9.87 -24.90 16.32
C SER B 278 -11.07 -24.93 15.37
N GLN B 279 -11.78 -26.04 15.37
CA GLN B 279 -13.03 -26.18 14.62
C GLN B 279 -14.19 -26.08 15.60
N GLN B 280 -15.13 -25.19 15.32
CA GLN B 280 -16.39 -25.18 16.04
C GLN B 280 -17.41 -26.00 15.26
N TYR B 281 -18.38 -26.57 16.00
CA TYR B 281 -19.11 -27.75 15.55
C TYR B 281 -20.57 -27.49 15.20
N ARG B 282 -21.11 -26.31 15.52
CA ARG B 282 -22.46 -25.95 15.09
C ARG B 282 -22.36 -25.31 13.71
N ALA B 283 -23.11 -25.85 12.74
CA ALA B 283 -23.17 -25.14 11.48
C ALA B 283 -24.00 -23.88 11.64
N LEU B 284 -23.78 -22.95 10.71
CA LEU B 284 -24.57 -21.74 10.78
C LEU B 284 -25.93 -21.95 10.14
N THR B 285 -26.84 -21.05 10.45
CA THR B 285 -28.13 -21.00 9.77
C THR B 285 -28.05 -19.94 8.68
N VAL B 286 -28.66 -20.23 7.55
CA VAL B 286 -28.63 -19.35 6.38
C VAL B 286 -28.84 -17.89 6.81
N PRO B 287 -29.74 -17.59 7.75
CA PRO B 287 -29.81 -16.22 8.24
C PRO B 287 -28.51 -15.73 8.86
N GLU B 288 -27.74 -16.62 9.47
CA GLU B 288 -26.49 -16.21 10.13
C GLU B 288 -25.43 -15.87 9.10
N LEU B 289 -25.21 -16.77 8.14
CA LEU B 289 -24.32 -16.47 7.02
C LEU B 289 -24.63 -15.11 6.43
N THR B 290 -25.91 -14.84 6.20
CA THR B 290 -26.29 -13.64 5.48
C THR B 290 -26.02 -12.37 6.31
N GLN B 291 -26.35 -12.40 7.60
CA GLN B 291 -26.05 -11.23 8.43
C GLN B 291 -24.55 -11.05 8.60
N GLN B 292 -23.82 -12.15 8.89
CA GLN B 292 -22.38 -12.06 9.10
C GLN B 292 -21.67 -11.56 7.86
N MET B 293 -21.95 -12.17 6.70
CA MET B 293 -21.23 -11.85 5.46
C MET B 293 -21.37 -10.38 5.07
N PHE B 294 -22.49 -9.75 5.40
CA PHE B 294 -22.61 -8.31 5.18
C PHE B 294 -22.08 -7.51 6.35
N ASP B 295 -21.64 -8.18 7.42
CA ASP B 295 -21.15 -7.48 8.59
C ASP B 295 -19.80 -6.84 8.28
N SER B 296 -19.64 -5.56 8.68
CA SER B 296 -18.34 -4.94 8.46
C SER B 296 -17.24 -5.72 9.16
N LYS B 297 -17.55 -6.39 10.28
CA LYS B 297 -16.58 -7.19 11.01
C LYS B 297 -16.07 -8.38 10.20
N ASN B 298 -16.70 -8.70 9.08
CA ASN B 298 -16.32 -9.80 8.22
C ASN B 298 -15.71 -9.33 6.89
N MET B 299 -15.66 -8.02 6.66
CA MET B 299 -15.01 -7.47 5.49
C MET B 299 -13.48 -7.56 5.62
N MET B 300 -12.80 -7.93 4.51
CA MET B 300 -11.35 -8.01 4.46
C MET B 300 -10.70 -6.74 3.91
N ALA B 301 -11.40 -5.61 3.94
CA ALA B 301 -10.87 -4.29 3.60
C ALA B 301 -11.43 -3.36 4.65
N ALA B 302 -10.53 -2.72 5.41
CA ALA B 302 -10.99 -1.99 6.58
C ALA B 302 -11.80 -0.77 6.13
N CYS B 303 -13.01 -1.03 5.65
CA CYS B 303 -13.97 0.00 5.30
C CYS B 303 -15.29 -0.30 5.98
N ASP B 304 -15.99 0.77 6.32
CA ASP B 304 -17.33 0.69 6.88
C ASP B 304 -18.32 0.71 5.73
N PRO B 305 -19.02 -0.40 5.44
CA PRO B 305 -19.93 -0.39 4.28
C PRO B 305 -21.03 0.64 4.44
N ARG B 306 -21.38 0.98 5.68
CA ARG B 306 -22.38 2.01 5.96
C ARG B 306 -21.91 3.42 5.63
N HIS B 307 -20.62 3.63 5.29
CA HIS B 307 -20.14 4.92 4.84
C HIS B 307 -20.12 5.04 3.32
N GLY B 308 -20.48 3.99 2.59
CA GLY B 308 -20.63 4.09 1.15
C GLY B 308 -21.93 3.47 0.64
N ARG B 309 -22.06 3.34 -0.68
CA ARG B 309 -23.16 2.58 -1.27
C ARG B 309 -22.58 1.43 -2.06
N TYR B 310 -23.28 0.30 -2.04
CA TYR B 310 -22.91 -0.84 -2.87
C TYR B 310 -23.27 -0.56 -4.32
N LEU B 311 -22.26 -0.42 -5.16
CA LEU B 311 -22.50 -0.39 -6.59
C LEU B 311 -23.06 -1.73 -7.06
N THR B 312 -22.31 -2.81 -6.84
CA THR B 312 -22.75 -4.15 -7.18
C THR B 312 -22.30 -5.11 -6.08
N VAL B 313 -22.89 -6.30 -6.08
CA VAL B 313 -22.60 -7.29 -5.04
C VAL B 313 -22.74 -8.68 -5.64
N ALA B 314 -21.74 -9.54 -5.41
CA ALA B 314 -21.88 -10.96 -5.67
C ALA B 314 -21.72 -11.71 -4.35
N ALA B 315 -22.53 -12.74 -4.14
CA ALA B 315 -22.51 -13.51 -2.89
C ALA B 315 -22.59 -14.99 -3.21
N ILE B 316 -21.72 -15.77 -2.58
CA ILE B 316 -21.57 -17.19 -2.90
C ILE B 316 -21.76 -18.00 -1.63
N PHE B 317 -22.67 -18.98 -1.68
CA PHE B 317 -23.05 -19.80 -0.53
C PHE B 317 -22.56 -21.22 -0.75
N ARG B 318 -21.87 -21.79 0.23
CA ARG B 318 -21.28 -23.11 0.05
C ARG B 318 -21.79 -24.08 1.11
N GLY B 319 -22.35 -25.19 0.66
CA GLY B 319 -22.87 -26.25 1.51
C GLY B 319 -24.27 -26.66 1.12
N ARG B 320 -24.75 -27.71 1.80
CA ARG B 320 -26.13 -28.18 1.65
C ARG B 320 -27.06 -27.23 2.41
N MET B 321 -27.95 -26.56 1.68
CA MET B 321 -28.88 -25.61 2.29
C MET B 321 -29.97 -25.29 1.27
N SER B 322 -31.05 -24.69 1.77
CA SER B 322 -32.19 -24.36 0.93
C SER B 322 -31.89 -23.11 0.12
N MET B 323 -31.85 -23.25 -1.22
CA MET B 323 -31.83 -22.06 -2.04
C MET B 323 -33.10 -21.24 -1.91
N LYS B 324 -34.17 -21.80 -1.33
CA LYS B 324 -35.30 -20.95 -0.97
C LYS B 324 -34.90 -20.00 0.17
N GLU B 325 -34.35 -20.54 1.25
CA GLU B 325 -33.97 -19.68 2.37
C GLU B 325 -32.85 -18.71 1.99
N VAL B 326 -31.93 -19.12 1.12
CA VAL B 326 -30.93 -18.19 0.63
C VAL B 326 -31.60 -17.05 -0.12
N ASP B 327 -32.44 -17.37 -1.11
CA ASP B 327 -33.24 -16.36 -1.81
C ASP B 327 -33.93 -15.43 -0.81
N GLU B 328 -34.54 -16.00 0.23
CA GLU B 328 -35.32 -15.18 1.16
C GLU B 328 -34.42 -14.33 2.04
N GLN B 329 -33.35 -14.93 2.58
CA GLN B 329 -32.44 -14.18 3.45
C GLN B 329 -31.71 -13.09 2.68
N MET B 330 -31.40 -13.34 1.40
CA MET B 330 -30.72 -12.32 0.60
C MET B 330 -31.67 -11.21 0.17
N LEU B 331 -32.90 -11.55 -0.23
CA LEU B 331 -33.88 -10.51 -0.53
C LEU B 331 -34.19 -9.67 0.71
N ASN B 332 -34.01 -10.26 1.90
CA ASN B 332 -34.39 -9.52 3.09
C ASN B 332 -33.35 -8.49 3.51
N VAL B 333 -32.05 -8.75 3.32
CA VAL B 333 -31.05 -7.77 3.76
C VAL B 333 -31.05 -6.56 2.83
N GLN B 334 -31.31 -6.76 1.54
CA GLN B 334 -31.50 -5.65 0.62
C GLN B 334 -32.68 -4.77 1.06
N ASN B 335 -33.90 -5.34 1.05
CA ASN B 335 -35.08 -4.56 1.38
C ASN B 335 -35.08 -4.05 2.83
N LYS B 336 -34.19 -4.55 3.69
CA LYS B 336 -34.00 -3.93 4.99
C LYS B 336 -33.06 -2.74 4.94
N ASN B 337 -32.02 -2.83 4.11
CA ASN B 337 -31.00 -1.81 4.05
C ASN B 337 -30.84 -1.32 2.62
N SER B 338 -31.99 -1.14 1.96
CA SER B 338 -32.04 -0.70 0.58
C SER B 338 -31.43 0.68 0.37
N SER B 339 -31.26 1.46 1.43
CA SER B 339 -30.58 2.75 1.30
C SER B 339 -29.15 2.57 0.77
N TYR B 340 -28.45 1.53 1.24
CA TYR B 340 -27.04 1.32 0.95
C TYR B 340 -26.77 0.59 -0.37
N PHE B 341 -27.77 0.43 -1.24
CA PHE B 341 -27.55 -0.08 -2.59
C PHE B 341 -27.98 1.01 -3.55
N VAL B 342 -27.24 1.20 -4.64
CA VAL B 342 -27.60 2.30 -5.51
C VAL B 342 -28.94 1.99 -6.16
N GLU B 343 -29.78 3.02 -6.28
CA GLU B 343 -31.02 2.84 -7.02
C GLU B 343 -30.77 2.71 -8.52
N TRP B 344 -29.67 3.26 -9.03
CA TRP B 344 -29.54 3.42 -10.46
C TRP B 344 -28.82 2.25 -11.14
N ILE B 345 -28.55 1.18 -10.41
CA ILE B 345 -28.27 -0.12 -11.00
C ILE B 345 -29.31 -1.10 -10.47
N PRO B 346 -30.44 -1.26 -11.13
CA PRO B 346 -31.45 -2.20 -10.64
C PRO B 346 -30.87 -3.57 -10.38
N ASN B 347 -31.34 -4.21 -9.30
CA ASN B 347 -31.09 -5.63 -9.05
C ASN B 347 -29.60 -5.97 -9.08
N ASN B 348 -28.82 -5.19 -8.33
CA ASN B 348 -27.36 -5.21 -8.35
C ASN B 348 -26.74 -6.26 -7.42
N VAL B 349 -27.54 -7.04 -6.72
CA VAL B 349 -27.07 -8.13 -5.87
C VAL B 349 -27.43 -9.45 -6.52
N LYS B 350 -26.42 -10.26 -6.81
CA LYS B 350 -26.59 -11.57 -7.43
C LYS B 350 -25.99 -12.62 -6.50
N THR B 351 -26.54 -13.82 -6.53
CA THR B 351 -26.18 -14.86 -5.57
C THR B 351 -26.03 -16.20 -6.30
N ALA B 352 -25.15 -17.04 -5.81
CA ALA B 352 -24.91 -18.34 -6.40
C ALA B 352 -24.71 -19.35 -5.27
N VAL B 353 -24.86 -20.63 -5.58
CA VAL B 353 -24.69 -21.67 -4.57
C VAL B 353 -23.92 -22.85 -5.16
N CYS B 354 -23.06 -23.43 -4.35
CA CYS B 354 -22.27 -24.59 -4.72
C CYS B 354 -22.37 -25.63 -3.61
N ASP B 355 -22.55 -26.89 -3.98
CA ASP B 355 -22.81 -27.91 -2.98
C ASP B 355 -21.59 -28.16 -2.10
N ILE B 356 -20.40 -28.24 -2.68
CA ILE B 356 -19.21 -28.58 -1.91
C ILE B 356 -18.84 -27.44 -0.96
N PRO B 357 -18.87 -27.63 0.35
CA PRO B 357 -18.33 -26.61 1.26
C PRO B 357 -16.82 -26.67 1.29
N PRO B 358 -16.15 -25.64 1.78
CA PRO B 358 -14.71 -25.74 1.98
C PRO B 358 -14.38 -26.66 3.15
N ARG B 359 -13.13 -27.11 3.18
CA ARG B 359 -12.68 -27.99 4.27
C ARG B 359 -12.92 -27.34 5.63
N GLY B 360 -13.37 -28.15 6.57
CA GLY B 360 -13.50 -27.71 7.93
C GLY B 360 -14.86 -27.16 8.29
N LEU B 361 -15.60 -26.60 7.33
CA LEU B 361 -16.88 -25.97 7.60
C LEU B 361 -17.98 -26.73 6.87
N LYS B 362 -19.18 -26.72 7.45
CA LYS B 362 -20.32 -27.35 6.81
C LYS B 362 -21.08 -26.40 5.91
N MET B 363 -20.95 -25.11 6.15
CA MET B 363 -21.68 -24.10 5.40
C MET B 363 -20.96 -22.75 5.50
N SER B 364 -20.86 -22.06 4.37
CA SER B 364 -20.07 -20.84 4.32
C SER B 364 -20.61 -19.87 3.27
N ALA B 365 -20.37 -18.60 3.53
CA ALA B 365 -20.80 -17.50 2.67
C ALA B 365 -19.59 -16.62 2.36
N THR B 366 -19.27 -16.45 1.07
CA THR B 366 -18.26 -15.49 0.65
C THR B 366 -18.91 -14.29 -0.04
N PHE B 367 -18.45 -13.09 0.34
CA PHE B 367 -19.05 -11.82 -0.11
C PHE B 367 -18.06 -11.06 -0.99
N ILE B 368 -18.52 -10.56 -2.14
CA ILE B 368 -17.72 -9.71 -3.02
C ILE B 368 -18.47 -8.42 -3.26
N GLY B 369 -18.01 -7.34 -2.65
CA GLY B 369 -18.68 -6.05 -2.78
C GLY B 369 -17.89 -4.97 -3.52
N ASN B 370 -18.50 -4.38 -4.54
CA ASN B 370 -17.99 -3.15 -5.14
C ASN B 370 -18.67 -1.95 -4.48
N SER B 371 -18.22 -1.63 -3.28
CA SER B 371 -18.74 -0.53 -2.50
C SER B 371 -17.92 0.73 -2.73
N THR B 372 -18.61 1.87 -2.82
CA THR B 372 -17.89 3.13 -2.78
C THR B 372 -17.26 3.40 -1.41
N ALA B 373 -17.46 2.54 -0.42
CA ALA B 373 -16.79 2.79 0.83
C ALA B 373 -15.32 2.38 0.81
N ILE B 374 -14.89 1.67 -0.23
CA ILE B 374 -13.46 1.35 -0.39
C ILE B 374 -12.62 2.61 -0.48
N GLN B 375 -13.20 3.73 -0.89
CA GLN B 375 -12.43 4.96 -0.85
C GLN B 375 -11.77 5.18 0.49
N GLU B 376 -12.38 4.72 1.58
CA GLU B 376 -11.79 4.90 2.91
C GLU B 376 -10.40 4.28 2.96
N LEU B 377 -10.22 3.14 2.28
CA LEU B 377 -8.91 2.53 2.18
C LEU B 377 -7.94 3.43 1.43
N PHE B 378 -8.35 3.89 0.25
CA PHE B 378 -7.45 4.72 -0.55
C PHE B 378 -7.19 6.06 0.10
N LYS B 379 -8.07 6.53 0.98
CA LYS B 379 -7.76 7.74 1.74
C LYS B 379 -6.75 7.44 2.81
N ARG B 380 -6.90 6.31 3.49
CA ARG B 380 -5.99 5.97 4.57
C ARG B 380 -4.56 6.00 4.05
N ILE B 381 -4.34 5.36 2.91
CA ILE B 381 -3.00 5.27 2.33
C ILE B 381 -2.57 6.61 1.77
N SER B 382 -3.48 7.38 1.21
CA SER B 382 -3.08 8.69 0.73
C SER B 382 -2.61 9.58 1.87
N GLU B 383 -3.20 9.42 3.05
CA GLU B 383 -2.76 10.21 4.19
C GLU B 383 -1.35 9.83 4.63
N GLN B 384 -1.09 8.53 4.77
CA GLN B 384 0.26 8.11 5.13
C GLN B 384 1.26 8.52 4.05
N PHE B 385 0.87 8.43 2.78
CA PHE B 385 1.74 8.87 1.70
C PHE B 385 2.14 10.33 1.87
N THR B 386 1.17 11.25 1.95
CA THR B 386 1.63 12.63 1.99
C THR B 386 2.21 13.02 3.35
N ALA B 387 1.96 12.24 4.39
CA ALA B 387 2.53 12.57 5.68
C ALA B 387 4.05 12.62 5.59
N MET B 388 4.65 11.69 4.83
CA MET B 388 6.08 11.69 4.56
C MET B 388 6.47 12.52 3.35
N PHE B 389 5.71 12.42 2.24
CA PHE B 389 6.14 13.04 0.99
C PHE B 389 6.17 14.56 1.07
N ARG B 390 5.35 15.17 1.94
CA ARG B 390 5.40 16.63 2.06
C ARG B 390 6.75 17.10 2.58
N ARG B 391 7.55 16.19 3.15
CA ARG B 391 8.92 16.43 3.57
C ARG B 391 9.90 15.62 2.72
N LYS B 392 9.42 15.00 1.64
CA LYS B 392 10.31 14.26 0.74
C LYS B 392 11.14 13.23 1.52
N ALA B 393 10.55 12.69 2.58
CA ALA B 393 11.22 11.73 3.43
C ALA B 393 11.32 10.37 2.75
N PHE B 394 12.47 9.73 2.95
CA PHE B 394 12.80 8.41 2.40
C PHE B 394 12.83 8.40 0.88
N LEU B 395 12.58 9.54 0.25
CA LEU B 395 12.54 9.57 -1.22
C LEU B 395 13.84 9.12 -1.87
N HIS B 396 14.98 9.33 -1.21
CA HIS B 396 16.27 9.04 -1.83
C HIS B 396 16.38 7.57 -2.21
N TRP B 397 15.76 6.68 -1.44
CA TRP B 397 15.79 5.27 -1.79
C TRP B 397 15.32 5.06 -3.21
N TYR B 398 14.50 5.97 -3.73
CA TYR B 398 13.90 5.87 -5.05
C TYR B 398 14.54 6.78 -6.08
N THR B 399 14.87 8.02 -5.71
CA THR B 399 15.60 8.85 -6.65
C THR B 399 16.93 8.21 -7.00
N GLY B 400 17.45 7.39 -6.09
CA GLY B 400 18.66 6.64 -6.36
C GLY B 400 18.53 5.58 -7.43
N GLU B 401 17.32 5.18 -7.77
CA GLU B 401 17.14 4.15 -8.80
C GLU B 401 16.51 4.73 -10.05
N GLY B 402 16.50 6.05 -10.21
CA GLY B 402 16.08 6.70 -11.43
C GLY B 402 14.83 7.52 -11.29
N MET B 403 14.05 7.34 -10.22
CA MET B 403 12.73 7.92 -10.21
C MET B 403 12.80 9.40 -9.92
N ASP B 404 11.80 10.10 -10.38
CA ASP B 404 11.65 11.53 -10.18
C ASP B 404 10.58 11.81 -9.15
N GLU B 405 10.72 12.93 -8.45
CA GLU B 405 9.65 13.40 -7.58
C GLU B 405 8.34 13.47 -8.34
N MET B 406 8.40 13.89 -9.60
CA MET B 406 7.19 14.05 -10.39
C MET B 406 6.37 12.78 -10.41
N GLU B 407 7.04 11.64 -10.57
CA GLU B 407 6.33 10.38 -10.66
C GLU B 407 5.50 10.12 -9.41
N PHE B 408 5.94 10.65 -8.27
CA PHE B 408 5.20 10.48 -7.03
C PHE B 408 4.00 11.40 -7.01
N THR B 409 4.19 12.64 -7.46
CA THR B 409 3.08 13.59 -7.55
C THR B 409 1.98 13.05 -8.45
N GLU B 410 2.34 12.41 -9.57
CA GLU B 410 1.33 11.81 -10.44
C GLU B 410 0.59 10.67 -9.74
N ALA B 411 1.33 9.71 -9.17
CA ALA B 411 0.69 8.61 -8.46
C ALA B 411 -0.19 9.13 -7.32
N GLU B 412 0.35 10.01 -6.48
CA GLU B 412 -0.47 10.62 -5.45
C GLU B 412 -1.73 11.21 -6.03
N SER B 413 -1.59 11.89 -7.16
CA SER B 413 -2.69 12.62 -7.76
C SER B 413 -3.73 11.67 -8.34
N ASN B 414 -3.27 10.60 -9.00
CA ASN B 414 -4.21 9.64 -9.57
C ASN B 414 -5.05 8.99 -8.48
N MET B 415 -4.44 8.72 -7.32
CA MET B 415 -5.19 8.09 -6.22
C MET B 415 -6.21 9.05 -5.63
N ASN B 416 -5.83 10.31 -5.41
CA ASN B 416 -6.82 11.27 -4.94
C ASN B 416 -7.96 11.41 -5.95
N ASP B 417 -7.64 11.38 -7.25
CA ASP B 417 -8.69 11.29 -8.25
C ASP B 417 -9.57 10.07 -8.02
N LEU B 418 -8.96 8.89 -7.86
CA LEU B 418 -9.76 7.68 -7.64
C LEU B 418 -10.71 7.86 -6.48
N VAL B 419 -10.23 8.50 -5.40
CA VAL B 419 -11.09 8.67 -4.23
C VAL B 419 -12.21 9.66 -4.56
N SER B 420 -11.93 10.68 -5.37
CA SER B 420 -12.99 11.60 -5.79
C SER B 420 -14.04 10.87 -6.61
N GLU B 421 -13.60 9.96 -7.48
CA GLU B 421 -14.53 9.21 -8.29
C GLU B 421 -15.42 8.31 -7.43
N TYR B 422 -14.84 7.59 -6.48
CA TYR B 422 -15.70 6.82 -5.58
C TYR B 422 -16.66 7.75 -4.83
N GLN B 423 -16.24 8.99 -4.58
CA GLN B 423 -17.08 9.91 -3.83
C GLN B 423 -18.25 10.42 -4.67
N GLN B 424 -18.04 10.53 -5.98
CA GLN B 424 -19.09 10.99 -6.89
C GLN B 424 -20.34 10.12 -6.79
N TYR B 425 -20.16 8.79 -6.79
CA TYR B 425 -21.27 7.86 -6.84
C TYR B 425 -21.88 7.57 -5.49
N GLN B 426 -21.22 7.98 -4.40
CA GLN B 426 -21.81 7.86 -3.08
C GLN B 426 -22.93 8.87 -2.87
N ASP B 427 -23.04 9.86 -3.74
CA ASP B 427 -24.12 10.83 -3.68
C ASP B 427 -25.15 10.68 -4.80
N ALA B 428 -24.72 10.19 -5.97
CA ALA B 428 -25.60 9.98 -7.13
C ALA B 428 -26.94 9.33 -6.76
N MET C 1 23.81 -15.68 -0.31
CA MET C 1 25.10 -15.05 -0.51
C MET C 1 25.10 -13.90 0.43
N ARG C 2 24.94 -12.71 -0.14
CA ARG C 2 24.85 -11.48 0.63
C ARG C 2 26.02 -11.39 1.62
N GLU C 3 27.24 -11.58 1.10
CA GLU C 3 28.45 -11.56 1.91
C GLU C 3 28.84 -10.12 2.25
N CYS C 4 29.38 -9.93 3.46
CA CYS C 4 29.88 -8.63 3.90
C CYS C 4 31.38 -8.74 4.14
N ILE C 5 32.14 -7.80 3.61
CA ILE C 5 33.56 -7.67 3.94
C ILE C 5 33.71 -6.61 5.03
N SER C 6 34.44 -6.96 6.09
CA SER C 6 34.76 -6.04 7.16
C SER C 6 36.17 -5.51 6.96
N ILE C 7 36.35 -4.21 7.11
CA ILE C 7 37.66 -3.57 7.08
C ILE C 7 37.93 -2.84 8.39
N HIS C 8 39.06 -3.20 9.02
CA HIS C 8 39.47 -2.73 10.34
C HIS C 8 40.72 -1.88 10.18
N VAL C 9 40.61 -0.60 10.51
CA VAL C 9 41.57 0.41 10.13
C VAL C 9 42.09 1.08 11.39
N GLY C 10 43.40 0.93 11.65
CA GLY C 10 44.07 1.59 12.77
C GLY C 10 43.92 0.81 14.07
N GLN C 11 44.50 1.35 15.13
CA GLN C 11 44.50 0.61 16.39
C GLN C 11 43.09 0.29 16.88
N ALA C 12 42.25 1.32 17.09
CA ALA C 12 40.89 1.05 17.53
C ALA C 12 40.20 0.03 16.62
N GLY C 13 40.14 0.34 15.31
CA GLY C 13 39.52 -0.57 14.36
C GLY C 13 40.05 -1.99 14.42
N VAL C 14 41.38 -2.14 14.46
CA VAL C 14 41.94 -3.49 14.50
C VAL C 14 41.57 -4.19 15.81
N GLN C 15 41.89 -3.57 16.94
CA GLN C 15 41.58 -4.18 18.22
C GLN C 15 40.09 -4.47 18.37
N ILE C 16 39.22 -3.63 17.80
CA ILE C 16 37.80 -3.95 17.91
C ILE C 16 37.46 -5.14 17.01
N GLY C 17 38.15 -5.26 15.86
CA GLY C 17 38.00 -6.47 15.05
C GLY C 17 38.41 -7.73 15.76
N ASN C 18 39.47 -7.68 16.57
CA ASN C 18 39.82 -8.84 17.40
C ASN C 18 38.69 -9.23 18.32
N ALA C 19 38.12 -8.27 19.04
CA ALA C 19 36.98 -8.60 19.88
C ALA C 19 35.84 -9.18 19.06
N CYS C 20 35.44 -8.50 17.97
CA CYS C 20 34.30 -8.97 17.17
C CYS C 20 34.54 -10.35 16.58
N TRP C 21 35.74 -10.59 16.03
CA TRP C 21 35.95 -11.86 15.36
C TRP C 21 36.15 -13.00 16.36
N GLU C 22 36.70 -12.72 17.55
CA GLU C 22 36.70 -13.76 18.58
C GLU C 22 35.28 -14.06 19.05
N LEU C 23 34.44 -13.02 19.14
CA LEU C 23 33.05 -13.23 19.54
C LEU C 23 32.27 -14.03 18.49
N TYR C 24 32.36 -13.64 17.21
CA TYR C 24 31.68 -14.40 16.15
C TYR C 24 32.04 -15.88 16.23
N CYS C 25 33.34 -16.19 16.35
CA CYS C 25 33.78 -17.58 16.43
C CYS C 25 33.08 -18.34 17.54
N LEU C 26 33.01 -17.75 18.75
CA LEU C 26 32.30 -18.42 19.82
C LEU C 26 30.82 -18.56 19.48
N GLU C 27 30.22 -17.55 18.83
CA GLU C 27 28.82 -17.64 18.45
C GLU C 27 28.58 -18.79 17.48
N HIS C 28 29.45 -18.93 16.47
CA HIS C 28 29.21 -19.92 15.42
C HIS C 28 29.89 -21.26 15.67
N GLY C 29 30.54 -21.45 16.82
CA GLY C 29 31.26 -22.68 17.08
C GLY C 29 32.54 -22.88 16.29
N ILE C 30 33.17 -21.81 15.81
CA ILE C 30 34.39 -21.93 15.02
C ILE C 30 35.58 -21.87 15.97
N GLN C 31 36.56 -22.76 15.78
CA GLN C 31 37.72 -22.81 16.66
C GLN C 31 38.84 -21.94 16.13
N PRO C 32 39.78 -21.57 16.98
CA PRO C 32 40.85 -20.65 16.56
C PRO C 32 41.64 -21.12 15.35
N ASP C 33 41.64 -22.41 15.03
CA ASP C 33 42.28 -22.87 13.80
C ASP C 33 41.35 -22.77 12.59
N GLY C 34 40.10 -22.37 12.78
CA GLY C 34 39.18 -22.20 11.69
C GLY C 34 38.25 -23.35 11.42
N GLN C 35 38.46 -24.49 12.06
CA GLN C 35 37.55 -25.61 11.83
C GLN C 35 36.22 -25.40 12.56
N MET C 36 35.16 -25.94 11.96
CA MET C 36 33.79 -25.88 12.48
C MET C 36 33.24 -27.29 12.38
N PRO C 37 33.19 -28.04 13.47
CA PRO C 37 32.62 -29.40 13.38
C PRO C 37 31.18 -29.46 12.85
N SER C 38 30.36 -28.43 13.11
CA SER C 38 28.96 -28.49 12.67
C SER C 38 28.79 -28.20 11.18
N ASP C 39 29.70 -27.47 10.55
CA ASP C 39 29.60 -27.33 9.09
C ASP C 39 29.94 -28.67 8.46
N LYS C 40 28.93 -29.35 7.95
CA LYS C 40 29.18 -30.54 7.14
C LYS C 40 29.48 -30.20 5.67
N THR C 41 29.18 -28.98 5.22
CA THR C 41 29.45 -28.53 3.85
C THR C 41 30.87 -28.01 3.80
N ILE C 42 31.79 -28.90 3.43
CA ILE C 42 33.21 -28.57 3.42
C ILE C 42 33.56 -27.80 2.16
N GLY C 43 34.44 -26.80 2.32
CA GLY C 43 34.87 -25.97 1.21
C GLY C 43 33.92 -24.87 0.78
N GLY C 44 32.68 -24.87 1.28
CA GLY C 44 31.74 -23.82 0.91
C GLY C 44 30.38 -24.00 1.57
N GLY C 45 29.43 -23.27 1.03
CA GLY C 45 28.05 -23.28 1.50
C GLY C 45 27.46 -21.89 1.39
N ASP C 46 26.13 -21.83 1.50
CA ASP C 46 25.41 -20.55 1.62
C ASP C 46 24.65 -20.48 2.95
N ASP C 47 25.21 -21.07 3.99
CA ASP C 47 24.64 -20.90 5.32
C ASP C 47 24.83 -19.47 5.79
N SER C 48 24.03 -19.09 6.79
CA SER C 48 24.00 -17.70 7.19
C SER C 48 25.38 -17.23 7.61
N PHE C 49 26.11 -18.04 8.39
CA PHE C 49 27.44 -17.63 8.83
C PHE C 49 28.37 -17.39 7.66
N ASN C 50 28.08 -17.95 6.48
CA ASN C 50 28.98 -17.72 5.34
C ASN C 50 28.91 -16.29 4.82
N THR C 51 27.94 -15.48 5.27
CA THR C 51 27.97 -14.07 4.93
C THR C 51 29.20 -13.40 5.50
N PHE C 52 29.72 -13.88 6.64
CA PHE C 52 30.94 -13.34 7.23
C PHE C 52 32.17 -14.24 7.12
N PHE C 53 32.02 -15.50 6.73
CA PHE C 53 33.13 -16.45 6.74
C PHE C 53 33.16 -17.22 5.44
N SER C 54 34.29 -17.15 4.72
CA SER C 54 34.52 -18.12 3.65
C SER C 54 35.07 -19.42 4.24
N GLU C 55 35.03 -20.48 3.43
CA GLU C 55 35.53 -21.81 3.79
C GLU C 55 36.60 -22.24 2.80
N THR C 56 37.75 -22.69 3.31
CA THR C 56 38.73 -23.39 2.49
C THR C 56 38.37 -24.86 2.36
N GLY C 57 38.86 -25.47 1.28
CA GLY C 57 38.63 -26.89 1.05
C GLY C 57 39.07 -27.77 2.21
N ALA C 58 40.11 -27.35 2.93
CA ALA C 58 40.60 -28.08 4.10
C ALA C 58 39.71 -27.90 5.33
N GLY C 59 38.58 -27.19 5.21
CA GLY C 59 37.64 -27.04 6.29
C GLY C 59 37.80 -25.78 7.12
N LYS C 60 38.70 -24.90 6.75
CA LYS C 60 38.91 -23.69 7.55
C LYS C 60 37.89 -22.62 7.15
N HIS C 61 37.29 -22.00 8.16
CA HIS C 61 36.43 -20.84 7.95
C HIS C 61 37.26 -19.60 8.21
N VAL C 62 37.24 -18.69 7.26
CA VAL C 62 38.19 -17.58 7.18
C VAL C 62 37.42 -16.28 7.15
N PRO C 63 37.70 -15.34 8.05
CA PRO C 63 36.94 -14.08 8.05
C PRO C 63 37.06 -13.36 6.72
N ARG C 64 35.91 -12.92 6.20
CA ARG C 64 35.92 -11.94 5.12
C ARG C 64 36.28 -10.59 5.74
N ALA C 65 37.54 -10.45 6.16
CA ALA C 65 38.00 -9.24 6.82
C ALA C 65 39.38 -8.87 6.33
N VAL C 66 39.71 -7.60 6.51
CA VAL C 66 41.04 -7.06 6.24
C VAL C 66 41.40 -6.16 7.41
N PHE C 67 42.61 -6.31 7.93
CA PHE C 67 43.12 -5.42 8.96
C PHE C 67 44.20 -4.57 8.33
N VAL C 68 44.04 -3.25 8.41
CA VAL C 68 45.01 -2.32 7.86
C VAL C 68 45.42 -1.38 8.97
N ASP C 69 46.70 -1.19 9.14
CA ASP C 69 47.20 -0.18 10.07
C ASP C 69 48.53 0.28 9.50
N LEU C 70 48.82 1.57 9.67
CA LEU C 70 50.02 2.16 9.13
C LEU C 70 51.28 1.80 9.92
N GLU C 71 51.15 1.08 11.03
CA GLU C 71 52.31 0.51 11.70
C GLU C 71 51.98 -0.91 12.14
N PRO C 72 52.99 -1.66 12.61
CA PRO C 72 52.83 -3.10 12.78
C PRO C 72 52.63 -3.55 14.21
N THR C 73 52.90 -2.68 15.19
CA THR C 73 52.66 -3.00 16.59
C THR C 73 51.34 -3.75 16.78
N VAL C 74 50.23 -3.09 16.44
CA VAL C 74 48.92 -3.63 16.77
C VAL C 74 48.60 -4.87 15.93
N ILE C 75 48.93 -4.87 14.64
CA ILE C 75 48.55 -6.04 13.86
C ILE C 75 49.54 -7.21 14.09
N ASP C 76 50.80 -6.92 14.45
CA ASP C 76 51.69 -7.99 14.88
C ASP C 76 51.07 -8.84 15.99
N GLU C 77 50.26 -8.26 16.86
CA GLU C 77 49.66 -9.06 17.91
C GLU C 77 48.57 -9.99 17.37
N VAL C 78 47.86 -9.60 16.31
CA VAL C 78 46.97 -10.54 15.63
C VAL C 78 47.78 -11.68 14.99
N ARG C 79 48.88 -11.33 14.32
CA ARG C 79 49.68 -12.33 13.62
C ARG C 79 50.25 -13.38 14.57
N THR C 80 50.35 -13.09 15.87
CA THR C 80 50.96 -14.02 16.81
C THR C 80 50.03 -14.45 17.94
N GLY C 81 48.75 -14.08 17.91
CA GLY C 81 47.86 -14.28 19.02
C GLY C 81 46.98 -15.52 18.89
N THR C 82 46.08 -15.65 19.87
CA THR C 82 45.23 -16.84 19.94
C THR C 82 44.62 -17.23 18.60
N TYR C 83 44.29 -16.24 17.76
CA TYR C 83 43.53 -16.49 16.54
C TYR C 83 44.37 -16.26 15.28
N ARG C 84 45.70 -16.32 15.42
CA ARG C 84 46.59 -16.12 14.29
C ARG C 84 46.28 -17.08 13.14
N GLN C 85 45.86 -18.31 13.42
CA GLN C 85 45.61 -19.26 12.34
C GLN C 85 44.37 -18.94 11.54
N LEU C 86 43.52 -18.04 12.04
CA LEU C 86 42.24 -17.77 11.40
C LEU C 86 42.42 -16.97 10.13
N PHE C 87 43.42 -16.09 10.11
CA PHE C 87 43.58 -15.11 9.04
C PHE C 87 44.72 -15.52 8.14
N HIS C 88 44.52 -15.36 6.86
CA HIS C 88 45.60 -15.54 5.91
C HIS C 88 46.52 -14.33 5.97
N PRO C 89 47.80 -14.51 6.06
CA PRO C 89 48.74 -13.38 6.14
C PRO C 89 48.31 -12.17 5.33
N GLU C 90 47.89 -12.41 4.08
CA GLU C 90 47.58 -11.33 3.16
C GLU C 90 46.37 -10.50 3.58
N GLN C 91 45.57 -11.01 4.53
CA GLN C 91 44.49 -10.22 5.12
C GLN C 91 45.02 -9.18 6.12
N LEU C 92 46.25 -9.34 6.62
CA LEU C 92 46.80 -8.51 7.68
C LEU C 92 47.90 -7.62 7.11
N ILE C 93 47.59 -6.32 6.93
CA ILE C 93 48.40 -5.39 6.15
C ILE C 93 48.91 -4.28 7.06
N THR C 94 50.23 -4.08 7.08
CA THR C 94 50.82 -3.08 7.93
C THR C 94 51.87 -2.27 7.17
N GLY C 95 52.04 -1.02 7.57
CA GLY C 95 53.15 -0.19 7.11
C GLY C 95 54.31 -0.24 8.07
N LYS C 96 55.09 0.84 8.08
CA LYS C 96 56.27 0.94 8.93
C LYS C 96 56.23 2.15 9.84
N GLU C 97 55.46 3.16 9.50
CA GLU C 97 55.40 4.45 10.18
C GLU C 97 53.92 4.79 10.26
N ASP C 98 53.42 5.05 11.45
CA ASP C 98 51.98 5.27 11.51
C ASP C 98 51.69 6.73 11.12
N ALA C 99 50.47 7.20 11.37
CA ALA C 99 50.10 8.52 10.89
C ALA C 99 50.46 9.62 11.89
N ALA C 100 51.06 9.25 13.02
CA ALA C 100 51.39 10.17 14.11
C ALA C 100 50.21 11.10 14.47
N ASN C 101 49.02 10.50 14.63
CA ASN C 101 47.84 11.26 15.02
C ASN C 101 47.45 12.34 14.03
N ASN C 102 47.89 12.27 12.77
CA ASN C 102 47.72 13.36 11.82
C ASN C 102 46.84 12.93 10.65
N TYR C 103 45.72 13.63 10.45
CA TYR C 103 44.81 13.21 9.39
C TYR C 103 45.50 13.29 8.04
N ALA C 104 46.33 14.32 7.85
CA ALA C 104 47.01 14.49 6.58
C ALA C 104 47.92 13.31 6.28
N ARG C 105 48.68 12.86 7.28
CA ARG C 105 49.58 11.74 7.02
C ARG C 105 48.81 10.46 6.73
N GLY C 106 47.67 10.27 7.42
CA GLY C 106 46.85 9.11 7.17
C GLY C 106 46.21 9.15 5.80
N HIS C 107 45.74 10.32 5.38
CA HIS C 107 45.07 10.43 4.09
C HIS C 107 46.07 10.52 2.93
N TYR C 108 47.10 11.37 3.06
CA TYR C 108 48.00 11.65 1.95
C TYR C 108 49.37 11.02 2.12
N THR C 109 50.21 11.55 3.03
CA THR C 109 51.64 11.25 3.08
C THR C 109 51.94 9.79 3.31
N ILE C 110 51.57 9.25 4.46
CA ILE C 110 51.85 7.85 4.70
C ILE C 110 50.83 6.93 4.02
N GLY C 111 49.57 7.36 3.92
CA GLY C 111 48.54 6.47 3.40
C GLY C 111 48.64 6.22 1.91
N LYS C 112 49.03 7.25 1.14
CA LYS C 112 49.12 7.07 -0.31
C LYS C 112 50.09 5.96 -0.69
N GLU C 113 50.96 5.55 0.23
CA GLU C 113 51.93 4.51 -0.06
C GLU C 113 51.40 3.09 0.09
N ILE C 114 50.21 2.91 0.67
CA ILE C 114 49.72 1.55 0.94
C ILE C 114 48.30 1.34 0.39
N ILE C 115 47.66 2.40 -0.10
CA ILE C 115 46.26 2.32 -0.51
C ILE C 115 46.05 1.35 -1.66
N ASP C 116 46.94 1.36 -2.66
CA ASP C 116 46.73 0.41 -3.75
C ASP C 116 46.83 -1.01 -3.23
N LEU C 117 47.80 -1.27 -2.36
CA LEU C 117 47.94 -2.61 -1.83
C LEU C 117 46.72 -3.02 -1.01
N VAL C 118 46.16 -2.08 -0.22
CA VAL C 118 44.97 -2.41 0.55
C VAL C 118 43.79 -2.66 -0.39
N LEU C 119 43.59 -1.79 -1.38
CA LEU C 119 42.47 -2.04 -2.31
C LEU C 119 42.63 -3.37 -3.02
N ASP C 120 43.85 -3.72 -3.43
CA ASP C 120 44.09 -5.00 -4.09
C ASP C 120 43.66 -6.15 -3.21
N ARG C 121 44.15 -6.16 -1.97
CA ARG C 121 43.77 -7.21 -1.05
C ARG C 121 42.26 -7.29 -0.88
N ILE C 122 41.59 -6.13 -0.82
CA ILE C 122 40.13 -6.14 -0.74
C ILE C 122 39.53 -6.79 -1.98
N ARG C 123 40.06 -6.45 -3.16
CA ARG C 123 39.53 -7.07 -4.38
C ARG C 123 39.62 -8.60 -4.33
N LYS C 124 40.71 -9.15 -3.78
CA LYS C 124 40.80 -10.60 -3.67
C LYS C 124 39.71 -11.15 -2.76
N LEU C 125 39.24 -10.35 -1.79
CA LEU C 125 38.12 -10.81 -0.97
C LEU C 125 36.78 -10.69 -1.70
N ALA C 126 36.61 -9.63 -2.49
CA ALA C 126 35.34 -9.48 -3.18
C ALA C 126 35.20 -10.50 -4.32
N ASP C 127 36.31 -10.81 -5.00
CA ASP C 127 36.27 -11.79 -6.08
C ASP C 127 35.86 -13.17 -5.60
N GLN C 128 35.89 -13.45 -4.29
CA GLN C 128 35.42 -14.72 -3.76
C GLN C 128 33.95 -14.68 -3.40
N CYS C 129 33.23 -13.65 -3.84
CA CYS C 129 31.86 -13.38 -3.40
C CYS C 129 30.89 -13.63 -4.54
N THR C 130 29.87 -14.44 -4.28
CA THR C 130 28.84 -14.67 -5.28
C THR C 130 27.80 -13.55 -5.31
N GLY C 131 27.61 -12.82 -4.21
CA GLY C 131 26.69 -11.69 -4.19
C GLY C 131 27.03 -10.63 -3.16
N LEU C 132 28.21 -10.02 -3.29
CA LEU C 132 28.69 -9.08 -2.30
C LEU C 132 27.66 -8.00 -1.97
N GLN C 133 27.34 -7.90 -0.68
CA GLN C 133 26.37 -6.92 -0.18
C GLN C 133 27.04 -5.58 0.11
N GLY C 134 28.13 -5.57 0.85
CA GLY C 134 28.72 -4.30 1.21
C GLY C 134 29.90 -4.49 2.11
N PHE C 135 30.39 -3.37 2.65
CA PHE C 135 31.54 -3.33 3.54
C PHE C 135 31.12 -2.83 4.91
N LEU C 136 31.84 -3.28 5.93
CA LEU C 136 31.68 -2.83 7.31
C LEU C 136 33.04 -2.30 7.75
N VAL C 137 33.15 -0.99 7.95
CA VAL C 137 34.42 -0.31 8.15
C VAL C 137 34.54 0.16 9.61
N PHE C 138 35.52 -0.37 10.33
CA PHE C 138 35.74 -0.08 11.75
C PHE C 138 36.97 0.82 11.90
N HIS C 139 36.82 1.94 12.60
CA HIS C 139 37.91 2.90 12.68
C HIS C 139 37.60 3.90 13.76
N SER C 140 38.64 4.45 14.36
CA SER C 140 38.46 5.58 15.26
C SER C 140 38.25 6.87 14.46
N PHE C 141 37.55 7.83 15.09
CA PHE C 141 37.57 9.21 14.64
C PHE C 141 38.90 9.87 14.93
N GLY C 142 39.57 9.44 16.00
CA GLY C 142 40.66 10.21 16.60
C GLY C 142 42.03 10.00 16.02
N GLY C 143 42.38 8.76 15.68
CA GLY C 143 43.71 8.50 15.19
C GLY C 143 43.90 9.00 13.78
N GLY C 144 45.16 9.25 13.43
CA GLY C 144 45.48 9.73 12.10
C GLY C 144 45.24 8.71 11.02
N THR C 145 45.44 7.43 11.32
CA THR C 145 45.00 6.39 10.40
C THR C 145 43.48 6.24 10.44
N GLY C 146 42.92 6.00 11.63
CA GLY C 146 41.49 5.95 11.82
C GLY C 146 40.73 6.99 11.03
N SER C 147 41.22 8.23 11.00
CA SER C 147 40.51 9.30 10.29
C SER C 147 40.94 9.43 8.82
N GLY C 148 42.21 9.73 8.58
CA GLY C 148 42.65 10.03 7.24
C GLY C 148 42.81 8.83 6.31
N PHE C 149 43.17 7.65 6.84
CA PHE C 149 43.23 6.51 5.93
C PHE C 149 41.85 5.94 5.64
N THR C 150 41.00 5.86 6.66
CA THR C 150 39.61 5.46 6.45
C THR C 150 38.99 6.26 5.33
N SER C 151 39.15 7.57 5.36
CA SER C 151 38.43 8.40 4.41
C SER C 151 39.02 8.29 3.01
N LEU C 152 40.34 8.10 2.90
CA LEU C 152 40.96 7.80 1.62
C LEU C 152 40.42 6.49 1.06
N LEU C 153 40.34 5.46 1.90
CA LEU C 153 39.81 4.17 1.49
C LEU C 153 38.34 4.25 1.12
N MET C 154 37.60 5.18 1.76
CA MET C 154 36.17 5.32 1.51
C MET C 154 35.93 5.93 0.14
N GLU C 155 36.60 7.06 -0.15
CA GLU C 155 36.60 7.61 -1.50
C GLU C 155 36.96 6.53 -2.51
N ARG C 156 38.01 5.76 -2.24
CA ARG C 156 38.43 4.75 -3.20
C ARG C 156 37.37 3.68 -3.36
N LEU C 157 36.87 3.13 -2.24
CA LEU C 157 35.82 2.11 -2.33
C LEU C 157 34.63 2.60 -3.16
N SER C 158 34.27 3.88 -3.02
CA SER C 158 33.19 4.45 -3.83
C SER C 158 33.50 4.39 -5.31
N VAL C 159 34.79 4.52 -5.67
CA VAL C 159 35.18 4.50 -7.06
C VAL C 159 35.19 3.07 -7.60
N ASP C 160 35.74 2.14 -6.83
CA ASP C 160 35.87 0.77 -7.28
C ASP C 160 34.59 -0.04 -7.09
N TYR C 161 33.68 0.40 -6.22
CA TYR C 161 32.49 -0.40 -5.96
C TYR C 161 31.22 0.43 -6.05
N GLY C 162 31.32 1.67 -6.54
CA GLY C 162 30.13 2.44 -6.84
C GLY C 162 29.27 2.57 -5.59
N LYS C 163 27.98 2.28 -5.73
CA LYS C 163 27.04 2.55 -4.65
C LYS C 163 26.85 1.38 -3.69
N LYS C 164 27.51 0.23 -3.96
CA LYS C 164 27.60 -0.87 -3.00
C LYS C 164 27.73 -0.34 -1.57
N SER C 165 27.02 -0.96 -0.62
CA SER C 165 26.93 -0.42 0.75
C SER C 165 28.25 -0.32 1.48
N LYS C 166 28.42 0.80 2.19
CA LYS C 166 29.53 1.01 3.12
C LYS C 166 28.95 1.47 4.46
N LEU C 167 28.97 0.59 5.46
CA LEU C 167 28.59 0.91 6.83
C LEU C 167 29.86 1.20 7.62
N GLU C 168 29.73 2.07 8.62
CA GLU C 168 30.83 2.46 9.48
C GLU C 168 30.50 2.11 10.91
N PHE C 169 31.51 1.61 11.65
CA PHE C 169 31.51 1.60 13.12
C PHE C 169 32.64 2.54 13.55
N SER C 170 32.28 3.71 14.09
CA SER C 170 33.21 4.82 14.27
C SER C 170 33.38 5.08 15.75
N ILE C 171 34.63 5.00 16.24
CA ILE C 171 34.95 5.32 17.63
C ILE C 171 35.09 6.83 17.76
N TYR C 172 34.16 7.44 18.47
CA TYR C 172 34.05 8.86 18.76
C TYR C 172 34.88 9.18 20.00
N PRO C 173 35.70 10.23 19.97
CA PRO C 173 36.74 10.39 20.98
C PRO C 173 36.17 10.87 22.30
N ALA C 174 36.86 10.46 23.36
CA ALA C 174 36.46 10.72 24.72
C ALA C 174 37.72 11.08 25.50
N PRO C 175 37.65 12.06 26.40
CA PRO C 175 38.87 12.54 27.09
C PRO C 175 39.53 11.52 27.99
N GLN C 176 38.78 10.51 28.50
CA GLN C 176 39.32 9.54 29.45
C GLN C 176 40.28 8.55 28.80
N VAL C 177 40.09 8.21 27.53
CA VAL C 177 40.97 7.26 26.86
C VAL C 177 41.64 7.86 25.63
N SER C 178 41.52 9.16 25.45
CA SER C 178 42.07 9.77 24.24
C SER C 178 43.59 9.69 24.22
N THR C 179 44.14 9.66 22.99
CA THR C 179 45.56 9.62 22.65
C THR C 179 46.14 11.00 22.36
N ALA C 180 45.40 11.84 21.64
CA ALA C 180 45.97 12.99 20.96
C ALA C 180 45.11 14.20 21.24
N VAL C 181 45.77 15.35 21.41
CA VAL C 181 45.02 16.59 21.59
C VAL C 181 44.36 17.05 20.30
N VAL C 182 44.71 16.46 19.16
CA VAL C 182 44.19 16.88 17.87
C VAL C 182 43.03 15.99 17.41
N GLU C 183 42.52 15.14 18.29
CA GLU C 183 41.41 14.28 17.89
C GLU C 183 40.21 15.07 17.36
N PRO C 184 39.89 16.29 17.82
CA PRO C 184 38.77 17.01 17.18
C PRO C 184 39.02 17.33 15.70
N TYR C 185 40.25 17.73 15.34
CA TYR C 185 40.54 18.00 13.94
C TYR C 185 40.38 16.75 13.10
N ASN C 186 41.07 15.68 13.47
CA ASN C 186 40.92 14.47 12.69
C ASN C 186 39.46 14.08 12.61
N SER C 187 38.69 14.36 13.68
CA SER C 187 37.29 13.94 13.75
C SER C 187 36.46 14.64 12.68
N ILE C 188 36.52 15.97 12.63
CA ILE C 188 35.76 16.73 11.64
C ILE C 188 36.25 16.44 10.24
N LEU C 189 37.57 16.38 10.03
CA LEU C 189 38.07 16.16 8.69
C LEU C 189 37.51 14.86 8.13
N THR C 190 37.59 13.78 8.89
CA THR C 190 37.12 12.50 8.38
C THR C 190 35.59 12.46 8.29
N THR C 191 34.88 13.12 9.20
CA THR C 191 33.42 13.10 9.10
C THR C 191 32.97 13.78 7.82
N HIS C 192 33.64 14.87 7.45
CA HIS C 192 33.31 15.58 6.24
C HIS C 192 33.68 14.78 4.99
N THR C 193 34.89 14.24 4.96
CA THR C 193 35.37 13.52 3.78
C THR C 193 34.59 12.22 3.54
N THR C 194 34.04 11.64 4.57
CA THR C 194 33.37 10.36 4.47
C THR C 194 31.88 10.47 4.23
N LEU C 195 31.30 11.64 4.52
CA LEU C 195 29.86 11.75 4.68
C LEU C 195 29.12 11.29 3.44
N GLU C 196 29.61 11.67 2.25
CA GLU C 196 29.09 11.28 0.93
C GLU C 196 29.27 9.80 0.64
N HIS C 197 30.19 9.15 1.31
CA HIS C 197 30.61 7.82 0.91
C HIS C 197 30.14 6.74 1.85
N SER C 198 29.33 7.08 2.84
CA SER C 198 28.87 6.12 3.81
C SER C 198 27.35 6.18 3.84
N ASP C 199 26.74 4.99 3.88
CA ASP C 199 25.30 4.79 3.90
C ASP C 199 24.71 4.70 5.30
N CYS C 200 25.52 4.32 6.27
CA CYS C 200 25.06 4.13 7.63
C CYS C 200 26.29 4.11 8.52
N ALA C 201 26.27 4.87 9.61
CA ALA C 201 27.42 4.93 10.50
C ALA C 201 26.93 4.83 11.94
N PHE C 202 27.35 3.79 12.66
CA PHE C 202 27.03 3.68 14.07
C PHE C 202 28.20 4.27 14.86
N MET C 203 27.97 5.40 15.54
CA MET C 203 28.99 5.97 16.41
C MET C 203 29.01 5.33 17.79
N VAL C 204 30.20 5.05 18.29
CA VAL C 204 30.41 4.57 19.66
C VAL C 204 31.18 5.66 20.39
N ASP C 205 30.55 6.22 21.42
CA ASP C 205 31.16 7.25 22.22
C ASP C 205 32.01 6.58 23.29
N ASN C 206 33.32 6.78 23.22
CA ASN C 206 34.21 6.14 24.20
C ASN C 206 33.82 6.48 25.62
N GLU C 207 33.27 7.67 25.87
CA GLU C 207 32.87 7.99 27.23
C GLU C 207 31.59 7.25 27.61
N ALA C 208 30.65 7.11 26.67
CA ALA C 208 29.49 6.27 26.92
C ALA C 208 29.91 4.87 27.33
N ILE C 209 30.74 4.24 26.51
CA ILE C 209 31.21 2.89 26.79
C ILE C 209 31.98 2.86 28.11
N TYR C 210 32.81 3.89 28.36
CA TYR C 210 33.62 3.92 29.58
C TYR C 210 32.76 3.99 30.82
N ASP C 211 31.70 4.82 30.78
CA ASP C 211 30.81 4.96 31.93
C ASP C 211 30.02 3.67 32.18
N ILE C 212 29.46 3.08 31.12
CA ILE C 212 28.75 1.81 31.29
C ILE C 212 29.65 0.78 31.96
N CYS C 213 30.90 0.70 31.51
CA CYS C 213 31.86 -0.22 32.12
C CYS C 213 32.06 0.07 33.60
N ARG C 214 32.30 1.34 33.94
CA ARG C 214 32.54 1.70 35.32
C ARG C 214 31.32 1.40 36.17
N ARG C 215 30.14 1.62 35.63
CA ARG C 215 28.91 1.66 36.40
C ARG C 215 28.16 0.33 36.40
N ASN C 216 28.15 -0.42 35.31
CA ASN C 216 27.36 -1.65 35.32
C ASN C 216 28.21 -2.90 35.43
N LEU C 217 29.52 -2.77 35.26
CA LEU C 217 30.39 -3.92 35.35
C LEU C 217 31.38 -3.77 36.49
N ASP C 218 31.33 -2.64 37.20
CA ASP C 218 32.19 -2.32 38.34
C ASP C 218 33.68 -2.47 38.02
N ILE C 219 34.09 -1.99 36.85
CA ILE C 219 35.51 -1.91 36.48
C ILE C 219 36.02 -0.52 36.84
N GLU C 220 37.05 -0.45 37.69
CA GLU C 220 37.50 0.84 38.21
C GLU C 220 38.07 1.74 37.13
N ARG C 221 39.06 1.26 36.39
CA ARG C 221 39.69 2.03 35.30
C ARG C 221 39.68 1.17 34.05
N PRO C 222 38.54 1.11 33.36
CA PRO C 222 38.38 0.16 32.24
C PRO C 222 39.42 0.37 31.16
N THR C 223 39.81 -0.72 30.55
CA THR C 223 40.84 -0.72 29.51
C THR C 223 40.20 -0.75 28.12
N TYR C 224 41.05 -0.72 27.09
CA TYR C 224 40.55 -0.98 25.75
C TYR C 224 40.00 -2.39 25.65
N THR C 225 40.58 -3.34 26.39
CA THR C 225 39.99 -4.68 26.38
C THR C 225 38.62 -4.69 27.02
N ASN C 226 38.43 -3.94 28.11
CA ASN C 226 37.10 -3.83 28.71
C ASN C 226 36.10 -3.24 27.73
N LEU C 227 36.45 -2.11 27.10
CA LEU C 227 35.53 -1.43 26.19
C LEU C 227 35.25 -2.26 24.94
N ASN C 228 36.29 -2.90 24.39
CA ASN C 228 36.11 -3.64 23.15
C ASN C 228 35.15 -4.79 23.33
N ARG C 229 35.29 -5.53 24.44
CA ARG C 229 34.39 -6.65 24.67
C ARG C 229 32.95 -6.20 24.84
N LEU C 230 32.70 -4.96 25.22
CA LEU C 230 31.32 -4.47 25.22
C LEU C 230 30.89 -4.02 23.83
N ILE C 231 31.76 -3.32 23.09
CA ILE C 231 31.41 -2.90 21.74
C ILE C 231 31.09 -4.09 20.85
N SER C 232 31.84 -5.17 20.96
CA SER C 232 31.61 -6.29 20.06
C SER C 232 30.25 -6.94 20.32
N GLN C 233 29.75 -6.85 21.55
CA GLN C 233 28.41 -7.30 21.83
C GLN C 233 27.39 -6.50 21.03
N ILE C 234 27.55 -5.18 21.03
CA ILE C 234 26.65 -4.34 20.24
C ILE C 234 26.86 -4.57 18.75
N VAL C 235 28.11 -4.72 18.30
CA VAL C 235 28.35 -5.05 16.90
C VAL C 235 27.73 -6.41 16.59
N SER C 236 27.97 -7.38 17.45
CA SER C 236 27.37 -8.71 17.23
C SER C 236 25.86 -8.60 17.00
N SER C 237 25.15 -7.84 17.85
CA SER C 237 23.70 -7.73 17.74
C SER C 237 23.29 -7.07 16.43
N ILE C 238 24.01 -6.03 16.02
CA ILE C 238 23.67 -5.37 14.77
C ILE C 238 23.89 -6.29 13.56
N THR C 239 24.91 -7.17 13.61
CA THR C 239 25.17 -8.06 12.48
C THR C 239 24.56 -9.45 12.65
N ALA C 240 23.96 -9.75 13.78
CA ALA C 240 23.43 -11.10 13.99
C ALA C 240 22.36 -11.43 12.98
N SER C 241 21.56 -10.45 12.57
CA SER C 241 20.60 -10.63 11.47
C SER C 241 21.28 -11.12 10.18
N LEU C 242 22.50 -10.67 9.90
CA LEU C 242 23.24 -11.14 8.74
C LEU C 242 23.79 -12.55 8.93
N ARG C 243 24.32 -12.85 10.10
CA ARG C 243 25.02 -14.11 10.31
C ARG C 243 24.13 -15.27 10.68
N PHE C 244 22.86 -15.04 10.99
CA PHE C 244 21.97 -16.08 11.50
C PHE C 244 20.68 -16.10 10.70
N ASP C 245 20.12 -17.29 10.59
CA ASP C 245 18.78 -17.48 10.06
C ASP C 245 17.76 -17.23 11.17
N GLY C 246 16.49 -17.24 10.79
CA GLY C 246 15.44 -17.05 11.78
C GLY C 246 14.10 -16.60 11.22
N ALA C 247 13.05 -17.34 11.58
CA ALA C 247 11.69 -16.95 11.22
C ALA C 247 11.46 -15.45 11.45
N LEU C 248 11.55 -15.03 12.72
CA LEU C 248 11.31 -13.65 13.15
C LEU C 248 12.51 -12.77 12.98
N ASN C 249 13.47 -13.17 12.17
CA ASN C 249 14.70 -12.43 12.01
C ASN C 249 14.55 -11.47 10.83
N VAL C 250 15.11 -10.28 10.98
CA VAL C 250 14.89 -9.17 10.07
C VAL C 250 16.24 -8.67 9.56
N ASP C 251 16.39 -8.60 8.24
CA ASP C 251 17.67 -8.21 7.66
C ASP C 251 18.08 -6.82 8.13
N LEU C 252 19.36 -6.65 8.42
CA LEU C 252 19.87 -5.32 8.71
C LEU C 252 19.41 -4.32 7.66
N THR C 253 19.56 -4.67 6.38
CA THR C 253 19.21 -3.74 5.31
C THR C 253 17.76 -3.26 5.42
N GLU C 254 16.88 -4.10 5.95
CA GLU C 254 15.51 -3.68 6.13
C GLU C 254 15.38 -2.63 7.23
N PHE C 255 16.12 -2.79 8.33
CA PHE C 255 16.23 -1.72 9.30
C PHE C 255 16.81 -0.45 8.68
N GLN C 256 17.76 -0.56 7.72
CA GLN C 256 18.28 0.67 7.14
C GLN C 256 17.23 1.45 6.37
N THR C 257 16.27 0.76 5.73
CA THR C 257 15.20 1.50 5.07
C THR C 257 14.62 2.53 6.03
N ASN C 258 14.40 2.09 7.28
CA ASN C 258 13.76 2.92 8.30
C ASN C 258 14.73 3.93 8.92
N LEU C 259 16.02 3.60 8.96
CA LEU C 259 16.95 4.38 9.77
C LEU C 259 17.45 5.62 9.06
N VAL C 260 17.44 5.65 7.74
CA VAL C 260 17.99 6.76 6.97
C VAL C 260 16.87 7.48 6.23
N PRO C 261 16.32 8.55 6.77
CA PRO C 261 15.26 9.25 6.06
C PRO C 261 15.79 10.16 4.97
N TYR C 262 17.01 10.66 5.13
CA TYR C 262 17.69 11.38 4.07
C TYR C 262 19.13 10.91 4.02
N PRO C 263 19.80 11.07 2.90
CA PRO C 263 21.19 10.54 2.80
C PRO C 263 22.07 10.97 3.96
N ARG C 264 22.10 12.26 4.30
CA ARG C 264 23.00 12.71 5.37
C ARG C 264 22.53 12.33 6.78
N ILE C 265 21.22 12.15 7.00
CA ILE C 265 20.73 11.73 8.30
C ILE C 265 20.93 10.22 8.43
N HIS C 266 22.17 9.78 8.62
CA HIS C 266 22.41 8.35 8.63
C HIS C 266 23.21 7.89 9.85
N PHE C 267 23.03 8.53 11.02
CA PHE C 267 23.80 8.17 12.21
C PHE C 267 22.89 7.62 13.32
N PRO C 268 22.66 6.32 13.36
CA PRO C 268 21.69 5.79 14.33
C PRO C 268 22.29 5.64 15.71
N LEU C 269 21.44 5.85 16.70
CA LEU C 269 21.83 5.75 18.09
C LEU C 269 21.67 4.30 18.52
N ALA C 270 22.72 3.70 19.04
CA ALA C 270 22.65 2.33 19.53
C ALA C 270 22.47 2.36 21.05
N THR C 271 21.70 1.40 21.53
CA THR C 271 21.52 1.21 22.97
C THR C 271 21.41 -0.27 23.21
N TYR C 272 21.98 -0.73 24.30
CA TYR C 272 22.15 -2.17 24.52
C TYR C 272 21.85 -2.53 25.97
N ALA C 273 21.09 -3.60 26.17
CA ALA C 273 20.83 -4.11 27.52
C ALA C 273 20.68 -5.62 27.44
N PRO C 274 20.98 -6.36 28.51
CA PRO C 274 21.48 -5.88 29.80
C PRO C 274 22.97 -5.92 29.82
N VAL C 275 23.63 -4.87 30.29
CA VAL C 275 25.06 -4.93 30.62
C VAL C 275 25.18 -5.07 32.13
N ILE C 276 25.63 -6.23 32.59
CA ILE C 276 25.41 -6.64 33.96
C ILE C 276 26.49 -7.65 34.33
N SER C 277 27.11 -7.47 35.49
CA SER C 277 28.12 -8.42 35.95
C SER C 277 27.50 -9.75 36.39
N ALA C 278 28.32 -10.81 36.41
CA ALA C 278 27.85 -12.12 36.85
C ALA C 278 27.22 -12.07 38.25
N GLU C 279 27.88 -11.41 39.21
CA GLU C 279 27.38 -11.43 40.58
C GLU C 279 26.00 -10.81 40.67
N LYS C 280 25.80 -9.69 39.97
CA LYS C 280 24.52 -8.98 39.96
C LYS C 280 23.48 -9.65 39.07
N ALA C 281 23.91 -10.50 38.14
CA ALA C 281 23.00 -11.23 37.26
C ALA C 281 22.61 -12.58 37.85
N TYR C 282 23.38 -13.06 38.82
CA TYR C 282 23.03 -14.27 39.57
C TYR C 282 21.71 -14.11 40.32
N HIS C 283 20.84 -15.11 40.17
CA HIS C 283 19.53 -15.17 40.81
C HIS C 283 18.59 -14.05 40.36
N GLU C 284 19.01 -13.22 39.41
CA GLU C 284 18.20 -12.07 38.96
C GLU C 284 18.01 -12.15 37.45
N GLN C 285 17.05 -12.96 37.00
CA GLN C 285 16.71 -13.04 35.57
C GLN C 285 16.03 -11.76 35.10
N LEU C 286 16.52 -11.21 33.99
CA LEU C 286 15.97 -9.96 33.46
C LEU C 286 15.08 -10.29 32.26
N SER C 287 13.82 -9.89 32.36
CA SER C 287 12.76 -10.28 31.46
C SER C 287 12.79 -9.45 30.18
N VAL C 288 11.96 -9.85 29.21
CA VAL C 288 11.85 -9.04 28.01
C VAL C 288 11.49 -7.60 28.36
N ALA C 289 10.57 -7.40 29.31
CA ALA C 289 10.12 -6.04 29.61
C ALA C 289 11.17 -5.21 30.34
N GLU C 290 12.13 -5.87 30.98
CA GLU C 290 13.14 -5.13 31.73
C GLU C 290 14.21 -4.59 30.79
N ILE C 291 14.76 -5.48 29.94
CA ILE C 291 15.78 -5.08 28.96
C ILE C 291 15.23 -4.06 27.96
N THR C 292 14.02 -4.29 27.43
CA THR C 292 13.42 -3.29 26.54
C THR C 292 13.38 -1.94 27.22
N ASN C 293 12.97 -1.91 28.48
CA ASN C 293 12.90 -0.66 29.20
C ASN C 293 14.27 0.01 29.28
N ALA C 294 15.32 -0.78 29.53
CA ALA C 294 16.67 -0.24 29.65
C ALA C 294 17.08 0.52 28.40
N CYS C 295 16.51 0.19 27.24
CA CYS C 295 16.92 0.86 26.01
C CYS C 295 16.60 2.33 26.04
N PHE C 296 15.62 2.74 26.84
CA PHE C 296 15.21 4.13 26.89
C PHE C 296 15.78 4.86 28.07
N GLU C 297 16.72 4.24 28.78
CA GLU C 297 17.51 4.95 29.77
C GLU C 297 18.77 5.48 29.10
N PRO C 298 18.94 6.81 29.00
CA PRO C 298 20.11 7.36 28.29
C PRO C 298 21.42 6.83 28.81
N ALA C 299 21.49 6.33 30.04
CA ALA C 299 22.78 5.83 30.50
C ALA C 299 23.16 4.49 29.87
N ASN C 300 22.31 3.87 29.06
CA ASN C 300 22.70 2.66 28.36
C ASN C 300 23.05 2.88 26.89
N GLN C 301 23.08 4.14 26.41
CA GLN C 301 23.36 4.47 25.01
C GLN C 301 24.84 4.39 24.63
N MET C 302 25.10 4.08 23.36
CA MET C 302 26.48 4.09 22.85
C MET C 302 27.04 5.49 22.74
N VAL C 303 26.19 6.50 22.69
CA VAL C 303 26.62 7.88 22.50
C VAL C 303 25.90 8.75 23.52
N LYS C 304 26.63 9.64 24.18
CA LYS C 304 26.01 10.50 25.18
C LYS C 304 25.18 11.59 24.50
N CYS C 305 23.88 11.62 24.80
CA CYS C 305 22.94 12.62 24.30
C CYS C 305 21.60 12.35 24.94
N ASP C 306 20.72 13.33 24.87
CA ASP C 306 19.38 13.19 25.44
C ASP C 306 18.30 12.97 24.38
N PRO C 307 17.88 11.72 24.12
CA PRO C 307 16.80 11.53 23.17
C PRO C 307 15.51 12.16 23.66
N ARG C 308 15.32 12.23 24.97
CA ARG C 308 14.17 12.90 25.55
C ARG C 308 14.00 14.33 25.01
N HIS C 309 15.09 15.07 24.86
CA HIS C 309 14.97 16.46 24.41
C HIS C 309 15.18 16.59 22.90
N GLY C 310 15.04 15.48 22.16
CA GLY C 310 14.99 15.48 20.72
C GLY C 310 13.79 14.73 20.17
N LYS C 311 13.82 14.36 18.89
CA LYS C 311 12.70 13.72 18.23
C LYS C 311 13.13 12.45 17.53
N TYR C 312 12.28 11.44 17.55
CA TYR C 312 12.59 10.19 16.88
C TYR C 312 12.14 10.24 15.44
N MET C 313 12.99 9.69 14.58
CA MET C 313 12.63 9.50 13.19
C MET C 313 12.48 8.03 12.87
N ALA C 314 12.81 7.16 13.79
CA ALA C 314 12.80 5.73 13.60
C ALA C 314 13.27 5.13 14.90
N CYS C 315 12.73 3.97 15.26
CA CYS C 315 13.17 3.25 16.45
C CYS C 315 13.03 1.76 16.18
N CYS C 316 14.14 1.03 16.25
CA CYS C 316 14.21 -0.39 15.92
C CYS C 316 14.64 -1.19 17.15
N LEU C 317 14.07 -2.37 17.34
CA LEU C 317 14.54 -3.25 18.41
C LEU C 317 15.09 -4.55 17.85
N LEU C 318 16.36 -4.81 18.08
CA LEU C 318 16.98 -6.06 17.66
C LEU C 318 17.19 -6.97 18.89
N TYR C 319 16.32 -7.96 19.06
CA TYR C 319 16.39 -8.90 20.18
C TYR C 319 17.17 -10.13 19.78
N ARG C 320 17.87 -10.72 20.75
CA ARG C 320 18.37 -12.06 20.55
C ARG C 320 18.15 -12.89 21.82
N GLY C 321 18.05 -14.20 21.63
CA GLY C 321 17.81 -15.12 22.71
C GLY C 321 16.35 -15.44 22.99
N ASP C 322 16.04 -15.74 24.25
CA ASP C 322 14.70 -16.15 24.64
C ASP C 322 13.71 -14.98 24.62
N VAL C 323 13.13 -14.71 23.44
CA VAL C 323 12.21 -13.60 23.25
C VAL C 323 11.16 -14.01 22.23
N VAL C 324 9.89 -13.68 22.52
CA VAL C 324 8.76 -14.01 21.64
C VAL C 324 7.95 -12.75 21.42
N PRO C 325 7.25 -12.62 20.30
CA PRO C 325 6.62 -11.32 19.98
C PRO C 325 5.61 -10.85 21.02
N LYS C 326 4.80 -11.75 21.58
CA LYS C 326 3.84 -11.38 22.63
C LYS C 326 4.48 -10.50 23.72
N ASP C 327 5.63 -10.94 24.26
CA ASP C 327 6.32 -10.18 25.28
C ASP C 327 6.76 -8.83 24.76
N VAL C 328 7.57 -8.84 23.69
CA VAL C 328 7.94 -7.61 23.00
C VAL C 328 6.76 -6.65 22.90
N ASN C 329 5.65 -7.10 22.31
CA ASN C 329 4.53 -6.17 22.17
C ASN C 329 4.05 -5.66 23.51
N ALA C 330 3.96 -6.52 24.52
CA ALA C 330 3.56 -6.04 25.84
C ALA C 330 4.49 -4.92 26.31
N ALA C 331 5.81 -5.15 26.25
CA ALA C 331 6.80 -4.21 26.77
C ALA C 331 6.74 -2.87 26.05
N ILE C 332 6.64 -2.88 24.72
CA ILE C 332 6.56 -1.63 23.97
C ILE C 332 5.34 -0.81 24.39
N ALA C 333 4.22 -1.49 24.64
CA ALA C 333 2.99 -0.79 24.97
C ALA C 333 3.11 -0.08 26.32
N THR C 334 3.71 -0.75 27.31
CA THR C 334 3.95 -0.06 28.58
C THR C 334 4.89 1.13 28.38
N ILE C 335 5.99 0.92 27.65
CA ILE C 335 6.96 1.99 27.49
C ILE C 335 6.32 3.21 26.84
N LYS C 336 5.47 2.98 25.83
CA LYS C 336 4.89 4.12 25.11
C LYS C 336 4.12 5.03 26.04
N THR C 337 3.46 4.49 27.07
CA THR C 337 2.70 5.31 28.00
C THR C 337 3.56 5.91 29.10
N LYS C 338 4.62 5.23 29.49
CA LYS C 338 5.41 5.65 30.64
C LYS C 338 6.71 6.36 30.26
N ARG C 339 6.98 6.57 28.97
CA ARG C 339 8.24 7.19 28.57
C ARG C 339 8.02 8.32 27.56
N SER C 340 9.07 9.12 27.43
CA SER C 340 9.07 10.34 26.63
C SER C 340 9.62 9.99 25.25
N ILE C 341 8.71 9.71 24.30
CA ILE C 341 9.12 9.24 22.97
C ILE C 341 8.34 10.05 21.92
N GLN C 342 8.85 11.22 21.57
CA GLN C 342 8.21 12.05 20.58
C GLN C 342 8.82 11.78 19.20
N PHE C 343 7.96 11.42 18.23
CA PHE C 343 8.34 11.24 16.85
C PHE C 343 8.17 12.56 16.10
N VAL C 344 9.02 12.78 15.08
CA VAL C 344 8.75 13.89 14.19
C VAL C 344 7.40 13.65 13.50
N ASP C 345 6.79 14.72 13.02
CA ASP C 345 5.42 14.54 12.58
C ASP C 345 5.30 13.87 11.24
N TRP C 346 6.41 13.66 10.52
CA TRP C 346 6.35 13.16 9.17
C TRP C 346 6.71 11.70 9.06
N CYS C 347 6.80 10.99 10.18
CA CYS C 347 7.16 9.60 10.02
C CYS C 347 6.38 8.77 11.02
N PRO C 348 6.03 7.54 10.64
CA PRO C 348 5.18 6.70 11.51
C PRO C 348 5.90 6.39 12.81
N THR C 349 5.11 6.04 13.82
CA THR C 349 5.62 5.88 15.17
C THR C 349 5.69 4.42 15.60
N GLY C 350 5.50 3.48 14.69
CA GLY C 350 5.66 2.08 15.07
C GLY C 350 7.10 1.73 15.36
N PHE C 351 7.30 0.73 16.20
CA PHE C 351 8.62 0.17 16.43
C PHE C 351 8.81 -1.04 15.53
N LYS C 352 9.98 -1.14 14.93
CA LYS C 352 10.32 -2.27 14.07
C LYS C 352 11.19 -3.24 14.86
N VAL C 353 10.75 -4.48 14.94
CA VAL C 353 11.30 -5.49 15.83
C VAL C 353 11.89 -6.66 15.05
N GLY C 354 13.05 -7.10 15.45
CA GLY C 354 13.59 -8.35 14.95
C GLY C 354 14.06 -9.18 16.12
N ILE C 355 13.94 -10.49 15.97
CA ILE C 355 14.26 -11.43 17.03
C ILE C 355 15.17 -12.48 16.45
N ASN C 356 16.35 -12.65 17.03
CA ASN C 356 17.21 -13.78 16.73
C ASN C 356 17.21 -14.71 17.91
N TYR C 357 17.08 -16.01 17.66
CA TYR C 357 16.85 -16.91 18.78
C TYR C 357 18.13 -17.33 19.46
N GLN C 358 19.23 -17.41 18.72
CA GLN C 358 20.52 -17.77 19.30
C GLN C 358 20.87 -16.82 20.43
N PRO C 359 21.08 -17.30 21.65
CA PRO C 359 21.24 -16.39 22.80
C PRO C 359 22.60 -15.73 22.74
N PRO C 360 22.80 -14.65 23.46
CA PRO C 360 24.08 -13.93 23.38
C PRO C 360 25.18 -14.77 23.97
N THR C 361 26.39 -14.49 23.53
CA THR C 361 27.55 -15.22 24.00
C THR C 361 28.47 -14.25 24.74
N VAL C 362 29.29 -14.83 25.60
CA VAL C 362 30.27 -14.08 26.33
C VAL C 362 31.60 -14.74 26.07
N VAL C 363 32.64 -13.98 26.30
CA VAL C 363 34.01 -14.38 25.99
C VAL C 363 34.66 -14.83 27.28
N PRO C 364 35.31 -16.03 27.30
CA PRO C 364 36.06 -16.47 28.49
C PRO C 364 36.64 -15.34 29.31
N GLY C 365 36.39 -15.36 30.62
CA GLY C 365 37.02 -14.40 31.51
C GLY C 365 36.55 -12.99 31.30
N GLY C 366 35.37 -12.81 30.74
CA GLY C 366 34.84 -11.49 30.55
C GLY C 366 34.15 -10.99 31.79
N ASP C 367 33.78 -9.72 31.73
CA ASP C 367 33.05 -9.16 32.84
C ASP C 367 31.54 -9.19 32.63
N LEU C 368 31.08 -9.45 31.40
CA LEU C 368 29.65 -9.45 31.12
C LEU C 368 29.01 -10.76 31.57
N ALA C 369 27.87 -10.66 32.24
CA ALA C 369 27.08 -11.83 32.56
C ALA C 369 26.54 -12.46 31.30
N LYS C 370 26.55 -13.80 31.24
CA LYS C 370 25.85 -14.52 30.19
C LYS C 370 24.37 -14.50 30.53
N VAL C 371 23.58 -13.76 29.76
CA VAL C 371 22.16 -13.62 30.03
C VAL C 371 21.37 -14.49 29.07
N GLN C 372 20.11 -14.75 29.44
CA GLN C 372 19.24 -15.54 28.57
C GLN C 372 18.76 -14.76 27.35
N ARG C 373 18.65 -13.43 27.44
CA ARG C 373 18.11 -12.63 26.36
C ARG C 373 18.68 -11.22 26.37
N ALA C 374 18.80 -10.62 25.19
CA ALA C 374 19.44 -9.30 25.04
C ALA C 374 18.70 -8.48 23.97
N VAL C 375 19.06 -7.20 23.87
CA VAL C 375 18.43 -6.31 22.90
C VAL C 375 19.36 -5.16 22.54
N CYS C 376 19.39 -4.79 21.27
CA CYS C 376 19.99 -3.54 20.86
C CYS C 376 18.93 -2.72 20.15
N MET C 377 18.65 -1.54 20.67
CA MET C 377 17.78 -0.59 20.02
C MET C 377 18.63 0.28 19.11
N LEU C 378 18.16 0.47 17.88
CA LEU C 378 18.74 1.39 16.91
C LEU C 378 17.70 2.46 16.65
N SER C 379 17.93 3.66 17.15
CA SER C 379 17.02 4.77 16.91
C SER C 379 17.72 5.81 16.07
N ASN C 380 16.96 6.51 15.24
CA ASN C 380 17.44 7.70 14.59
C ASN C 380 16.73 8.85 15.30
N THR C 381 17.47 9.51 16.17
CA THR C 381 16.97 10.63 16.94
C THR C 381 17.82 11.85 16.63
N THR C 382 17.17 13.02 16.63
CA THR C 382 17.90 14.25 16.42
C THR C 382 18.90 14.48 17.54
N ALA C 383 18.66 13.89 18.71
CA ALA C 383 19.56 14.09 19.84
C ALA C 383 21.01 13.74 19.51
N ILE C 384 21.26 12.87 18.51
CA ILE C 384 22.65 12.52 18.23
C ILE C 384 23.44 13.76 17.83
N ALA C 385 22.76 14.76 17.25
CA ALA C 385 23.45 15.96 16.81
C ALA C 385 24.20 16.61 17.97
N GLU C 386 23.77 16.38 19.21
CA GLU C 386 24.53 16.86 20.37
C GLU C 386 25.99 16.41 20.30
N ALA C 387 26.21 15.11 20.05
CA ALA C 387 27.57 14.63 19.87
C ALA C 387 28.31 15.44 18.80
N TRP C 388 27.63 15.79 17.70
CA TRP C 388 28.26 16.64 16.70
C TRP C 388 28.55 18.02 17.27
N ALA C 389 27.57 18.60 17.97
CA ALA C 389 27.76 19.90 18.61
C ALA C 389 28.99 19.92 19.51
N ARG C 390 29.08 19.01 20.48
CA ARG C 390 30.22 19.01 21.39
C ARG C 390 31.51 19.00 20.60
N LEU C 391 31.71 17.94 19.81
CA LEU C 391 32.92 17.76 19.02
C LEU C 391 33.21 18.97 18.13
N ASP C 392 32.16 19.54 17.53
CA ASP C 392 32.34 20.74 16.71
C ASP C 392 32.84 21.90 17.56
N HIS C 393 32.43 21.97 18.83
CA HIS C 393 32.90 23.06 19.68
C HIS C 393 34.38 22.92 20.01
N LYS C 394 34.85 21.70 20.35
CA LYS C 394 36.27 21.53 20.60
C LYS C 394 37.09 21.91 19.37
N PHE C 395 36.67 21.43 18.19
CA PHE C 395 37.30 21.87 16.95
C PHE C 395 37.44 23.40 16.89
N ASP C 396 36.36 24.13 17.19
CA ASP C 396 36.40 25.60 17.04
C ASP C 396 37.39 26.24 18.02
N LEU C 397 37.41 25.79 19.27
CA LEU C 397 38.25 26.46 20.25
C LEU C 397 39.67 26.58 19.73
N MET C 398 40.14 25.53 19.06
CA MET C 398 41.49 25.43 18.56
C MET C 398 41.68 26.11 17.21
N TYR C 399 40.72 25.93 16.30
CA TYR C 399 40.93 26.44 14.96
C TYR C 399 40.91 27.96 14.92
N ALA C 400 40.32 28.62 15.94
CA ALA C 400 40.29 30.08 15.97
C ALA C 400 41.67 30.66 16.25
N LYS C 401 42.52 29.91 16.96
CA LYS C 401 43.93 30.27 17.09
C LYS C 401 44.81 29.49 16.14
N ARG C 402 44.23 28.69 15.25
CA ARG C 402 44.97 27.81 14.34
C ARG C 402 45.98 26.91 15.07
N ALA C 403 45.76 26.64 16.35
CA ALA C 403 46.61 25.71 17.08
C ALA C 403 46.76 24.41 16.31
N PHE C 404 48.00 23.93 16.20
CA PHE C 404 48.34 22.63 15.62
C PHE C 404 48.13 22.60 14.12
N VAL C 405 47.48 23.64 13.58
CA VAL C 405 47.09 23.61 12.18
C VAL C 405 48.30 23.53 11.26
N HIS C 406 49.46 23.99 11.74
CA HIS C 406 50.72 23.87 11.00
C HIS C 406 51.14 22.41 10.80
N TRP C 407 50.84 21.51 11.76
CA TRP C 407 51.19 20.10 11.55
C TRP C 407 50.43 19.50 10.37
N TYR C 408 49.27 20.05 10.02
CA TYR C 408 48.52 19.55 8.88
C TYR C 408 48.95 20.26 7.59
N VAL C 409 49.22 21.57 7.66
CA VAL C 409 49.58 22.31 6.46
C VAL C 409 50.93 21.85 5.90
N GLY C 410 51.88 21.51 6.78
CA GLY C 410 53.16 21.00 6.35
C GLY C 410 53.12 19.63 5.73
N GLU C 411 52.04 18.88 5.94
CA GLU C 411 51.87 17.61 5.25
C GLU C 411 51.10 17.76 3.95
N GLY C 412 50.78 19.00 3.54
CA GLY C 412 50.18 19.26 2.25
C GLY C 412 48.78 19.84 2.29
N MET C 413 48.10 19.82 3.43
CA MET C 413 46.73 20.32 3.49
C MET C 413 46.66 21.83 3.61
N GLU C 414 45.56 22.39 3.12
CA GLU C 414 45.32 23.82 3.17
C GLU C 414 44.28 24.15 4.23
N GLU C 415 44.39 25.35 4.80
CA GLU C 415 43.38 25.80 5.75
C GLU C 415 41.98 25.65 5.17
N GLY C 416 41.83 25.77 3.85
CA GLY C 416 40.51 25.75 3.26
C GLY C 416 39.78 24.44 3.45
N GLU C 417 40.51 23.32 3.41
CA GLU C 417 39.94 22.03 3.77
C GLU C 417 39.34 22.06 5.18
N PHE C 418 39.96 22.81 6.09
CA PHE C 418 39.44 22.89 7.45
C PHE C 418 38.11 23.62 7.48
N SER C 419 38.04 24.79 6.85
CA SER C 419 36.78 25.52 6.92
C SER C 419 35.72 24.81 6.10
N GLU C 420 36.11 24.16 5.01
CA GLU C 420 35.15 23.39 4.25
C GLU C 420 34.58 22.27 5.09
N ALA C 421 35.44 21.52 5.79
CA ALA C 421 34.95 20.47 6.68
C ALA C 421 34.04 21.03 7.77
N ARG C 422 34.48 22.06 8.49
CA ARG C 422 33.65 22.58 9.56
C ARG C 422 32.33 23.14 9.04
N GLU C 423 32.30 23.66 7.82
CA GLU C 423 31.04 24.15 7.29
C GLU C 423 30.10 22.97 7.03
N ASP C 424 30.62 21.92 6.40
CA ASP C 424 29.81 20.74 6.21
C ASP C 424 29.18 20.32 7.54
N MET C 425 30.01 20.21 8.59
CA MET C 425 29.53 19.91 9.93
C MET C 425 28.52 20.94 10.41
N ALA C 426 28.75 22.22 10.12
CA ALA C 426 27.77 23.23 10.51
C ALA C 426 26.43 22.95 9.85
N ALA C 427 26.46 22.60 8.57
CA ALA C 427 25.27 22.23 7.84
C ALA C 427 24.63 20.97 8.40
N LEU C 428 25.43 19.92 8.66
CA LEU C 428 24.89 18.70 9.24
C LEU C 428 24.10 19.01 10.51
N GLU C 429 24.69 19.80 11.40
CA GLU C 429 23.96 20.17 12.62
C GLU C 429 22.69 20.95 12.28
N LYS C 430 22.69 21.73 11.20
CA LYS C 430 21.50 22.45 10.76
C LYS C 430 20.47 21.52 10.13
N ASP C 431 20.92 20.51 9.38
CA ASP C 431 20.02 19.47 8.91
C ASP C 431 19.32 18.77 10.06
N TYR C 432 20.05 18.53 11.15
CA TYR C 432 19.42 17.80 12.22
C TYR C 432 18.40 18.67 12.92
N GLU C 433 18.60 19.99 12.91
CA GLU C 433 17.55 20.90 13.37
C GLU C 433 16.34 20.84 12.45
N GLU C 434 16.58 20.86 11.13
CA GLU C 434 15.48 21.02 10.19
C GLU C 434 14.55 19.81 10.22
N VAL C 435 15.10 18.58 10.24
CA VAL C 435 14.24 17.41 10.25
C VAL C 435 13.28 17.43 11.45
N GLY C 436 13.64 18.11 12.53
CA GLY C 436 12.85 18.01 13.74
C GLY C 436 11.70 18.99 13.77
N VAL C 437 11.86 20.12 13.08
CA VAL C 437 10.81 21.11 13.00
C VAL C 437 9.56 20.48 12.40
N ASP C 438 8.40 20.95 12.84
CA ASP C 438 7.13 20.42 12.36
C ASP C 438 6.88 20.85 10.92
N SER C 439 5.85 20.26 10.31
CA SER C 439 5.43 20.58 8.95
C SER C 439 4.42 21.71 8.95
N VAL C 440 4.12 22.22 7.76
CA VAL C 440 3.27 23.39 7.57
C VAL C 440 2.01 23.06 6.76
N MET D 1 60.53 -1.39 14.67
CA MET D 1 61.61 -0.58 15.24
C MET D 1 61.57 0.91 14.77
N ARG D 2 61.71 1.86 15.69
CA ARG D 2 61.74 3.29 15.36
C ARG D 2 63.01 3.86 16.00
N GLU D 3 64.02 4.14 15.20
CA GLU D 3 65.35 4.45 15.72
C GLU D 3 65.49 5.94 15.94
N ILE D 4 65.69 6.34 17.17
CA ILE D 4 66.27 7.64 17.43
C ILE D 4 67.77 7.53 17.27
N VAL D 5 68.38 8.62 16.83
CA VAL D 5 69.82 8.78 16.73
C VAL D 5 70.27 9.85 17.72
N HIS D 6 71.15 9.47 18.65
CA HIS D 6 71.63 10.35 19.70
C HIS D 6 72.91 11.06 19.28
N ILE D 7 73.05 12.32 19.68
CA ILE D 7 74.21 13.15 19.35
C ILE D 7 74.60 14.00 20.55
N GLN D 8 75.74 13.71 21.19
CA GLN D 8 76.30 14.54 22.24
C GLN D 8 77.40 15.42 21.67
N ALA D 9 77.38 16.70 22.03
CA ALA D 9 78.35 17.65 21.50
C ALA D 9 78.83 18.60 22.58
N GLY D 10 80.16 18.77 22.66
CA GLY D 10 80.77 19.76 23.52
C GLY D 10 81.05 19.24 24.90
N GLN D 11 81.56 20.14 25.75
CA GLN D 11 81.83 19.70 27.12
C GLN D 11 80.53 19.31 27.83
N CYS D 12 79.61 20.26 27.98
CA CYS D 12 78.35 19.93 28.66
C CYS D 12 77.63 18.78 27.97
N GLY D 13 77.55 18.85 26.64
CA GLY D 13 76.81 17.83 25.90
C GLY D 13 77.24 16.41 26.22
N ASN D 14 78.54 16.14 26.15
CA ASN D 14 78.98 14.74 26.30
C ASN D 14 78.78 14.22 27.71
N GLN D 15 78.90 15.08 28.72
CA GLN D 15 78.76 14.62 30.08
C GLN D 15 77.31 14.25 30.41
N ILE D 16 76.36 15.18 30.16
CA ILE D 16 74.95 14.84 30.41
C ILE D 16 74.52 13.69 29.50
N GLY D 17 75.05 13.64 28.28
CA GLY D 17 74.82 12.49 27.43
C GLY D 17 75.35 11.19 28.02
N ALA D 18 76.45 11.25 28.76
CA ALA D 18 77.04 10.01 29.29
C ALA D 18 76.18 9.40 30.39
N LYS D 19 75.81 10.21 31.41
CA LYS D 19 75.04 9.63 32.50
C LYS D 19 73.66 9.21 32.01
N PHE D 20 73.13 9.91 31.00
CA PHE D 20 71.94 9.42 30.30
C PHE D 20 72.08 7.93 30.01
N TRP D 21 73.07 7.55 29.18
CA TRP D 21 73.21 6.15 28.77
C TRP D 21 73.47 5.24 29.96
N GLU D 22 74.25 5.71 30.94
CA GLU D 22 74.43 4.92 32.15
C GLU D 22 73.09 4.58 32.78
N VAL D 23 72.17 5.56 32.85
CA VAL D 23 70.88 5.34 33.52
C VAL D 23 69.98 4.45 32.69
N ILE D 24 69.80 4.77 31.41
CA ILE D 24 68.82 4.00 30.65
C ILE D 24 69.35 2.61 30.37
N SER D 25 70.68 2.45 30.34
CA SER D 25 71.27 1.12 30.22
C SER D 25 70.94 0.26 31.44
N ASP D 26 71.01 0.87 32.63
CA ASP D 26 70.66 0.18 33.86
C ASP D 26 69.17 -0.17 33.91
N GLU D 27 68.29 0.78 33.54
CA GLU D 27 66.86 0.49 33.50
C GLU D 27 66.56 -0.67 32.54
N HIS D 28 67.25 -0.71 31.40
CA HIS D 28 66.98 -1.68 30.35
C HIS D 28 67.72 -3.00 30.54
N GLY D 29 68.67 -3.08 31.47
CA GLY D 29 69.41 -4.30 31.72
C GLY D 29 70.60 -4.51 30.79
N ILE D 30 71.50 -3.54 30.73
CA ILE D 30 72.66 -3.57 29.86
C ILE D 30 73.87 -3.16 30.67
N ASP D 31 74.88 -4.02 30.72
CA ASP D 31 76.15 -3.69 31.38
C ASP D 31 77.09 -3.00 30.40
N PRO D 32 78.23 -2.54 30.87
CA PRO D 32 79.11 -1.75 30.00
C PRO D 32 79.70 -2.54 28.83
N THR D 33 79.45 -3.85 28.76
CA THR D 33 79.88 -4.62 27.60
C THR D 33 78.85 -4.64 26.48
N GLY D 34 77.59 -4.36 26.80
CA GLY D 34 76.54 -4.42 25.81
C GLY D 34 75.75 -5.71 25.82
N SER D 35 75.77 -6.47 26.90
CA SER D 35 74.97 -7.68 27.02
C SER D 35 73.79 -7.42 27.95
N TYR D 36 72.76 -8.23 27.78
CA TYR D 36 71.51 -8.04 28.52
C TYR D 36 71.47 -9.02 29.67
N HIS D 37 71.57 -8.50 30.89
CA HIS D 37 71.40 -9.27 32.12
C HIS D 37 70.23 -8.63 32.83
N GLY D 38 69.01 -9.01 32.44
CA GLY D 38 67.82 -8.38 32.95
C GLY D 38 66.78 -9.42 33.34
N ASP D 39 65.85 -8.95 34.19
CA ASP D 39 64.78 -9.80 34.71
C ASP D 39 63.60 -9.87 33.75
N SER D 40 63.02 -8.71 33.40
CA SER D 40 61.79 -8.64 32.62
C SER D 40 62.11 -8.36 31.15
N ASP D 41 61.29 -8.90 30.26
CA ASP D 41 61.45 -8.61 28.85
C ASP D 41 60.76 -7.32 28.43
N LEU D 42 60.10 -6.64 29.36
CA LEU D 42 59.64 -5.30 29.07
C LEU D 42 60.79 -4.33 28.87
N GLN D 43 62.02 -4.70 29.26
CA GLN D 43 63.16 -3.83 29.06
C GLN D 43 63.78 -3.97 27.67
N LEU D 44 63.35 -4.97 26.90
CA LEU D 44 63.86 -5.19 25.56
C LEU D 44 62.88 -4.83 24.46
N GLU D 45 61.57 -4.85 24.75
CA GLU D 45 60.56 -4.78 23.70
C GLU D 45 60.81 -3.65 22.70
N ARG D 46 61.22 -2.49 23.18
CA ARG D 46 61.50 -1.34 22.34
C ARG D 46 62.96 -0.89 22.49
N ILE D 47 63.86 -1.84 22.76
CA ILE D 47 65.25 -1.47 23.02
C ILE D 47 65.89 -0.89 21.77
N ASN D 48 65.48 -1.36 20.59
CA ASN D 48 66.01 -0.90 19.32
C ASN D 48 65.89 0.60 19.10
N VAL D 49 65.06 1.28 19.90
CA VAL D 49 64.87 2.73 19.76
C VAL D 49 66.15 3.47 20.08
N TYR D 50 66.91 3.01 21.06
CA TYR D 50 68.17 3.64 21.41
C TYR D 50 69.38 2.75 21.19
N TYR D 51 69.20 1.53 20.71
CA TYR D 51 70.28 0.56 20.74
C TYR D 51 70.41 -0.20 19.42
N ASN D 52 71.64 -0.31 18.92
CA ASN D 52 71.97 -1.21 17.82
C ASN D 52 72.18 -2.62 18.34
N GLU D 53 71.56 -3.59 17.69
CA GLU D 53 71.73 -4.99 18.07
C GLU D 53 72.93 -5.53 17.31
N ALA D 54 73.98 -5.91 18.03
CA ALA D 54 75.12 -6.61 17.46
C ALA D 54 75.01 -8.09 17.80
N THR D 55 75.30 -8.94 16.82
CA THR D 55 75.41 -10.35 17.13
C THR D 55 76.51 -10.56 18.18
N GLY D 56 76.53 -11.76 18.74
CA GLY D 56 77.03 -11.86 20.10
C GLY D 56 76.10 -11.17 21.06
N ASN D 57 74.82 -11.01 20.67
CA ASN D 57 73.79 -10.29 21.39
C ASN D 57 74.33 -9.11 22.19
N LYS D 58 75.06 -8.23 21.51
CA LYS D 58 75.59 -7.03 22.13
C LYS D 58 74.76 -5.84 21.65
N TYR D 59 74.27 -5.04 22.60
CA TYR D 59 73.51 -3.83 22.29
C TYR D 59 74.45 -2.64 22.35
N VAL D 60 74.53 -1.89 21.27
CA VAL D 60 75.43 -0.75 21.13
C VAL D 60 74.56 0.51 21.08
N PRO D 61 74.73 1.46 21.99
CA PRO D 61 74.01 2.72 21.86
C PRO D 61 74.14 3.23 20.45
N ARG D 62 73.13 3.97 20.01
CA ARG D 62 73.18 4.65 18.72
C ARG D 62 73.59 6.09 18.96
N ALA D 63 74.80 6.24 19.47
CA ALA D 63 75.30 7.51 19.96
C ALA D 63 76.47 7.98 19.12
N ILE D 64 76.50 9.29 18.83
CA ILE D 64 77.59 9.95 18.12
C ILE D 64 78.19 10.93 19.11
N LEU D 65 79.34 10.59 19.67
CA LEU D 65 80.04 11.49 20.60
C LEU D 65 80.89 12.46 19.80
N VAL D 66 80.82 13.75 20.13
CA VAL D 66 81.45 14.80 19.33
C VAL D 66 82.00 15.87 20.27
N ASP D 67 83.17 16.42 19.94
CA ASP D 67 83.71 17.58 20.65
C ASP D 67 84.80 18.22 19.80
N LEU D 68 85.22 19.42 20.20
CA LEU D 68 86.36 20.09 19.56
C LEU D 68 87.67 19.95 20.35
N GLU D 69 87.68 19.24 21.49
CA GLU D 69 88.86 19.01 22.30
C GLU D 69 88.90 17.57 22.77
N PRO D 70 89.96 16.81 22.47
CA PRO D 70 89.97 15.37 22.77
C PRO D 70 89.92 15.04 24.25
N GLY D 71 89.88 16.04 25.12
CA GLY D 71 89.86 15.78 26.55
C GLY D 71 88.56 15.16 27.01
N THR D 72 87.47 15.93 26.88
CA THR D 72 86.12 15.42 27.11
C THR D 72 85.96 14.02 26.53
N MET D 73 86.45 13.82 25.31
CA MET D 73 86.40 12.50 24.67
C MET D 73 87.01 11.41 25.56
N ASP D 74 88.30 11.55 25.90
CA ASP D 74 88.97 10.48 26.62
C ASP D 74 88.21 10.12 27.90
N SER D 75 87.72 11.12 28.62
CA SER D 75 86.95 10.86 29.84
C SER D 75 85.88 9.81 29.60
N VAL D 76 85.20 9.89 28.45
CA VAL D 76 84.04 9.03 28.21
C VAL D 76 84.44 7.55 28.26
N ARG D 77 85.35 7.14 27.37
CA ARG D 77 85.74 5.73 27.37
C ARG D 77 86.24 5.31 28.74
N SER D 78 87.00 6.19 29.40
CA SER D 78 87.54 5.87 30.72
C SER D 78 86.42 5.58 31.71
N GLY D 79 85.41 6.45 31.74
CA GLY D 79 84.29 6.30 32.65
C GLY D 79 83.53 5.00 32.47
N PRO D 80 82.50 4.82 33.30
CA PRO D 80 81.67 3.61 33.19
C PRO D 80 80.99 3.58 31.83
N PHE D 81 80.88 2.39 31.25
CA PHE D 81 80.21 2.17 29.97
C PHE D 81 80.98 2.77 28.80
N GLY D 82 82.13 3.41 29.03
CA GLY D 82 82.87 3.99 27.92
C GLY D 82 83.10 2.99 26.81
N GLN D 83 83.17 1.71 27.15
CA GLN D 83 83.42 0.65 26.19
C GLN D 83 82.14 -0.02 25.68
N ILE D 84 80.98 0.49 26.07
CA ILE D 84 79.75 0.07 25.42
C ILE D 84 79.55 0.82 24.10
N PHE D 85 80.15 2.00 23.98
CA PHE D 85 79.94 2.81 22.80
C PHE D 85 80.64 2.19 21.59
N ARG D 86 80.39 2.79 20.43
CA ARG D 86 81.04 2.40 19.20
C ARG D 86 82.31 3.20 19.04
N PRO D 87 83.48 2.55 18.92
CA PRO D 87 84.74 3.32 18.85
C PRO D 87 84.79 4.27 17.68
N ASP D 88 84.17 3.90 16.55
CA ASP D 88 84.13 4.76 15.38
C ASP D 88 83.26 5.99 15.60
N ASN D 89 82.25 5.89 16.47
CA ASN D 89 81.31 6.99 16.63
C ASN D 89 81.87 8.15 17.44
N PHE D 90 83.10 8.04 17.94
CA PHE D 90 83.78 9.20 18.49
C PHE D 90 84.29 10.08 17.36
N VAL D 91 84.02 11.38 17.44
CA VAL D 91 84.54 12.36 16.47
C VAL D 91 85.03 13.59 17.23
N PHE D 92 86.30 13.90 17.04
CA PHE D 92 87.09 14.73 17.96
C PHE D 92 87.78 15.82 17.17
N GLY D 93 87.66 17.05 17.64
CA GLY D 93 88.53 18.11 17.17
C GLY D 93 89.90 17.97 17.82
N GLN D 94 90.67 19.04 17.71
CA GLN D 94 91.91 19.14 18.45
C GLN D 94 92.01 20.56 18.99
N SER D 95 91.89 21.53 18.08
CA SER D 95 92.10 22.94 18.43
C SER D 95 91.13 23.45 19.48
N GLY D 96 89.98 22.80 19.66
CA GLY D 96 89.01 23.23 20.64
C GLY D 96 88.17 24.41 20.15
N ALA D 97 87.25 24.84 21.02
CA ALA D 97 86.31 25.92 20.70
C ALA D 97 86.51 27.17 21.52
N GLY D 98 87.08 27.06 22.72
CA GLY D 98 87.37 28.21 23.54
C GLY D 98 86.17 29.09 23.80
N ASN D 99 85.07 28.47 24.24
CA ASN D 99 83.84 29.17 24.64
C ASN D 99 83.43 30.24 23.62
N ASN D 100 83.76 30.06 22.35
CA ASN D 100 83.37 30.97 21.30
C ASN D 100 82.33 30.30 20.41
N TRP D 101 81.23 31.02 20.11
CA TRP D 101 80.18 30.47 19.26
C TRP D 101 80.62 30.41 17.80
N ALA D 102 81.27 31.48 17.31
CA ALA D 102 81.70 31.51 15.92
C ALA D 102 82.65 30.36 15.62
N LYS D 103 83.51 30.00 16.58
CA LYS D 103 84.44 28.90 16.38
C LYS D 103 83.71 27.57 16.24
N GLY D 104 82.55 27.42 16.88
CA GLY D 104 81.78 26.20 16.73
C GLY D 104 80.89 26.16 15.50
N HIS D 105 80.39 27.33 15.07
CA HIS D 105 79.40 27.39 14.00
C HIS D 105 80.06 27.63 12.64
N TYR D 106 80.82 28.70 12.51
CA TYR D 106 81.28 29.10 11.19
C TYR D 106 82.66 28.54 10.81
N THR D 107 83.61 28.50 11.75
CA THR D 107 84.99 28.19 11.39
C THR D 107 85.33 26.81 11.90
N GLU D 108 85.95 26.67 13.08
CA GLU D 108 86.55 25.40 13.47
C GLU D 108 85.55 24.27 13.49
N GLY D 109 84.30 24.56 13.92
CA GLY D 109 83.26 23.55 13.86
C GLY D 109 82.95 23.11 12.44
N ALA D 110 82.88 24.08 11.52
CA ALA D 110 82.71 23.77 10.10
C ALA D 110 83.71 22.71 9.64
N GLU D 111 84.96 22.83 10.07
CA GLU D 111 85.99 21.88 9.65
C GLU D 111 85.74 20.48 10.18
N LEU D 112 85.05 20.32 11.31
CA LEU D 112 84.79 18.99 11.81
C LEU D 112 83.39 18.49 11.47
N VAL D 113 82.50 19.37 11.00
CA VAL D 113 81.10 18.99 10.82
C VAL D 113 80.97 17.81 9.85
N ASP D 114 81.55 17.94 8.65
CA ASP D 114 81.37 16.90 7.65
C ASP D 114 81.90 15.56 8.14
N SER D 115 82.82 15.57 9.11
CA SER D 115 83.31 14.33 9.70
C SER D 115 82.30 13.72 10.67
N VAL D 116 81.45 14.56 11.28
CA VAL D 116 80.30 14.08 12.04
C VAL D 116 79.19 13.63 11.09
N LEU D 117 78.80 14.51 10.18
CA LEU D 117 77.75 14.17 9.22
C LEU D 117 77.95 12.77 8.64
N ASP D 118 79.20 12.35 8.49
CA ASP D 118 79.45 11.03 7.91
C ASP D 118 79.02 9.92 8.87
N VAL D 119 79.30 10.08 10.16
CA VAL D 119 78.86 9.10 11.15
C VAL D 119 77.35 9.11 11.29
N VAL D 120 76.75 10.30 11.28
CA VAL D 120 75.29 10.40 11.21
C VAL D 120 74.76 9.47 10.13
N ARG D 121 75.16 9.70 8.87
CA ARG D 121 74.64 8.91 7.76
C ARG D 121 74.83 7.42 7.98
N LYS D 122 76.05 7.00 8.33
CA LYS D 122 76.29 5.58 8.57
C LYS D 122 75.26 5.04 9.55
N GLU D 123 74.97 5.81 10.60
CA GLU D 123 74.00 5.34 11.59
C GLU D 123 72.59 5.48 11.07
N SER D 124 72.30 6.57 10.36
CA SER D 124 70.95 6.81 9.85
C SER D 124 70.56 5.75 8.82
N GLU D 125 71.44 5.46 7.87
CA GLU D 125 71.07 4.51 6.83
C GLU D 125 70.92 3.08 7.34
N SER D 126 71.37 2.80 8.56
CA SER D 126 71.15 1.50 9.19
C SER D 126 69.76 1.34 9.79
N CYS D 127 68.91 2.36 9.68
CA CYS D 127 67.65 2.40 10.41
C CYS D 127 66.51 1.90 9.54
N ASP D 128 65.77 0.90 10.05
CA ASP D 128 64.53 0.55 9.39
C ASP D 128 63.60 1.75 9.28
N CYS D 129 63.45 2.54 10.36
CA CYS D 129 62.50 3.66 10.34
C CYS D 129 62.97 4.77 11.29
N LEU D 130 63.69 5.73 10.74
CA LEU D 130 64.40 6.70 11.55
C LEU D 130 63.44 7.75 12.10
N GLN D 131 63.20 7.74 13.41
CA GLN D 131 62.50 8.83 14.09
C GLN D 131 63.19 10.18 13.83
N GLY D 132 64.46 10.23 14.08
CA GLY D 132 65.12 11.50 14.11
C GLY D 132 66.25 11.44 15.12
N PHE D 133 66.53 12.59 15.70
CA PHE D 133 67.73 12.79 16.50
C PHE D 133 67.39 13.53 17.79
N GLN D 134 68.17 13.28 18.83
CA GLN D 134 68.19 14.13 20.00
C GLN D 134 69.63 14.55 20.25
N LEU D 135 69.84 15.86 20.39
CA LEU D 135 71.16 16.41 20.64
C LEU D 135 71.24 16.84 22.09
N THR D 136 72.23 16.32 22.82
CA THR D 136 72.56 16.79 24.17
C THR D 136 73.73 17.75 24.06
N HIS D 137 73.53 18.98 24.50
CA HIS D 137 74.58 19.98 24.38
C HIS D 137 74.31 21.07 25.42
N SER D 138 75.11 22.13 25.37
CA SER D 138 74.90 23.32 26.17
C SER D 138 74.77 24.51 25.23
N LEU D 139 74.11 25.57 25.68
CA LEU D 139 74.09 26.78 24.89
C LEU D 139 75.06 27.83 25.42
N GLY D 140 75.82 27.49 26.46
CA GLY D 140 76.73 28.40 27.13
C GLY D 140 78.11 28.56 26.49
N GLY D 141 78.72 27.48 26.01
CA GLY D 141 80.02 27.68 25.42
C GLY D 141 80.58 26.72 24.40
N GLY D 142 80.82 27.26 23.24
CA GLY D 142 81.82 26.65 22.37
C GLY D 142 81.25 25.60 21.42
N THR D 143 81.61 24.34 21.67
CA THR D 143 81.30 23.30 20.70
C THR D 143 79.83 22.98 20.69
N GLY D 144 79.28 22.56 21.84
CA GLY D 144 77.88 22.21 21.92
C GLY D 144 76.96 23.33 21.45
N SER D 145 77.29 24.57 21.81
CA SER D 145 76.38 25.67 21.49
C SER D 145 76.39 25.99 20.00
N GLY D 146 77.58 26.08 19.40
CA GLY D 146 77.71 26.54 18.03
C GLY D 146 77.80 25.43 17.00
N MET D 147 78.72 24.47 17.20
CA MET D 147 78.78 23.36 16.27
C MET D 147 77.52 22.53 16.37
N GLY D 148 76.98 22.40 17.60
CA GLY D 148 75.72 21.71 17.81
C GLY D 148 74.57 22.30 17.02
N THR D 149 74.49 23.65 16.95
CA THR D 149 73.45 24.27 16.13
C THR D 149 73.81 24.30 14.64
N LEU D 150 75.10 24.22 14.31
CA LEU D 150 75.49 24.06 12.91
C LEU D 150 75.25 22.63 12.44
N LEU D 151 75.54 21.66 13.30
CA LEU D 151 75.17 20.29 13.01
C LEU D 151 73.65 20.15 12.85
N ILE D 152 72.87 20.80 13.71
CA ILE D 152 71.42 20.81 13.53
C ILE D 152 71.07 21.28 12.12
N SER D 153 71.50 22.49 11.76
CA SER D 153 71.26 22.97 10.41
C SER D 153 71.55 21.91 9.36
N LYS D 154 72.76 21.31 9.40
CA LYS D 154 73.18 20.40 8.33
C LYS D 154 72.33 19.14 8.32
N ILE D 155 71.98 18.62 9.49
CA ILE D 155 71.19 17.40 9.56
C ILE D 155 69.79 17.63 9.01
N ARG D 156 69.15 18.72 9.44
CA ARG D 156 67.82 19.04 8.93
C ARG D 156 67.83 19.16 7.42
N GLU D 157 68.95 19.61 6.84
CA GLU D 157 69.08 19.72 5.38
C GLU D 157 69.09 18.35 4.72
N GLU D 158 69.71 17.36 5.33
CA GLU D 158 69.72 16.01 4.79
C GLU D 158 68.50 15.20 5.20
N TYR D 159 67.86 15.56 6.31
CA TYR D 159 66.69 14.84 6.81
C TYR D 159 65.58 15.84 7.12
N PRO D 160 65.17 16.64 6.13
CA PRO D 160 64.16 17.67 6.42
C PRO D 160 62.85 17.12 6.95
N ASP D 161 62.63 15.82 6.84
CA ASP D 161 61.38 15.16 7.21
C ASP D 161 61.54 14.28 8.45
N ARG D 162 62.55 14.52 9.26
CA ARG D 162 62.78 13.78 10.49
C ARG D 162 62.71 14.76 11.65
N ILE D 163 62.51 14.22 12.85
CA ILE D 163 62.30 15.09 14.00
C ILE D 163 63.64 15.49 14.57
N MET D 164 63.74 16.73 15.04
CA MET D 164 64.96 17.23 15.67
C MET D 164 64.64 17.63 17.11
N ASN D 165 65.02 16.77 18.05
CA ASN D 165 64.80 16.97 19.48
C ASN D 165 66.13 17.25 20.19
N THR D 166 66.25 18.42 20.83
CA THR D 166 67.46 18.74 21.55
C THR D 166 67.18 18.90 23.04
N PHE D 167 68.19 18.53 23.85
CA PHE D 167 68.28 18.84 25.28
C PHE D 167 69.31 19.95 25.46
N SER D 168 68.85 21.20 25.52
CA SER D 168 69.74 22.33 25.61
C SER D 168 69.90 22.80 27.05
N VAL D 169 71.14 23.01 27.47
CA VAL D 169 71.49 23.38 28.85
C VAL D 169 71.80 24.88 28.87
N MET D 170 70.89 25.67 29.49
CA MET D 170 70.93 27.12 29.49
C MET D 170 71.88 27.65 30.56
N PRO D 171 72.60 28.72 30.25
CA PRO D 171 73.63 29.22 31.16
C PRO D 171 73.05 29.95 32.36
N SER D 172 73.66 29.75 33.52
CA SER D 172 73.29 30.49 34.72
C SER D 172 74.53 31.09 35.37
N PRO D 173 74.59 32.43 35.54
CA PRO D 173 75.74 33.04 36.22
C PRO D 173 75.98 32.49 37.62
N LYS D 174 75.04 31.74 38.18
CA LYS D 174 75.27 31.01 39.42
C LYS D 174 76.00 29.69 39.19
N VAL D 175 76.46 29.37 37.97
CA VAL D 175 77.12 28.08 37.75
C VAL D 175 78.34 28.20 36.84
N SER D 176 78.39 29.24 36.00
CA SER D 176 79.59 29.46 35.20
C SER D 176 79.86 30.96 35.08
N ASP D 177 81.14 31.29 35.05
CA ASP D 177 81.55 32.68 35.07
C ASP D 177 81.87 33.25 33.71
N THR D 178 82.26 32.41 32.75
CA THR D 178 82.69 32.93 31.46
C THR D 178 81.64 33.86 30.88
N VAL D 179 82.03 35.11 30.65
CA VAL D 179 81.04 36.17 30.47
C VAL D 179 80.37 36.12 29.11
N VAL D 180 80.94 35.40 28.14
CA VAL D 180 80.34 35.37 26.80
C VAL D 180 79.13 34.44 26.71
N GLU D 181 78.71 33.83 27.81
CA GLU D 181 77.60 32.89 27.75
C GLU D 181 76.28 33.56 27.34
N PRO D 182 75.91 34.72 27.86
CA PRO D 182 74.70 35.39 27.36
C PRO D 182 74.74 35.61 25.86
N TYR D 183 75.93 35.69 25.28
CA TYR D 183 76.06 35.78 23.83
C TYR D 183 75.83 34.42 23.19
N ASN D 184 76.51 33.39 23.70
CA ASN D 184 76.44 32.06 23.08
C ASN D 184 75.01 31.54 23.06
N ALA D 185 74.34 31.55 24.23
CA ALA D 185 72.95 31.13 24.32
C ALA D 185 72.06 31.84 23.29
N THR D 186 72.05 33.19 23.31
CA THR D 186 71.16 33.93 22.41
C THR D 186 71.41 33.58 20.93
N LEU D 187 72.66 33.38 20.54
CA LEU D 187 72.90 33.02 19.15
C LEU D 187 72.44 31.60 18.88
N SER D 188 72.47 30.72 19.89
CA SER D 188 71.98 29.36 19.71
C SER D 188 70.46 29.34 19.58
N VAL D 189 69.76 29.97 20.54
CA VAL D 189 68.31 30.02 20.54
C VAL D 189 67.78 30.57 19.23
N HIS D 190 68.48 31.56 18.67
CA HIS D 190 68.13 32.06 17.34
C HIS D 190 68.06 30.92 16.33
N GLN D 191 68.90 29.90 16.51
CA GLN D 191 68.91 28.72 15.66
C GLN D 191 67.91 27.67 16.11
N LEU D 192 67.75 27.51 17.43
CA LEU D 192 66.85 26.50 17.98
C LEU D 192 65.39 26.81 17.68
N VAL D 193 65.03 28.09 17.68
CA VAL D 193 63.66 28.50 17.36
C VAL D 193 63.32 28.12 15.93
N GLU D 194 64.32 28.07 15.05
CA GLU D 194 64.10 27.90 13.62
C GLU D 194 64.35 26.49 13.11
N ASN D 195 65.01 25.61 13.85
CA ASN D 195 65.40 24.34 13.25
C ASN D 195 65.20 23.11 14.12
N THR D 196 64.62 23.25 15.31
CA THR D 196 64.22 22.08 16.09
C THR D 196 62.70 21.99 16.17
N ASP D 197 62.23 20.77 16.37
CA ASP D 197 60.82 20.53 16.62
C ASP D 197 60.50 20.46 18.10
N GLU D 198 61.48 20.10 18.94
CA GLU D 198 61.25 19.96 20.37
C GLU D 198 62.55 20.22 21.12
N THR D 199 62.56 21.22 22.00
CA THR D 199 63.72 21.47 22.85
C THR D 199 63.30 21.49 24.30
N TYR D 200 63.77 20.52 25.06
CA TYR D 200 63.68 20.56 26.51
C TYR D 200 64.69 21.55 27.08
N CYS D 201 64.22 22.61 27.73
CA CYS D 201 65.10 23.53 28.44
C CYS D 201 65.58 22.88 29.75
N ILE D 202 66.86 22.57 29.83
CA ILE D 202 67.54 22.24 31.08
C ILE D 202 68.21 23.53 31.55
N ASP D 203 67.73 24.13 32.64
CA ASP D 203 68.23 25.43 33.08
C ASP D 203 69.23 25.27 34.23
N ASN D 204 70.49 25.62 33.98
CA ASN D 204 71.49 25.51 35.04
C ASN D 204 71.15 26.40 36.23
N GLU D 205 70.36 27.47 36.01
CA GLU D 205 69.91 28.30 37.11
C GLU D 205 68.91 27.56 37.99
N ALA D 206 68.03 26.78 37.37
CA ALA D 206 67.07 26.01 38.14
C ALA D 206 67.66 24.73 38.70
N LEU D 207 68.69 24.19 38.02
CA LEU D 207 69.37 23.01 38.57
C LEU D 207 70.16 23.36 39.81
N TYR D 208 70.87 24.50 39.77
CA TYR D 208 71.56 25.01 40.93
C TYR D 208 70.58 25.24 42.07
N ASP D 209 69.66 26.21 41.88
CA ASP D 209 68.68 26.54 42.91
C ASP D 209 68.06 25.30 43.53
N ILE D 210 67.68 24.32 42.72
CA ILE D 210 67.15 23.09 43.29
C ILE D 210 68.16 22.50 44.25
N CYS D 211 69.36 22.18 43.74
CA CYS D 211 70.38 21.52 44.55
C CYS D 211 70.70 22.32 45.81
N PHE D 212 70.63 23.65 45.73
CA PHE D 212 71.05 24.53 46.83
C PHE D 212 69.98 24.66 47.91
N ARG D 213 68.71 24.70 47.53
CA ARG D 213 67.63 24.90 48.49
C ARG D 213 66.98 23.57 48.85
N THR D 214 66.42 22.88 47.87
CA THR D 214 65.73 21.63 48.18
C THR D 214 66.72 20.55 48.59
N LEU D 215 67.68 20.23 47.70
CA LEU D 215 68.72 19.26 48.04
C LEU D 215 69.69 19.81 49.08
N LYS D 216 69.60 21.11 49.41
CA LYS D 216 70.53 21.75 50.33
C LYS D 216 71.96 21.25 50.07
N LEU D 217 72.56 21.74 48.99
CA LEU D 217 73.97 21.52 48.68
C LEU D 217 74.61 22.90 48.68
N THR D 218 75.47 23.16 49.68
CA THR D 218 76.05 24.49 49.80
C THR D 218 76.93 24.80 48.60
N THR D 219 77.61 23.78 48.07
CA THR D 219 78.42 23.89 46.85
C THR D 219 78.08 22.71 45.95
N PRO D 220 77.13 22.88 45.02
CA PRO D 220 76.78 21.79 44.12
C PRO D 220 77.76 21.69 42.97
N THR D 221 78.09 20.46 42.59
CA THR D 221 79.05 20.21 41.53
C THR D 221 78.33 19.93 40.21
N TYR D 222 79.05 20.15 39.11
CA TYR D 222 78.54 19.70 37.83
C TYR D 222 78.16 18.22 37.87
N GLY D 223 78.44 17.51 38.96
CA GLY D 223 78.01 16.13 39.07
C GLY D 223 76.72 15.99 39.85
N ASP D 224 76.49 16.93 40.78
CA ASP D 224 75.22 16.98 41.50
C ASP D 224 74.13 17.57 40.62
N LEU D 225 74.48 18.61 39.84
CA LEU D 225 73.58 19.09 38.81
C LEU D 225 73.18 17.94 37.89
N ASN D 226 74.17 17.37 37.19
CA ASN D 226 73.90 16.36 36.18
C ASN D 226 73.15 15.17 36.75
N HIS D 227 73.12 15.00 38.07
CA HIS D 227 72.25 13.97 38.65
C HIS D 227 70.78 14.31 38.45
N LEU D 228 70.45 15.61 38.48
CA LEU D 228 69.09 16.05 38.22
C LEU D 228 68.74 15.82 36.75
N VAL D 229 69.64 16.19 35.83
CA VAL D 229 69.39 16.05 34.40
C VAL D 229 69.20 14.58 34.03
N SER D 230 70.01 13.68 34.58
CA SER D 230 69.82 12.28 34.25
C SER D 230 68.44 11.78 34.69
N ALA D 231 67.92 12.29 35.81
CA ALA D 231 66.59 11.90 36.28
C ALA D 231 65.51 12.41 35.34
N THR D 232 65.59 13.70 34.98
CA THR D 232 64.71 14.28 33.97
C THR D 232 64.75 13.51 32.65
N MET D 233 65.96 13.22 32.15
CA MET D 233 66.08 12.66 30.81
C MET D 233 65.67 11.19 30.76
N SER D 234 65.85 10.45 31.86
CA SER D 234 65.23 9.14 31.90
C SER D 234 63.71 9.27 31.89
N GLY D 235 63.18 10.36 32.45
CA GLY D 235 61.75 10.50 32.59
C GLY D 235 61.05 10.87 31.29
N VAL D 236 61.54 11.91 30.60
CA VAL D 236 60.89 12.42 29.40
C VAL D 236 61.09 11.49 28.21
N THR D 237 61.69 10.32 28.45
CA THR D 237 61.84 9.30 27.41
C THR D 237 61.22 7.97 27.81
N THR D 238 60.60 7.87 28.99
CA THR D 238 59.94 6.63 29.38
C THR D 238 59.01 6.12 28.30
N CYS D 239 58.24 7.02 27.68
CA CYS D 239 57.26 6.61 26.70
C CYS D 239 57.87 6.38 25.33
N LEU D 240 59.11 6.81 25.12
CA LEU D 240 59.84 6.38 23.92
C LEU D 240 60.39 4.97 24.10
N ARG D 241 60.89 4.65 25.31
CA ARG D 241 61.65 3.44 25.60
C ARG D 241 60.79 2.25 26.07
N PHE D 242 59.67 2.50 26.71
CA PHE D 242 58.96 1.35 27.24
C PHE D 242 57.60 1.19 26.60
N PRO D 243 57.12 -0.04 26.47
CA PRO D 243 55.75 -0.25 25.98
C PRO D 243 54.74 0.43 26.89
N GLY D 244 53.70 1.00 26.28
CA GLY D 244 52.68 1.69 27.05
C GLY D 244 51.33 1.65 26.38
N GLN D 245 50.38 2.46 26.86
CA GLN D 245 49.14 2.63 26.10
C GLN D 245 49.42 3.37 24.80
N LEU D 246 50.05 4.53 24.89
CA LEU D 246 50.32 5.33 23.70
C LEU D 246 51.67 4.97 23.09
N ASN D 247 51.66 4.77 21.76
CA ASN D 247 52.82 4.33 20.97
C ASN D 247 53.76 5.51 20.76
N ALA D 248 54.30 6.04 21.85
CA ALA D 248 54.93 7.35 21.78
C ALA D 248 56.16 7.29 20.89
N ASP D 249 56.35 8.35 20.09
CA ASP D 249 57.55 8.56 19.31
C ASP D 249 57.78 10.06 19.17
N LEU D 250 58.92 10.45 18.62
CA LEU D 250 59.32 11.85 18.70
C LEU D 250 58.38 12.78 17.96
N ARG D 251 57.62 12.28 16.98
CA ARG D 251 56.69 13.12 16.22
C ARG D 251 55.33 13.20 16.91
N LYS D 252 54.81 12.07 17.41
CA LYS D 252 53.58 12.14 18.17
C LYS D 252 53.74 13.07 19.37
N LEU D 253 54.92 13.08 19.99
CA LEU D 253 55.20 14.06 21.03
C LEU D 253 55.06 15.47 20.48
N ALA D 254 55.69 15.72 19.33
CA ALA D 254 55.70 17.07 18.77
C ALA D 254 54.31 17.53 18.36
N VAL D 255 53.59 16.70 17.59
CA VAL D 255 52.24 17.03 17.13
C VAL D 255 51.36 17.49 18.29
N ASN D 256 51.37 16.71 19.38
CA ASN D 256 50.45 16.95 20.50
C ASN D 256 50.95 18.05 21.44
N MET D 257 52.27 18.26 21.53
CA MET D 257 52.87 19.22 22.45
C MET D 257 53.07 20.61 21.86
N VAL D 258 53.17 20.74 20.53
CA VAL D 258 53.61 22.00 19.92
C VAL D 258 52.48 22.60 19.09
N PRO D 259 51.69 23.51 19.66
CA PRO D 259 50.58 24.12 18.90
C PRO D 259 51.01 25.22 17.94
N PHE D 260 52.24 25.69 18.03
CA PHE D 260 52.73 26.67 17.08
C PHE D 260 54.20 26.32 16.87
N PRO D 261 54.67 26.29 15.62
CA PRO D 261 55.99 25.69 15.35
C PRO D 261 57.09 26.25 16.26
N ARG D 262 57.12 27.58 16.44
CA ARG D 262 58.18 28.24 17.17
C ARG D 262 58.08 28.00 18.68
N LEU D 263 56.87 27.87 19.21
CA LEU D 263 56.65 27.70 20.65
C LEU D 263 56.84 26.25 21.09
N HIS D 264 58.08 25.78 20.93
CA HIS D 264 58.43 24.38 21.18
C HIS D 264 59.48 24.22 22.27
N PHE D 265 59.47 25.09 23.29
CA PHE D 265 60.46 25.04 24.36
C PHE D 265 59.80 24.59 25.65
N PHE D 266 60.11 23.37 26.06
CA PHE D 266 59.43 22.71 27.15
C PHE D 266 60.13 22.96 28.46
N MET D 267 59.33 23.20 29.50
CA MET D 267 59.77 23.21 30.89
C MET D 267 59.68 21.81 31.46
N PRO D 268 60.77 21.16 31.81
CA PRO D 268 60.68 19.83 32.41
C PRO D 268 60.52 19.92 33.93
N GLY D 269 60.13 18.79 34.51
CA GLY D 269 59.87 18.72 35.93
C GLY D 269 60.01 17.31 36.43
N PHE D 270 60.42 17.17 37.69
CA PHE D 270 60.60 15.88 38.31
C PHE D 270 60.10 15.94 39.76
N ALA D 271 59.70 14.79 40.26
CA ALA D 271 59.32 14.60 41.65
C ALA D 271 59.42 13.12 41.95
N PRO D 272 59.89 12.72 43.14
CA PRO D 272 60.35 13.59 44.22
C PRO D 272 61.83 13.94 44.10
N LEU D 273 62.26 15.07 44.66
CA LEU D 273 63.68 15.40 44.75
C LEU D 273 64.19 15.13 46.17
N LEU D 284 56.18 8.29 49.18
CA LEU D 284 55.36 9.37 48.61
C LEU D 284 54.00 8.85 48.13
N THR D 285 52.99 9.74 48.10
CA THR D 285 51.67 9.39 47.63
C THR D 285 51.37 10.06 46.30
N VAL D 286 50.43 9.47 45.58
CA VAL D 286 50.01 9.90 44.25
C VAL D 286 49.56 11.36 44.27
N PRO D 287 48.96 11.87 45.36
CA PRO D 287 48.62 13.30 45.40
C PRO D 287 49.83 14.17 45.72
N GLU D 288 50.74 13.67 46.55
CA GLU D 288 51.94 14.47 46.82
C GLU D 288 52.81 14.56 45.57
N LEU D 289 52.99 13.44 44.88
CA LEU D 289 53.66 13.48 43.58
C LEU D 289 53.10 14.63 42.74
N THR D 290 51.82 14.53 42.43
CA THR D 290 51.16 15.47 41.52
C THR D 290 51.34 16.92 41.99
N GLN D 291 51.08 17.18 43.28
CA GLN D 291 51.32 18.51 43.82
C GLN D 291 52.75 18.97 43.54
N GLN D 292 53.74 18.14 43.92
CA GLN D 292 55.14 18.49 43.70
C GLN D 292 55.45 18.64 42.21
N MET D 293 54.95 17.73 41.39
CA MET D 293 55.24 17.73 39.96
C MET D 293 54.78 19.03 39.27
N PHE D 294 53.70 19.65 39.77
CA PHE D 294 53.26 20.94 39.27
C PHE D 294 53.83 22.10 40.06
N ASP D 295 54.71 21.79 41.02
CA ASP D 295 55.32 22.79 41.91
C ASP D 295 56.52 23.44 41.24
N SER D 296 56.52 24.78 41.18
CA SER D 296 57.63 25.50 40.58
C SER D 296 58.98 25.13 41.19
N LYS D 297 58.98 24.55 42.40
CA LYS D 297 60.20 24.08 43.02
C LYS D 297 60.74 22.80 42.38
N ASN D 298 59.93 22.10 41.57
CA ASN D 298 60.35 20.87 40.92
C ASN D 298 60.57 21.03 39.43
N MET D 299 60.54 22.28 38.93
CA MET D 299 60.69 22.60 37.51
C MET D 299 62.18 22.75 37.18
N MET D 300 62.65 22.07 36.12
CA MET D 300 64.04 22.20 35.70
C MET D 300 64.30 23.40 34.81
N ALA D 301 63.41 24.39 34.82
CA ALA D 301 63.67 25.68 34.19
C ALA D 301 63.25 26.75 35.17
N ALA D 302 64.12 27.72 35.42
CA ALA D 302 63.80 28.74 36.41
C ALA D 302 62.64 29.60 35.92
N CYS D 303 61.45 29.02 35.82
CA CYS D 303 60.25 29.75 35.45
C CYS D 303 59.10 29.28 36.33
N ASP D 304 58.27 30.21 36.81
CA ASP D 304 57.13 29.86 37.68
C ASP D 304 55.87 29.67 36.83
N PRO D 305 55.25 28.49 36.84
CA PRO D 305 54.06 28.30 36.00
C PRO D 305 52.95 29.29 36.32
N ARG D 306 52.78 29.64 37.60
CA ARG D 306 51.73 30.56 38.03
C ARG D 306 51.90 31.96 37.45
N HIS D 307 52.98 32.21 36.70
CA HIS D 307 53.16 33.49 36.04
C HIS D 307 52.74 33.45 34.58
N GLY D 308 52.46 32.27 34.04
CA GLY D 308 51.85 32.14 32.73
C GLY D 308 50.75 31.09 32.68
N ARG D 309 50.57 30.49 31.51
CA ARG D 309 49.48 29.56 31.25
C ARG D 309 50.04 28.39 30.45
N TYR D 310 49.53 27.20 30.75
CA TYR D 310 49.97 26.00 30.04
C TYR D 310 49.25 25.89 28.70
N LEU D 311 50.02 25.93 27.61
CA LEU D 311 49.47 25.53 26.32
C LEU D 311 49.20 24.02 26.30
N THR D 312 50.19 23.23 26.74
CA THR D 312 50.07 21.77 26.70
C THR D 312 50.99 21.15 27.76
N VAL D 313 50.57 19.99 28.29
CA VAL D 313 51.31 19.34 29.37
C VAL D 313 51.31 17.83 29.15
N ALA D 314 52.45 17.20 29.43
CA ALA D 314 52.55 15.75 29.45
C ALA D 314 53.10 15.33 30.81
N ALA D 315 52.60 14.22 31.34
CA ALA D 315 52.98 13.77 32.69
C ALA D 315 53.28 12.28 32.67
N ILE D 316 54.50 11.87 33.07
CA ILE D 316 54.83 10.44 33.17
C ILE D 316 54.83 10.05 34.64
N PHE D 317 53.98 9.08 34.98
CA PHE D 317 53.99 8.46 36.30
C PHE D 317 54.70 7.12 36.20
N ARG D 318 55.71 6.92 37.03
CA ARG D 318 56.52 5.70 37.02
C ARG D 318 56.48 5.06 38.40
N GLY D 319 56.17 3.78 38.41
CA GLY D 319 56.03 3.07 39.65
C GLY D 319 54.80 2.20 39.60
N ARG D 320 54.52 1.55 40.71
CA ARG D 320 53.33 0.73 40.87
C ARG D 320 52.36 1.53 41.73
N MET D 321 51.24 1.92 41.14
CA MET D 321 50.32 2.83 41.81
C MET D 321 48.96 2.73 41.13
N SER D 322 47.90 3.05 41.88
CA SER D 322 46.55 2.99 41.32
C SER D 322 46.40 4.07 40.27
N MET D 323 46.23 3.68 39.00
CA MET D 323 46.04 4.70 37.99
C MET D 323 44.65 5.32 38.06
N LYS D 324 43.67 4.63 38.68
CA LYS D 324 42.44 5.30 39.07
C LYS D 324 42.73 6.48 39.98
N GLU D 325 43.58 6.27 40.99
CA GLU D 325 44.02 7.39 41.82
C GLU D 325 44.65 8.49 40.95
N VAL D 326 45.58 8.09 40.07
CA VAL D 326 46.26 9.05 39.21
C VAL D 326 45.25 9.85 38.40
N ASP D 327 44.22 9.18 37.86
CA ASP D 327 43.23 9.85 37.03
C ASP D 327 42.48 10.92 37.83
N GLU D 328 42.07 10.58 39.06
CA GLU D 328 41.41 11.57 39.89
C GLU D 328 42.40 12.63 40.35
N GLN D 329 43.64 12.25 40.61
CA GLN D 329 44.61 13.26 41.03
C GLN D 329 44.87 14.27 39.92
N MET D 330 45.04 13.79 38.67
CA MET D 330 45.36 14.70 37.58
C MET D 330 44.14 15.56 37.22
N LEU D 331 42.95 14.99 37.31
CA LEU D 331 41.73 15.78 37.16
C LEU D 331 41.64 16.86 38.23
N ASN D 332 42.06 16.51 39.44
CA ASN D 332 41.99 17.44 40.56
C ASN D 332 42.84 18.68 40.31
N VAL D 333 44.08 18.50 39.85
CA VAL D 333 44.97 19.65 39.67
C VAL D 333 44.49 20.55 38.54
N GLN D 334 43.89 20.00 37.47
CA GLN D 334 43.35 20.90 36.45
C GLN D 334 42.14 21.67 36.95
N ASN D 335 41.25 21.02 37.71
CA ASN D 335 40.11 21.72 38.29
C ASN D 335 40.55 22.87 39.19
N LYS D 336 41.31 22.56 40.23
CA LYS D 336 41.77 23.56 41.20
C LYS D 336 42.74 24.58 40.61
N ASN D 337 43.33 24.31 39.45
CA ASN D 337 44.31 25.19 38.83
C ASN D 337 43.88 25.68 37.46
N SER D 338 42.57 25.71 37.22
CA SER D 338 42.06 25.77 35.85
C SER D 338 42.51 27.02 35.12
N SER D 339 42.71 28.13 35.83
CA SER D 339 43.07 29.37 35.17
C SER D 339 44.49 29.36 34.63
N TYR D 340 45.24 28.29 34.87
CA TYR D 340 46.64 28.19 34.42
C TYR D 340 46.80 27.25 33.25
N PHE D 341 45.71 26.86 32.58
CA PHE D 341 45.75 26.08 31.34
C PHE D 341 44.93 26.82 30.29
N VAL D 342 45.53 27.10 29.13
CA VAL D 342 44.77 27.85 28.14
C VAL D 342 43.47 27.11 27.85
N GLU D 343 42.36 27.85 27.83
CA GLU D 343 41.04 27.28 27.63
C GLU D 343 40.72 26.93 26.18
N TRP D 344 41.46 27.46 25.21
CA TRP D 344 41.19 27.23 23.79
C TRP D 344 41.88 25.97 23.24
N ILE D 345 42.40 25.10 24.10
CA ILE D 345 42.95 23.81 23.69
C ILE D 345 42.43 22.73 24.63
N PRO D 346 41.32 22.08 24.30
CA PRO D 346 40.71 21.14 25.25
C PRO D 346 41.59 19.95 25.52
N ASN D 347 41.37 19.35 26.69
CA ASN D 347 42.03 18.10 27.04
C ASN D 347 43.51 18.16 26.69
N ASN D 348 44.15 19.23 27.14
CA ASN D 348 45.52 19.49 26.76
C ASN D 348 46.51 19.02 27.82
N VAL D 349 46.08 18.19 28.75
CA VAL D 349 46.95 17.58 29.76
C VAL D 349 46.80 16.06 29.67
N LYS D 350 47.79 15.36 29.09
CA LYS D 350 47.76 13.91 29.01
C LYS D 350 48.71 13.31 30.04
N THR D 351 48.43 12.07 30.41
CA THR D 351 49.29 11.37 31.34
C THR D 351 49.54 9.94 30.87
N ALA D 352 50.69 9.40 31.26
CA ALA D 352 51.04 8.01 31.01
C ALA D 352 51.65 7.43 32.27
N VAL D 353 51.44 6.13 32.48
CA VAL D 353 52.07 5.42 33.60
C VAL D 353 52.86 4.23 33.05
N CYS D 354 54.09 4.08 33.55
CA CYS D 354 54.96 2.93 33.29
C CYS D 354 55.26 2.22 34.61
N ASP D 355 55.20 0.89 34.60
CA ASP D 355 55.30 0.12 35.84
C ASP D 355 56.70 0.16 36.48
N ILE D 356 57.76 0.32 35.70
CA ILE D 356 59.13 0.24 36.20
C ILE D 356 59.60 1.66 36.56
N PRO D 357 59.91 1.94 37.83
CA PRO D 357 60.39 3.27 38.21
C PRO D 357 61.89 3.37 38.04
N PRO D 358 62.43 4.60 38.03
CA PRO D 358 63.90 4.74 37.92
C PRO D 358 64.60 4.07 39.10
N ARG D 359 65.89 3.79 38.92
CA ARG D 359 66.66 3.17 39.98
C ARG D 359 66.56 4.01 41.25
N GLY D 360 66.14 3.36 42.34
CA GLY D 360 66.18 3.96 43.65
C GLY D 360 64.98 4.80 44.04
N LEU D 361 63.93 4.84 43.22
CA LEU D 361 62.68 5.49 43.58
C LEU D 361 61.56 4.49 43.38
N LYS D 362 60.75 4.29 44.42
CA LYS D 362 59.62 3.37 44.31
C LYS D 362 58.52 3.97 43.43
N MET D 363 58.44 5.30 43.39
CA MET D 363 57.44 6.00 42.59
C MET D 363 58.01 7.34 42.19
N SER D 364 58.06 7.61 40.88
CA SER D 364 58.44 8.93 40.42
C SER D 364 57.32 9.50 39.56
N ALA D 365 57.45 10.80 39.27
CA ALA D 365 56.65 11.47 38.25
C ALA D 365 57.60 12.34 37.46
N THR D 366 57.34 12.48 36.16
CA THR D 366 58.08 13.42 35.32
C THR D 366 57.09 14.26 34.51
N PHE D 367 57.43 15.54 34.35
CA PHE D 367 56.47 16.54 33.90
C PHE D 367 57.09 17.35 32.77
N ILE D 368 56.54 17.20 31.56
CA ILE D 368 56.89 18.05 30.42
C ILE D 368 55.79 19.08 30.21
N GLY D 369 56.13 20.35 30.28
CA GLY D 369 55.17 21.42 30.10
C GLY D 369 55.59 22.38 29.00
N ASN D 370 54.60 22.92 28.32
CA ASN D 370 54.80 23.96 27.32
C ASN D 370 54.04 25.14 27.86
N SER D 371 54.72 25.96 28.65
CA SER D 371 54.09 27.07 29.36
C SER D 371 54.59 28.39 28.80
N THR D 372 53.69 29.38 28.71
CA THR D 372 54.10 30.71 28.29
C THR D 372 55.00 31.37 29.33
N ALA D 373 55.16 30.75 30.50
CA ALA D 373 56.06 31.26 31.51
C ALA D 373 57.52 31.02 31.15
N ILE D 374 57.80 30.16 30.16
CA ILE D 374 59.17 29.98 29.68
C ILE D 374 59.76 31.29 29.20
N GLN D 375 58.92 32.25 28.81
CA GLN D 375 59.45 33.56 28.48
C GLN D 375 60.30 34.13 29.63
N GLU D 376 60.05 33.68 30.87
CA GLU D 376 60.90 34.05 31.99
C GLU D 376 62.35 33.64 31.73
N LEU D 377 62.59 32.33 31.54
CA LEU D 377 63.86 31.82 31.03
C LEU D 377 64.47 32.67 29.93
N PHE D 378 63.74 32.90 28.84
CA PHE D 378 64.29 33.69 27.76
C PHE D 378 64.48 35.16 28.11
N LYS D 379 63.72 35.68 29.07
CA LYS D 379 63.89 37.08 29.43
C LYS D 379 65.19 37.31 30.18
N ARG D 380 65.54 36.38 31.07
CA ARG D 380 66.77 36.47 31.83
C ARG D 380 68.00 36.43 30.91
N ILE D 381 68.01 35.51 29.93
CA ILE D 381 69.09 35.52 28.95
C ILE D 381 69.07 36.81 28.15
N SER D 382 67.89 37.22 27.67
CA SER D 382 67.82 38.46 26.89
C SER D 382 68.43 39.63 27.64
N GLU D 383 68.29 39.65 28.96
CA GLU D 383 68.75 40.80 29.72
C GLU D 383 70.27 40.82 29.81
N GLN D 384 70.85 39.68 30.20
CA GLN D 384 72.31 39.58 30.28
C GLN D 384 72.96 39.83 28.92
N PHE D 385 72.37 39.30 27.85
CA PHE D 385 72.79 39.69 26.51
C PHE D 385 72.97 41.20 26.45
N THR D 386 71.87 41.96 26.47
CA THR D 386 71.93 43.38 26.13
C THR D 386 72.87 44.18 27.04
N ALA D 387 73.11 43.71 28.27
CA ALA D 387 74.12 44.34 29.12
C ALA D 387 75.48 44.32 28.44
N MET D 388 75.78 43.24 27.71
CA MET D 388 77.02 43.20 26.95
C MET D 388 76.86 43.84 25.58
N PHE D 389 75.78 43.52 24.87
CA PHE D 389 75.66 44.02 23.49
C PHE D 389 75.50 45.54 23.44
N ARG D 390 74.83 46.14 24.44
CA ARG D 390 74.76 47.60 24.47
C ARG D 390 76.15 48.22 24.55
N ARG D 391 77.08 47.52 25.22
CA ARG D 391 78.49 47.88 25.40
C ARG D 391 79.38 47.53 24.21
N LYS D 392 78.92 46.69 23.29
CA LYS D 392 79.74 46.13 22.22
C LYS D 392 80.81 45.19 22.75
N ALA D 393 80.74 44.80 24.03
CA ALA D 393 81.76 43.99 24.67
C ALA D 393 82.03 42.68 23.93
N PHE D 394 83.31 42.33 23.83
CA PHE D 394 83.82 41.06 23.28
C PHE D 394 83.33 40.76 21.88
N LEU D 395 82.74 41.73 21.19
CA LEU D 395 82.36 41.56 19.79
C LEU D 395 83.52 41.08 18.94
N HIS D 396 84.76 41.28 19.40
CA HIS D 396 85.93 40.87 18.63
C HIS D 396 86.07 39.35 18.61
N TRP D 397 85.72 38.67 19.70
CA TRP D 397 85.73 37.22 19.65
C TRP D 397 84.82 36.69 18.53
N TYR D 398 83.92 37.53 18.01
CA TYR D 398 82.92 37.12 17.03
C TYR D 398 83.09 37.79 15.67
N THR D 399 83.12 39.13 15.63
CA THR D 399 83.44 39.82 14.37
C THR D 399 84.83 39.44 13.85
N GLY D 400 85.75 39.06 14.74
CA GLY D 400 87.03 38.56 14.30
C GLY D 400 86.91 37.26 13.52
N GLU D 401 86.07 36.33 14.00
CA GLU D 401 85.85 35.09 13.28
C GLU D 401 85.00 35.27 12.01
N GLY D 402 84.60 36.50 11.70
CA GLY D 402 83.98 36.81 10.43
C GLY D 402 82.54 37.25 10.50
N MET D 403 82.00 37.44 11.70
CA MET D 403 80.57 37.62 11.88
C MET D 403 80.20 39.09 11.78
N ASP D 404 79.03 39.35 11.19
CA ASP D 404 78.49 40.71 11.14
C ASP D 404 77.85 41.07 12.47
N GLU D 405 77.84 42.36 12.77
CA GLU D 405 77.10 42.85 13.91
C GLU D 405 75.59 42.70 13.71
N MET D 406 75.12 42.82 12.46
CA MET D 406 73.70 42.61 12.18
C MET D 406 73.23 41.26 12.73
N GLU D 407 74.10 40.24 12.70
CA GLU D 407 73.73 38.91 13.16
C GLU D 407 73.39 38.86 14.65
N PHE D 408 74.07 39.67 15.46
CA PHE D 408 73.69 39.76 16.87
C PHE D 408 72.36 40.47 17.02
N THR D 409 72.16 41.57 16.27
CA THR D 409 70.88 42.26 16.28
C THR D 409 69.74 41.32 15.91
N GLU D 410 69.94 40.51 14.86
CA GLU D 410 68.88 39.63 14.37
C GLU D 410 68.56 38.54 15.38
N ALA D 411 69.56 37.74 15.77
CA ALA D 411 69.34 36.77 16.83
C ALA D 411 68.63 37.39 18.03
N GLU D 412 68.89 38.68 18.29
CA GLU D 412 68.27 39.34 19.43
C GLU D 412 66.82 39.68 19.14
N SER D 413 66.54 40.29 17.99
CA SER D 413 65.14 40.56 17.66
C SER D 413 64.32 39.27 17.62
N ASN D 414 64.88 38.19 17.06
CA ASN D 414 64.19 36.90 16.99
C ASN D 414 63.82 36.39 18.38
N MET D 415 64.79 36.26 19.27
CA MET D 415 64.45 35.83 20.63
C MET D 415 63.49 36.79 21.33
N ASN D 416 63.49 38.08 20.95
CA ASN D 416 62.50 38.99 21.53
C ASN D 416 61.11 38.68 21.02
N ASP D 417 61.00 38.38 19.72
CA ASP D 417 59.72 37.95 19.15
C ASP D 417 59.20 36.69 19.82
N LEU D 418 60.08 35.71 20.08
CA LEU D 418 59.66 34.46 20.70
C LEU D 418 58.99 34.70 22.04
N VAL D 419 59.56 35.58 22.87
CA VAL D 419 58.89 35.94 24.11
C VAL D 419 57.59 36.69 23.82
N SER D 420 57.62 37.58 22.83
CA SER D 420 56.41 38.32 22.47
C SER D 420 55.29 37.39 22.05
N GLU D 421 55.64 36.26 21.43
CA GLU D 421 54.61 35.32 20.97
C GLU D 421 54.11 34.46 22.12
N TYR D 422 55.00 34.06 23.05
CA TYR D 422 54.51 33.41 24.26
C TYR D 422 53.50 34.30 24.97
N GLN D 423 53.79 35.61 25.08
CA GLN D 423 52.84 36.50 25.73
C GLN D 423 51.52 36.57 24.97
N GLN D 424 51.58 36.54 23.63
CA GLN D 424 50.38 36.66 22.81
C GLN D 424 49.33 35.61 23.17
N TYR D 425 49.76 34.35 23.36
CA TYR D 425 48.88 33.25 23.68
C TYR D 425 48.66 33.07 25.17
N GLN D 426 49.47 33.69 26.01
CA GLN D 426 49.14 33.74 27.43
C GLN D 426 47.94 34.66 27.65
N ASP D 427 47.85 35.73 26.85
CA ASP D 427 46.75 36.69 26.91
C ASP D 427 45.53 36.24 26.12
N ALA D 428 45.71 35.28 25.22
CA ALA D 428 44.61 34.82 24.37
C ALA D 428 43.50 34.18 25.22
N THR D 429 42.25 34.48 24.84
CA THR D 429 41.02 33.94 25.42
C THR D 429 40.17 33.27 24.34
N ALA D 430 39.17 32.51 24.79
CA ALA D 430 38.26 31.86 23.86
C ALA D 430 37.15 32.80 23.36
N ASP D 431 36.43 33.46 24.27
CA ASP D 431 35.26 34.27 23.88
C ASP D 431 35.64 35.54 23.13
N MET E 1 -74.17 -12.84 -31.38
CA MET E 1 -72.94 -13.65 -31.48
C MET E 1 -72.98 -14.55 -32.72
N GLU E 2 -72.13 -14.25 -33.71
CA GLU E 2 -72.19 -14.86 -35.04
C GLU E 2 -70.98 -15.78 -35.26
N VAL E 3 -71.23 -17.10 -35.41
CA VAL E 3 -70.19 -18.02 -35.88
C VAL E 3 -70.05 -17.85 -37.39
N ILE E 4 -68.84 -17.98 -37.94
CA ILE E 4 -68.69 -17.48 -39.30
C ILE E 4 -68.02 -18.44 -40.27
N GLU E 5 -67.00 -19.19 -39.85
CA GLU E 5 -66.33 -20.00 -40.85
C GLU E 5 -65.92 -21.37 -40.31
N LEU E 6 -66.91 -22.12 -39.83
CA LEU E 6 -66.67 -23.46 -39.33
C LEU E 6 -65.99 -24.32 -40.40
N ASN E 7 -64.70 -24.61 -40.23
CA ASN E 7 -64.00 -25.63 -40.99
C ASN E 7 -63.70 -26.80 -40.06
N LYS E 8 -64.06 -28.02 -40.49
CA LYS E 8 -63.82 -29.22 -39.70
C LYS E 8 -62.83 -30.13 -40.43
N CYS E 9 -62.37 -31.13 -39.71
CA CYS E 9 -61.54 -32.18 -40.27
C CYS E 9 -61.45 -33.25 -39.19
N THR E 10 -60.55 -34.21 -39.37
CA THR E 10 -60.48 -35.27 -38.36
C THR E 10 -59.75 -34.83 -37.10
N SER E 11 -58.80 -33.88 -37.24
CA SER E 11 -57.94 -33.42 -36.14
C SER E 11 -58.65 -32.51 -35.15
N GLY E 12 -59.58 -31.67 -35.65
CA GLY E 12 -60.41 -30.79 -34.85
C GLY E 12 -61.32 -29.94 -35.71
N GLN E 13 -61.53 -28.69 -35.29
CA GLN E 13 -62.30 -27.70 -36.06
C GLN E 13 -61.74 -26.32 -35.78
N SER E 14 -62.23 -25.34 -36.55
CA SER E 14 -61.83 -23.95 -36.39
C SER E 14 -63.00 -23.07 -36.78
N PHE E 15 -62.97 -21.81 -36.36
CA PHE E 15 -64.08 -20.91 -36.66
C PHE E 15 -63.85 -19.57 -35.98
N GLU E 16 -64.46 -18.54 -36.54
CA GLU E 16 -64.46 -17.21 -35.95
C GLU E 16 -65.79 -16.96 -35.25
N VAL E 17 -65.82 -15.95 -34.40
CA VAL E 17 -67.03 -15.62 -33.64
C VAL E 17 -67.03 -14.13 -33.37
N ILE E 18 -67.86 -13.39 -34.10
CA ILE E 18 -67.95 -11.94 -33.97
C ILE E 18 -69.02 -11.60 -32.96
N LEU E 19 -68.62 -10.96 -31.86
CA LEU E 19 -69.57 -10.52 -30.83
C LEU E 19 -70.18 -9.17 -31.14
N LYS E 20 -69.51 -8.38 -31.98
CA LYS E 20 -69.84 -6.98 -32.27
C LYS E 20 -68.97 -6.53 -33.43
N PRO E 21 -69.50 -5.74 -34.35
CA PRO E 21 -68.67 -5.26 -35.46
C PRO E 21 -67.87 -4.03 -35.06
N PRO E 22 -66.93 -3.60 -35.90
CA PRO E 22 -66.18 -2.37 -35.59
C PRO E 22 -67.11 -1.18 -35.33
N SER E 23 -66.53 -0.11 -34.80
CA SER E 23 -67.20 1.19 -34.64
C SER E 23 -66.51 2.29 -35.45
N ASP E 39 -35.92 -2.03 -45.37
CA ASP E 39 -34.87 -2.80 -44.68
C ASP E 39 -33.50 -2.46 -45.28
N PRO E 40 -32.45 -2.48 -44.47
CA PRO E 40 -31.11 -2.16 -44.97
C PRO E 40 -30.49 -3.29 -45.79
N SER E 41 -29.38 -2.95 -46.44
CA SER E 41 -28.68 -3.79 -47.41
C SER E 41 -27.53 -4.56 -46.78
N LEU E 42 -27.07 -5.60 -47.49
CA LEU E 42 -25.89 -6.34 -47.02
C LEU E 42 -24.68 -5.41 -46.90
N GLU E 43 -24.50 -4.52 -47.88
CA GLU E 43 -23.38 -3.58 -47.80
C GLU E 43 -23.50 -2.69 -46.57
N GLU E 44 -24.67 -2.06 -46.38
CA GLU E 44 -24.86 -1.19 -45.22
C GLU E 44 -24.61 -1.94 -43.91
N ILE E 45 -25.00 -3.22 -43.87
CA ILE E 45 -24.69 -4.06 -42.70
C ILE E 45 -23.18 -4.16 -42.52
N GLN E 46 -22.47 -4.60 -43.57
CA GLN E 46 -21.03 -4.75 -43.46
C GLN E 46 -20.32 -3.41 -43.21
N LYS E 47 -20.88 -2.31 -43.74
CA LYS E 47 -20.28 -1.00 -43.46
C LYS E 47 -20.34 -0.69 -41.95
N LYS E 48 -21.54 -0.45 -41.40
CA LYS E 48 -21.69 -0.19 -39.97
C LYS E 48 -20.94 -1.21 -39.10
N LEU E 49 -21.01 -2.51 -39.45
CA LEU E 49 -20.24 -3.53 -38.73
C LEU E 49 -18.75 -3.23 -38.78
N GLU E 50 -18.22 -2.97 -39.97
CA GLU E 50 -16.79 -2.75 -40.08
C GLU E 50 -16.38 -1.38 -39.51
N ALA E 51 -17.31 -0.44 -39.35
CA ALA E 51 -17.00 0.78 -38.64
C ALA E 51 -16.73 0.50 -37.16
N ALA E 52 -17.46 -0.46 -36.57
CA ALA E 52 -17.23 -0.79 -35.19
C ALA E 52 -15.91 -1.55 -35.00
N GLU E 53 -15.48 -2.32 -36.00
CA GLU E 53 -14.18 -2.98 -35.90
C GLU E 53 -13.02 -2.00 -36.11
N GLU E 54 -13.24 -0.89 -36.82
CA GLU E 54 -12.23 0.16 -36.85
C GLU E 54 -12.21 0.92 -35.54
N ARG E 55 -13.38 1.37 -35.08
CA ARG E 55 -13.45 1.98 -33.75
C ARG E 55 -12.77 1.11 -32.70
N ARG E 56 -12.81 -0.21 -32.86
CA ARG E 56 -12.11 -1.10 -31.94
C ARG E 56 -10.60 -0.98 -32.12
N LYS E 57 -10.12 -1.17 -33.35
CA LYS E 57 -8.68 -1.15 -33.62
C LYS E 57 -8.05 0.20 -33.30
N TYR E 58 -8.80 1.31 -33.46
CA TYR E 58 -8.29 2.58 -32.97
C TYR E 58 -8.06 2.50 -31.47
N GLN E 59 -9.13 2.32 -30.69
CA GLN E 59 -9.03 2.24 -29.25
C GLN E 59 -7.93 1.29 -28.80
N GLU E 60 -7.71 0.21 -29.54
CA GLU E 60 -6.66 -0.71 -29.14
C GLU E 60 -5.28 -0.20 -29.50
N ALA E 61 -5.16 0.54 -30.60
CA ALA E 61 -3.84 1.07 -30.96
C ALA E 61 -3.45 2.23 -30.05
N GLU E 62 -4.42 3.02 -29.60
CA GLU E 62 -4.12 3.99 -28.54
C GLU E 62 -3.61 3.30 -27.29
N LEU E 63 -4.24 2.18 -26.91
CA LEU E 63 -3.76 1.45 -25.74
C LEU E 63 -2.32 1.01 -25.94
N LEU E 64 -2.04 0.40 -27.10
CA LEU E 64 -0.69 -0.03 -27.40
C LEU E 64 0.27 1.15 -27.58
N LYS E 65 -0.23 2.31 -28.03
CA LYS E 65 0.63 3.49 -28.10
C LYS E 65 1.04 3.94 -26.71
N HIS E 66 0.06 4.08 -25.82
CA HIS E 66 0.28 4.48 -24.42
C HIS E 66 1.17 3.47 -23.69
N LEU E 67 0.99 2.18 -23.94
CA LEU E 67 1.93 1.23 -23.36
C LEU E 67 3.33 1.49 -23.90
N ALA E 68 3.45 1.96 -25.13
CA ALA E 68 4.78 2.12 -25.70
C ALA E 68 5.48 3.31 -25.08
N GLU E 69 4.73 4.40 -24.82
CA GLU E 69 5.23 5.50 -24.03
C GLU E 69 5.73 5.01 -22.67
N LYS E 70 4.99 4.10 -22.05
CA LYS E 70 5.39 3.64 -20.72
C LYS E 70 6.74 2.95 -20.77
N ARG E 71 7.03 2.15 -21.82
CA ARG E 71 8.32 1.49 -21.90
C ARG E 71 9.44 2.48 -22.22
N GLU E 72 9.14 3.51 -22.99
CA GLU E 72 10.12 4.56 -23.21
C GLU E 72 10.56 5.15 -21.88
N HIS E 73 9.58 5.43 -21.01
CA HIS E 73 9.85 5.89 -19.66
C HIS E 73 10.64 4.87 -18.85
N GLU E 74 10.22 3.60 -18.86
CA GLU E 74 10.90 2.56 -18.10
C GLU E 74 12.38 2.48 -18.43
N ARG E 75 12.74 2.68 -19.70
CA ARG E 75 14.17 2.63 -20.02
C ARG E 75 14.85 3.96 -19.71
N GLU E 76 14.12 5.09 -19.72
CA GLU E 76 14.73 6.35 -19.30
C GLU E 76 15.09 6.37 -17.82
N VAL E 77 14.28 5.71 -16.98
CA VAL E 77 14.58 5.70 -15.55
C VAL E 77 15.83 4.85 -15.27
N ILE E 78 15.94 3.68 -15.92
CA ILE E 78 17.13 2.88 -15.68
C ILE E 78 18.37 3.55 -16.30
N GLN E 79 18.20 4.30 -17.40
CA GLN E 79 19.33 5.07 -17.94
C GLN E 79 19.75 6.19 -16.98
N LYS E 80 18.83 6.73 -16.20
CA LYS E 80 19.17 7.77 -15.24
C LYS E 80 19.93 7.20 -14.05
N ALA E 81 19.44 6.09 -13.49
CA ALA E 81 20.12 5.46 -12.37
C ALA E 81 21.56 5.09 -12.73
N ILE E 82 21.77 4.67 -13.98
CA ILE E 82 23.13 4.40 -14.47
C ILE E 82 23.90 5.69 -14.62
N GLU E 83 23.30 6.67 -15.33
CA GLU E 83 23.94 7.97 -15.50
C GLU E 83 24.44 8.49 -14.17
N GLU E 84 23.65 8.30 -13.12
CA GLU E 84 24.00 8.95 -11.87
C GLU E 84 24.94 8.10 -11.03
N ASN E 85 24.77 6.77 -11.05
CA ASN E 85 25.79 5.93 -10.42
C ASN E 85 27.15 6.21 -11.05
N ASN E 86 27.16 6.51 -12.35
CA ASN E 86 28.41 6.75 -13.07
C ASN E 86 28.96 8.13 -12.77
N ASN E 87 28.14 9.17 -12.91
CA ASN E 87 28.62 10.50 -12.63
C ASN E 87 29.19 10.57 -11.21
N PHE E 88 28.71 9.71 -10.32
CA PHE E 88 29.19 9.72 -8.94
C PHE E 88 30.53 9.03 -8.82
N ILE E 89 30.72 7.87 -9.46
CA ILE E 89 32.07 7.32 -9.50
C ILE E 89 33.03 8.30 -10.17
N LYS E 90 32.56 9.02 -11.21
CA LYS E 90 33.42 9.97 -11.92
C LYS E 90 33.91 11.07 -10.98
N MET E 91 32.96 11.79 -10.38
CA MET E 91 33.29 12.98 -9.60
C MET E 91 34.08 12.62 -8.36
N ALA E 92 33.85 11.42 -7.81
CA ALA E 92 34.73 10.94 -6.76
C ALA E 92 36.15 10.75 -7.29
N LYS E 93 36.29 9.90 -8.32
CA LYS E 93 37.60 9.70 -8.94
C LYS E 93 38.29 11.03 -9.22
N GLU E 94 37.55 12.02 -9.70
CA GLU E 94 38.23 13.27 -10.02
C GLU E 94 38.55 14.05 -8.75
N LYS E 95 37.60 14.16 -7.83
CA LYS E 95 37.87 14.86 -6.57
C LYS E 95 39.10 14.29 -5.88
N LEU E 96 39.28 12.96 -5.94
CA LEU E 96 40.48 12.34 -5.36
C LEU E 96 41.75 12.85 -6.05
N ALA E 97 41.81 12.67 -7.37
CA ALA E 97 43.04 13.00 -8.10
C ALA E 97 43.38 14.47 -7.93
N GLN E 98 42.38 15.35 -8.01
CA GLN E 98 42.63 16.75 -7.71
C GLN E 98 43.30 16.90 -6.34
N LYS E 99 42.69 16.31 -5.31
CA LYS E 99 43.25 16.43 -3.96
C LYS E 99 44.65 15.84 -3.87
N MET E 100 44.84 14.60 -4.34
CA MET E 100 46.18 13.99 -4.27
C MET E 100 47.22 14.81 -5.03
N GLU E 101 46.82 15.53 -6.08
CA GLU E 101 47.80 16.32 -6.82
C GLU E 101 48.10 17.65 -6.14
N SER E 102 47.06 18.36 -5.71
CA SER E 102 47.29 19.59 -4.96
C SER E 102 48.09 19.32 -3.68
N ASN E 103 48.08 18.09 -3.19
CA ASN E 103 48.78 17.76 -1.96
C ASN E 103 50.26 17.50 -2.18
N LYS E 104 50.63 16.88 -3.31
CA LYS E 104 52.05 16.70 -3.61
C LYS E 104 52.72 18.06 -3.85
N GLU E 105 52.05 18.95 -4.58
CA GLU E 105 52.62 20.27 -4.80
C GLU E 105 52.77 21.04 -3.48
N ASN E 106 51.73 21.02 -2.64
CA ASN E 106 51.81 21.75 -1.38
C ASN E 106 52.91 21.21 -0.49
N ARG E 107 52.91 19.90 -0.21
CA ARG E 107 53.93 19.33 0.64
C ARG E 107 55.33 19.57 0.08
N GLU E 108 55.50 19.36 -1.23
CA GLU E 108 56.79 19.66 -1.86
C GLU E 108 57.13 21.14 -1.72
N ALA E 109 56.22 22.02 -2.15
CA ALA E 109 56.47 23.44 -2.00
C ALA E 109 56.97 23.78 -0.61
N HIS E 110 56.44 23.10 0.42
CA HIS E 110 56.87 23.35 1.79
C HIS E 110 58.27 22.80 2.04
N LEU E 111 58.52 21.55 1.66
CA LEU E 111 59.86 21.02 1.83
C LEU E 111 60.87 21.84 1.04
N ALA E 112 60.48 22.40 -0.11
CA ALA E 112 61.42 23.21 -0.87
C ALA E 112 61.73 24.50 -0.15
N ALA E 113 60.72 25.11 0.47
CA ALA E 113 60.95 26.35 1.19
C ALA E 113 61.94 26.15 2.31
N MET E 114 61.86 24.98 2.99
CA MET E 114 62.73 24.69 4.13
C MET E 114 64.18 24.59 3.69
N LEU E 115 64.42 23.87 2.60
CA LEU E 115 65.76 23.73 2.04
C LEU E 115 66.31 25.07 1.53
N GLU E 116 65.52 25.78 0.73
CA GLU E 116 66.01 27.05 0.19
C GLU E 116 66.55 27.95 1.30
N ARG E 117 65.97 27.88 2.48
CA ARG E 117 66.48 28.72 3.56
C ARG E 117 67.57 28.03 4.35
N LEU E 118 67.57 26.70 4.42
CA LEU E 118 68.69 26.00 5.02
C LEU E 118 69.95 26.18 4.19
N GLN E 119 69.81 26.37 2.87
CA GLN E 119 70.97 26.56 2.01
C GLN E 119 71.40 28.02 1.96
N GLU E 120 70.45 28.95 1.84
CA GLU E 120 70.81 30.34 2.05
C GLU E 120 71.59 30.51 3.36
N LYS E 121 71.40 29.59 4.32
CA LYS E 121 72.25 29.55 5.52
C LYS E 121 73.67 29.13 5.18
N ASP E 122 73.83 28.18 4.26
CA ASP E 122 75.17 27.74 3.86
C ASP E 122 75.90 28.84 3.09
N LYS E 123 75.18 29.59 2.27
CA LYS E 123 75.78 30.72 1.56
C LYS E 123 76.27 31.77 2.55
N HIS E 124 75.53 31.99 3.65
CA HIS E 124 75.97 32.94 4.68
C HIS E 124 77.15 32.42 5.49
N ALA E 125 77.33 31.10 5.56
CA ALA E 125 78.54 30.58 6.19
C ALA E 125 79.74 30.66 5.27
N GLU E 126 79.53 30.72 3.95
CA GLU E 126 80.63 31.10 3.05
C GLU E 126 81.00 32.55 3.25
N GLU E 127 80.03 33.45 3.14
CA GLU E 127 80.32 34.87 3.30
C GLU E 127 81.03 35.15 4.62
N VAL E 128 80.64 34.45 5.68
CA VAL E 128 81.23 34.73 6.99
C VAL E 128 82.69 34.26 7.03
N ARG E 129 82.98 33.07 6.48
CA ARG E 129 84.34 32.57 6.46
C ARG E 129 85.21 33.38 5.51
N LYS E 130 84.66 33.82 4.37
CA LYS E 130 85.37 34.70 3.47
C LYS E 130 85.63 36.08 4.06
N ASN E 131 84.97 36.44 5.17
CA ASN E 131 85.30 37.71 5.80
C ASN E 131 86.53 37.59 6.69
N LYS E 132 86.65 36.48 7.43
CA LYS E 132 87.85 36.27 8.22
C LYS E 132 89.09 36.03 7.37
N GLU E 133 88.93 35.67 6.10
CA GLU E 133 90.07 35.64 5.19
C GLU E 133 90.43 37.02 4.67
N LEU E 134 89.51 37.99 4.78
CA LEU E 134 89.83 39.42 4.60
C LEU E 134 90.36 40.05 5.88
N LYS E 135 90.72 39.23 6.86
CA LYS E 135 91.45 39.65 8.05
C LYS E 135 92.96 39.51 7.86
N GLU E 136 93.39 38.55 7.06
CA GLU E 136 94.80 38.25 6.90
C GLU E 136 95.31 38.68 5.52
N MET F 1 -39.88 -4.57 9.80
CA MET F 1 -40.13 -3.21 9.40
C MET F 1 -40.58 -3.12 7.94
N TYR F 2 -41.76 -2.55 7.75
CA TYR F 2 -42.22 -2.27 6.41
C TYR F 2 -41.60 -0.98 5.90
N THR F 3 -41.74 -0.76 4.60
CA THR F 3 -41.16 0.41 3.97
C THR F 3 -42.18 1.02 3.02
N PHE F 4 -42.02 2.32 2.78
CA PHE F 4 -42.98 3.04 1.96
C PHE F 4 -42.35 4.31 1.43
N VAL F 5 -42.73 4.68 0.21
CA VAL F 5 -42.30 5.92 -0.40
C VAL F 5 -43.50 6.86 -0.45
N VAL F 6 -43.24 8.11 -0.82
CA VAL F 6 -44.26 9.17 -0.82
C VAL F 6 -44.11 9.97 -2.11
N ARG F 7 -45.21 10.12 -2.85
CA ARG F 7 -45.14 10.74 -4.17
C ARG F 7 -46.24 11.75 -4.46
N ASP F 8 -47.09 12.08 -3.48
CA ASP F 8 -48.03 13.19 -3.56
C ASP F 8 -47.75 14.03 -2.32
N GLU F 9 -46.92 15.07 -2.48
CA GLU F 9 -46.56 15.90 -1.34
C GLU F 9 -47.67 16.83 -0.91
N ASN F 10 -48.68 17.05 -1.75
CA ASN F 10 -49.83 17.87 -1.42
C ASN F 10 -50.93 17.11 -0.69
N SER F 11 -50.75 15.82 -0.43
CA SER F 11 -51.83 15.00 0.15
C SER F 11 -51.95 15.35 1.63
N SER F 12 -52.89 16.26 1.94
CA SER F 12 -53.23 16.53 3.33
C SER F 12 -53.45 15.24 4.13
N VAL F 13 -54.14 14.27 3.52
CA VAL F 13 -54.51 13.04 4.22
C VAL F 13 -53.30 12.14 4.44
N TYR F 14 -52.57 11.84 3.37
CA TYR F 14 -51.47 10.88 3.48
C TYR F 14 -50.21 11.55 4.02
N ALA F 15 -50.15 12.88 3.99
CA ALA F 15 -49.27 13.59 4.90
C ALA F 15 -49.41 12.99 6.30
N GLU F 16 -50.65 12.80 6.75
CA GLU F 16 -50.87 12.26 8.10
C GLU F 16 -50.67 10.75 8.15
N VAL F 17 -51.07 10.03 7.09
CA VAL F 17 -50.79 8.61 7.03
C VAL F 17 -49.29 8.37 7.14
N SER F 18 -48.48 9.17 6.42
CA SER F 18 -47.03 9.06 6.53
C SER F 18 -46.56 9.28 7.95
N ARG F 19 -47.01 10.38 8.57
CA ARG F 19 -46.66 10.70 9.94
C ARG F 19 -46.92 9.51 10.87
N LEU F 20 -48.19 9.11 10.96
CA LEU F 20 -48.55 8.05 11.89
C LEU F 20 -47.77 6.77 11.59
N LEU F 21 -47.59 6.46 10.30
CA LEU F 21 -46.91 5.24 9.92
C LEU F 21 -45.52 5.17 10.55
N LEU F 22 -44.75 6.24 10.41
CA LEU F 22 -43.41 6.26 10.98
C LEU F 22 -43.46 6.06 12.48
N ALA F 23 -44.40 6.73 13.15
CA ALA F 23 -44.45 6.74 14.61
C ALA F 23 -44.80 5.37 15.18
N THR F 24 -45.02 4.37 14.32
CA THR F 24 -45.16 3.02 14.82
C THR F 24 -43.81 2.36 15.11
N GLY F 25 -42.74 2.90 14.53
CA GLY F 25 -41.41 2.34 14.70
C GLY F 25 -41.25 1.03 13.97
N GLN F 26 -42.24 0.72 13.13
CA GLN F 26 -42.21 -0.46 12.28
C GLN F 26 -42.35 -0.11 10.80
N TRP F 27 -42.36 1.18 10.46
CA TRP F 27 -42.42 1.62 9.07
C TRP F 27 -41.28 2.59 8.79
N LYS F 28 -40.76 2.53 7.57
CA LYS F 28 -39.62 3.36 7.20
C LYS F 28 -39.91 4.00 5.85
N ARG F 29 -39.67 5.30 5.75
CA ARG F 29 -39.84 6.01 4.49
C ARG F 29 -38.55 5.93 3.67
N LEU F 30 -38.65 5.50 2.43
CA LEU F 30 -37.51 5.45 1.51
C LEU F 30 -37.56 6.65 0.58
N ARG F 31 -36.57 6.74 -0.31
CA ARG F 31 -36.58 7.81 -1.30
C ARG F 31 -37.63 7.53 -2.37
N LYS F 32 -38.25 8.60 -2.85
CA LYS F 32 -39.42 8.46 -3.70
C LYS F 32 -39.18 7.46 -4.83
N ASP F 33 -37.95 7.41 -5.35
CA ASP F 33 -37.58 6.56 -6.49
C ASP F 33 -37.02 5.20 -6.04
N ASN F 34 -36.91 4.97 -4.74
CA ASN F 34 -36.51 3.65 -4.26
C ASN F 34 -37.57 2.60 -4.63
N PRO F 35 -37.21 1.54 -5.35
CA PRO F 35 -38.22 0.56 -5.80
C PRO F 35 -38.57 -0.47 -4.75
N ARG F 36 -37.77 -0.56 -3.70
CA ARG F 36 -37.91 -1.62 -2.71
C ARG F 36 -38.85 -1.22 -1.59
N PHE F 37 -40.03 -0.77 -1.98
CA PHE F 37 -41.06 -0.34 -1.04
C PHE F 37 -42.17 -1.39 -0.93
N ASN F 38 -42.80 -1.42 0.25
CA ASN F 38 -44.02 -2.17 0.45
C ASN F 38 -45.25 -1.35 0.02
N LEU F 39 -45.20 -0.04 0.24
CA LEU F 39 -46.41 0.78 0.19
C LEU F 39 -46.12 2.02 -0.63
N MET F 40 -46.87 2.22 -1.69
CA MET F 40 -46.76 3.44 -2.49
C MET F 40 -47.92 4.36 -2.18
N LEU F 41 -47.67 5.41 -1.41
CA LEU F 41 -48.58 6.55 -1.38
C LEU F 41 -48.26 7.37 -2.62
N GLY F 42 -49.05 7.19 -3.68
CA GLY F 42 -48.65 7.58 -5.01
C GLY F 42 -49.10 8.97 -5.43
N GLU F 43 -48.65 9.37 -6.60
CA GLU F 43 -49.04 10.64 -7.20
C GLU F 43 -50.46 10.56 -7.73
N ARG F 44 -51.01 11.72 -8.08
CA ARG F 44 -52.40 11.79 -8.55
C ARG F 44 -52.52 11.57 -10.06
N ASN F 45 -51.57 12.05 -10.85
CA ASN F 45 -51.62 11.83 -12.29
C ASN F 45 -50.46 10.94 -12.71
N ARG F 46 -50.71 10.10 -13.71
CA ARG F 46 -49.70 9.20 -14.27
C ARG F 46 -48.99 8.39 -13.19
N LEU F 47 -49.72 8.01 -12.15
CA LEU F 47 -49.18 7.03 -11.22
C LEU F 47 -48.76 5.79 -11.99
N PRO F 48 -47.53 5.27 -11.80
CA PRO F 48 -47.00 4.20 -12.68
C PRO F 48 -47.44 2.78 -12.30
N PHE F 49 -48.72 2.48 -12.50
CA PHE F 49 -49.27 1.21 -12.01
C PHE F 49 -48.58 0.01 -12.65
N GLY F 50 -48.10 0.11 -13.89
CA GLY F 50 -47.45 -1.00 -14.55
C GLY F 50 -46.12 -1.43 -13.95
N ARG F 51 -45.61 -0.68 -12.98
CA ARG F 51 -44.37 -0.98 -12.30
C ARG F 51 -44.58 -1.58 -10.91
N LEU F 52 -45.81 -1.63 -10.40
CA LEU F 52 -46.04 -2.21 -9.08
C LEU F 52 -46.15 -3.73 -9.17
N GLY F 53 -45.77 -4.41 -8.09
CA GLY F 53 -45.85 -5.85 -8.02
C GLY F 53 -44.90 -6.63 -8.90
N HIS F 54 -43.68 -6.12 -9.12
CA HIS F 54 -42.65 -6.92 -9.80
C HIS F 54 -41.36 -6.96 -9.00
N GLU F 55 -41.42 -6.86 -7.68
CA GLU F 55 -40.21 -6.88 -6.87
C GLU F 55 -40.18 -8.18 -6.09
N PRO F 56 -39.35 -9.14 -6.44
CA PRO F 56 -39.36 -10.42 -5.73
C PRO F 56 -39.18 -10.22 -4.23
N GLY F 57 -39.97 -10.97 -3.46
CA GLY F 57 -39.95 -10.86 -2.01
C GLY F 57 -40.51 -9.57 -1.44
N LEU F 58 -41.30 -8.82 -2.21
CA LEU F 58 -41.91 -7.59 -1.72
C LEU F 58 -43.40 -7.63 -2.04
N VAL F 59 -44.22 -7.72 -1.00
CA VAL F 59 -45.66 -7.52 -1.16
C VAL F 59 -45.89 -6.03 -1.30
N GLN F 60 -46.43 -5.60 -2.45
CA GLN F 60 -46.57 -4.19 -2.75
C GLN F 60 -48.04 -3.80 -2.74
N LEU F 61 -48.33 -2.64 -2.15
CA LEU F 61 -49.68 -2.11 -1.96
C LEU F 61 -49.63 -0.63 -2.29
N VAL F 62 -50.70 -0.10 -2.88
CA VAL F 62 -50.72 1.30 -3.29
C VAL F 62 -52.09 1.86 -2.89
N ASN F 63 -52.13 3.19 -2.73
CA ASN F 63 -53.29 3.88 -2.18
C ASN F 63 -54.18 4.48 -3.27
N TYR F 64 -54.15 3.90 -4.47
CA TYR F 64 -55.09 4.27 -5.53
C TYR F 64 -55.53 3.01 -6.28
N TYR F 65 -56.66 3.12 -6.99
CA TYR F 65 -57.25 2.03 -7.78
C TYR F 65 -57.16 2.39 -9.25
N ARG F 66 -56.25 1.74 -9.97
CA ARG F 66 -56.18 1.90 -11.42
C ARG F 66 -57.55 1.69 -12.05
N GLY F 67 -57.98 2.65 -12.85
CA GLY F 67 -59.30 2.67 -13.41
C GLY F 67 -60.32 3.48 -12.62
N ALA F 68 -60.04 3.78 -11.35
CA ALA F 68 -61.01 4.50 -10.51
C ALA F 68 -61.42 5.83 -11.11
N ASP F 69 -60.59 6.42 -11.96
CA ASP F 69 -60.88 7.71 -12.56
C ASP F 69 -62.25 7.74 -13.23
N LYS F 70 -62.71 6.58 -13.73
CA LYS F 70 -63.98 6.52 -14.44
C LYS F 70 -65.14 7.00 -13.57
N LEU F 71 -64.99 6.91 -12.25
CA LEU F 71 -65.99 7.38 -11.31
C LEU F 71 -65.74 8.79 -10.81
N CYS F 72 -64.53 9.33 -11.01
CA CYS F 72 -64.11 10.58 -10.38
C CYS F 72 -63.87 11.70 -11.39
N ARG F 73 -64.41 11.61 -12.59
CA ARG F 73 -64.29 12.65 -13.60
C ARG F 73 -65.68 12.95 -14.14
N LYS F 74 -66.10 14.21 -14.01
CA LYS F 74 -67.47 14.58 -14.36
C LYS F 74 -67.96 13.86 -15.62
N ALA F 75 -67.20 13.94 -16.72
CA ALA F 75 -67.68 13.40 -17.99
C ALA F 75 -67.75 11.87 -17.99
N SER F 76 -66.79 11.21 -17.35
CA SER F 76 -66.78 9.74 -17.33
C SER F 76 -67.79 9.16 -16.34
N LEU F 77 -68.02 9.85 -15.22
CA LEU F 77 -69.07 9.44 -14.29
C LEU F 77 -70.43 9.42 -14.96
N VAL F 78 -70.70 10.38 -15.86
CA VAL F 78 -71.94 10.36 -16.63
C VAL F 78 -71.98 9.18 -17.58
N LYS F 79 -70.90 8.98 -18.34
CA LYS F 79 -70.86 7.82 -19.23
C LYS F 79 -71.06 6.52 -18.47
N LEU F 80 -70.54 6.43 -17.24
CA LEU F 80 -70.68 5.21 -16.46
C LEU F 80 -72.13 4.96 -16.08
N ILE F 81 -72.85 6.03 -15.70
CA ILE F 81 -74.24 5.90 -15.26
C ILE F 81 -75.13 5.44 -16.41
N LYS F 82 -74.94 5.99 -17.61
CA LYS F 82 -75.83 5.64 -18.72
C LYS F 82 -75.52 4.25 -19.29
N THR F 83 -74.24 3.89 -19.42
CA THR F 83 -73.91 2.65 -20.14
C THR F 83 -73.96 1.42 -19.27
N SER F 84 -73.47 1.50 -18.04
CA SER F 84 -73.54 0.35 -17.13
C SER F 84 -75.00 0.01 -16.83
N PRO F 85 -75.48 -1.17 -17.20
CA PRO F 85 -76.87 -1.54 -16.81
C PRO F 85 -77.09 -1.57 -15.31
N GLU F 86 -76.07 -1.94 -14.52
CA GLU F 86 -76.20 -1.96 -13.07
C GLU F 86 -76.71 -0.63 -12.53
N LEU F 87 -76.24 0.47 -13.11
CA LEU F 87 -76.73 1.81 -12.77
C LEU F 87 -77.98 2.16 -13.55
N SER F 88 -77.97 1.87 -14.86
CA SER F 88 -79.13 2.14 -15.70
C SER F 88 -79.29 3.62 -16.00
N GLU F 89 -79.64 3.92 -17.24
CA GLU F 89 -79.99 5.28 -17.64
C GLU F 89 -81.12 5.85 -16.80
N SER F 90 -81.71 5.02 -15.93
CA SER F 90 -82.88 5.41 -15.16
C SER F 90 -82.62 5.62 -13.67
N CYS F 91 -81.38 5.43 -13.18
CA CYS F 91 -81.17 5.47 -11.73
C CYS F 91 -81.78 6.74 -11.17
N THR F 92 -82.45 6.60 -10.03
CA THR F 92 -83.24 7.67 -9.46
C THR F 92 -82.45 8.61 -8.59
N TRP F 93 -81.13 8.39 -8.46
CA TRP F 93 -80.29 9.19 -7.57
C TRP F 93 -79.29 10.05 -8.32
N PHE F 94 -79.32 10.06 -9.65
CA PHE F 94 -78.41 10.91 -10.39
C PHE F 94 -79.20 11.96 -11.16
N PRO F 95 -78.80 13.23 -11.09
CA PRO F 95 -79.45 14.25 -11.91
C PRO F 95 -79.20 14.03 -13.40
N GLU F 96 -80.16 14.48 -14.21
CA GLU F 96 -80.00 14.43 -15.67
C GLU F 96 -78.71 15.10 -16.09
N SER F 97 -77.93 14.41 -16.93
CA SER F 97 -76.62 14.89 -17.32
C SER F 97 -76.33 14.55 -18.77
N TYR F 98 -75.72 15.49 -19.48
CA TYR F 98 -75.25 15.28 -20.84
C TYR F 98 -73.80 15.77 -20.96
N VAL F 99 -73.05 15.10 -21.83
CA VAL F 99 -71.68 15.50 -22.15
C VAL F 99 -71.70 16.23 -23.49
N ILE F 100 -71.36 17.51 -23.47
CA ILE F 100 -71.31 18.33 -24.66
C ILE F 100 -69.88 18.84 -24.82
N TYR F 101 -69.30 18.59 -26.00
CA TYR F 101 -67.94 19.00 -26.30
C TYR F 101 -67.93 20.39 -26.93
N PRO F 102 -66.81 21.13 -26.83
CA PRO F 102 -66.74 22.45 -27.46
C PRO F 102 -65.99 22.49 -28.79
N THR F 103 -66.73 22.55 -29.90
CA THR F 103 -66.16 22.92 -31.20
C THR F 103 -67.12 23.91 -31.85
N VAL F 130 -78.90 14.87 -26.95
CA VAL F 130 -80.30 14.88 -26.58
C VAL F 130 -80.57 15.92 -25.51
N PHE F 131 -79.56 16.72 -25.18
CA PHE F 131 -79.78 17.81 -24.23
C PHE F 131 -81.00 18.63 -24.64
N LEU F 132 -80.90 19.29 -25.79
CA LEU F 132 -81.98 20.16 -26.25
C LEU F 132 -83.32 19.43 -26.23
N ALA F 133 -83.33 18.19 -26.71
CA ALA F 133 -84.57 17.41 -26.79
C ALA F 133 -85.32 17.39 -25.46
N ALA F 134 -84.63 17.00 -24.38
CA ALA F 134 -85.29 16.96 -23.08
C ALA F 134 -85.54 18.36 -22.54
N TYR F 135 -84.60 19.28 -22.75
CA TYR F 135 -84.82 20.68 -22.39
C TYR F 135 -86.09 21.22 -23.05
N ASN F 136 -86.46 20.68 -24.22
CA ASN F 136 -87.68 21.13 -24.88
C ASN F 136 -88.92 20.38 -24.42
N ARG F 137 -88.81 19.08 -24.14
CA ARG F 137 -89.91 18.42 -23.43
C ARG F 137 -90.19 19.14 -22.12
N ARG F 138 -89.16 19.69 -21.47
CA ARG F 138 -89.35 20.58 -20.34
C ARG F 138 -89.94 21.92 -20.79
N ARG F 139 -89.45 22.49 -21.88
CA ARG F 139 -90.07 23.69 -22.44
C ARG F 139 -91.57 23.49 -22.65
N GLU F 140 -91.94 22.31 -23.16
CA GLU F 140 -93.35 21.99 -23.40
C GLU F 140 -94.17 21.94 -22.13
N GLY F 141 -93.53 21.70 -20.98
CA GLY F 141 -94.19 21.84 -19.71
C GLY F 141 -93.88 23.13 -18.98
N ARG F 142 -93.05 24.00 -19.56
CA ARG F 142 -92.56 25.19 -18.87
C ARG F 142 -92.04 24.86 -17.47
N GLU F 143 -91.56 23.63 -17.29
CA GLU F 143 -91.00 23.19 -16.02
C GLU F 143 -89.65 23.87 -15.78
N GLY F 144 -89.19 23.79 -14.53
CA GLY F 144 -87.88 24.27 -14.21
C GLY F 144 -86.90 23.84 -15.27
N ASN F 145 -86.04 24.75 -15.73
CA ASN F 145 -85.04 24.41 -16.73
C ASN F 145 -83.73 25.08 -16.41
N VAL F 146 -83.38 25.12 -15.13
CA VAL F 146 -82.06 25.54 -14.71
C VAL F 146 -81.10 24.36 -14.81
N TRP F 147 -79.83 24.65 -15.06
CA TRP F 147 -78.81 23.62 -15.18
C TRP F 147 -77.53 24.15 -14.56
N ILE F 148 -76.42 23.42 -14.78
CA ILE F 148 -75.13 23.75 -14.17
C ILE F 148 -74.02 23.19 -15.08
N ALA F 149 -72.78 23.64 -14.84
CA ALA F 149 -71.61 23.29 -15.67
C ALA F 149 -70.90 22.01 -15.23
N LEU F 161 -71.55 29.32 -13.63
CA LEU F 161 -71.78 28.31 -14.64
C LEU F 161 -73.27 27.89 -14.74
N ILE F 162 -74.14 28.47 -13.90
CA ILE F 162 -75.58 28.16 -13.88
C ILE F 162 -76.34 29.14 -14.76
N SER F 163 -77.19 28.62 -15.65
CA SER F 163 -78.03 29.44 -16.53
C SER F 163 -79.46 28.88 -16.52
N SER F 164 -80.31 29.48 -17.36
CA SER F 164 -81.68 29.01 -17.52
C SER F 164 -82.00 28.82 -19.00
N GLU F 165 -81.41 29.67 -19.84
CA GLU F 165 -81.50 29.54 -21.28
C GLU F 165 -80.28 28.76 -21.78
N ALA F 166 -80.52 27.78 -22.65
CA ALA F 166 -79.42 27.00 -23.20
C ALA F 166 -78.32 27.91 -23.73
N SER F 167 -78.61 28.69 -24.78
CA SER F 167 -77.62 29.52 -25.45
C SER F 167 -76.67 30.18 -24.45
N GLU F 168 -77.21 30.59 -23.30
CA GLU F 168 -76.39 31.14 -22.23
C GLU F 168 -75.31 30.13 -21.81
N LEU F 169 -75.70 28.87 -21.63
CA LEU F 169 -74.76 27.85 -21.17
C LEU F 169 -73.87 27.35 -22.30
N LEU F 170 -74.46 26.77 -23.36
CA LEU F 170 -73.68 26.16 -24.44
C LEU F 170 -72.58 27.08 -24.94
N ASP F 171 -72.78 28.39 -24.90
CA ASP F 171 -71.75 29.34 -25.28
C ASP F 171 -70.62 29.44 -24.24
N PHE F 172 -70.84 28.92 -23.03
CA PHE F 172 -69.80 28.96 -22.00
C PHE F 172 -68.76 27.86 -22.20
N ILE F 173 -69.19 26.64 -22.52
CA ILE F 173 -68.26 25.51 -22.62
C ILE F 173 -67.22 25.79 -23.70
N ASP F 174 -67.64 26.37 -24.83
CA ASP F 174 -66.71 26.74 -25.88
C ASP F 174 -65.81 27.90 -25.48
N GLU F 175 -66.26 28.74 -24.54
CA GLU F 175 -65.43 29.83 -24.01
C GLU F 175 -64.27 29.31 -23.15
N GLN F 176 -64.26 28.01 -22.84
CA GLN F 176 -63.16 27.38 -22.12
C GLN F 176 -62.30 26.48 -23.00
N GLY F 177 -62.93 25.67 -23.85
CA GLY F 177 -62.24 24.84 -24.81
C GLY F 177 -62.19 23.37 -24.47
N GLN F 178 -62.39 23.00 -23.21
CA GLN F 178 -62.34 21.61 -22.75
C GLN F 178 -63.76 21.02 -22.68
N VAL F 179 -63.81 19.72 -22.36
CA VAL F 179 -65.08 19.03 -22.22
C VAL F 179 -65.78 19.51 -20.95
N HIS F 180 -67.09 19.72 -21.05
CA HIS F 180 -67.90 20.04 -19.88
C HIS F 180 -69.12 19.14 -19.89
N VAL F 181 -69.80 19.10 -18.75
CA VAL F 181 -71.05 18.36 -18.60
C VAL F 181 -72.04 19.28 -17.90
N ILE F 182 -73.31 19.10 -18.24
CA ILE F 182 -74.39 19.94 -17.72
C ILE F 182 -75.47 19.07 -17.13
N GLN F 183 -76.09 19.58 -16.06
CA GLN F 183 -76.90 18.76 -15.18
C GLN F 183 -78.07 19.56 -14.64
N LYS F 184 -79.21 18.89 -14.52
CA LYS F 184 -80.40 19.48 -13.91
C LYS F 184 -80.01 20.09 -12.58
N TYR F 185 -80.05 21.42 -12.49
CA TYR F 185 -79.88 22.06 -11.20
C TYR F 185 -81.07 21.71 -10.32
N LEU F 186 -80.81 21.50 -9.03
CA LEU F 186 -81.84 21.08 -8.06
C LEU F 186 -82.48 22.35 -7.53
N GLU F 187 -83.47 22.85 -8.29
CA GLU F 187 -84.08 24.13 -7.99
C GLU F 187 -84.69 24.14 -6.59
N LYS F 188 -85.23 23.00 -6.14
CA LYS F 188 -85.86 22.94 -4.82
C LYS F 188 -85.02 22.11 -3.85
N PRO F 189 -83.90 22.65 -3.35
CA PRO F 189 -83.09 21.91 -2.39
C PRO F 189 -83.62 22.06 -0.97
N LEU F 190 -83.13 21.18 -0.11
CA LEU F 190 -83.44 21.26 1.31
C LEU F 190 -82.60 22.37 1.94
N LEU F 191 -83.27 23.32 2.60
CA LEU F 191 -82.59 24.48 3.17
C LEU F 191 -82.73 24.48 4.69
N LEU F 192 -81.60 24.53 5.38
CA LEU F 192 -81.62 24.59 6.83
C LEU F 192 -82.18 25.92 7.31
N GLU F 193 -82.93 25.89 8.40
CA GLU F 193 -83.32 27.12 9.07
C GLU F 193 -82.79 27.09 10.49
N PRO F 194 -82.40 28.24 11.05
CA PRO F 194 -82.49 29.59 10.51
C PRO F 194 -81.44 29.88 9.43
N GLY F 195 -81.84 30.38 8.28
CA GLY F 195 -80.90 30.76 7.26
C GLY F 195 -81.44 30.64 5.86
N HIS F 196 -82.33 29.66 5.64
CA HIS F 196 -82.79 29.30 4.31
C HIS F 196 -81.59 29.10 3.36
N ARG F 197 -80.83 28.03 3.66
CA ARG F 197 -79.44 27.88 3.24
C ARG F 197 -79.20 26.51 2.61
N LYS F 198 -78.41 26.50 1.53
CA LYS F 198 -78.01 25.30 0.82
C LYS F 198 -76.91 24.55 1.59
N PHE F 199 -76.64 23.32 1.15
CA PHE F 199 -75.53 22.52 1.67
C PHE F 199 -75.31 21.33 0.74
N ASP F 200 -74.15 20.69 0.92
CA ASP F 200 -73.88 19.35 0.38
C ASP F 200 -73.29 18.48 1.48
N ILE F 201 -73.39 17.16 1.28
CA ILE F 201 -72.83 16.17 2.22
C ILE F 201 -71.63 15.50 1.56
N ARG F 202 -70.50 15.48 2.27
CA ARG F 202 -69.34 14.68 1.88
C ARG F 202 -69.20 13.53 2.85
N SER F 203 -69.33 12.31 2.34
CA SER F 203 -69.00 11.10 3.08
C SER F 203 -67.67 10.57 2.55
N TRP F 204 -66.82 10.14 3.48
CA TRP F 204 -65.52 9.59 3.12
C TRP F 204 -65.64 8.06 3.11
N VAL F 205 -65.28 7.45 1.99
CA VAL F 205 -65.43 6.02 1.81
C VAL F 205 -64.06 5.43 1.52
N LEU F 206 -63.73 4.31 2.16
CA LEU F 206 -62.45 3.63 1.97
C LEU F 206 -62.69 2.22 1.43
N VAL F 207 -62.06 1.91 0.31
CA VAL F 207 -62.08 0.57 -0.28
C VAL F 207 -60.72 -0.06 -0.04
N ASP F 208 -60.70 -1.24 0.59
CA ASP F 208 -59.44 -1.90 0.91
C ASP F 208 -59.05 -2.91 -0.18
N HIS F 209 -57.91 -3.56 0.02
CA HIS F 209 -57.40 -4.48 -1.00
C HIS F 209 -58.36 -5.63 -1.25
N LEU F 210 -59.19 -5.97 -0.26
CA LEU F 210 -60.17 -7.05 -0.38
C LEU F 210 -61.48 -6.58 -1.01
N TYR F 211 -61.60 -5.28 -1.31
CA TYR F 211 -62.79 -4.61 -1.82
C TYR F 211 -63.95 -4.58 -0.82
N ASN F 212 -63.67 -4.74 0.47
CA ASN F 212 -64.58 -4.23 1.48
C ASN F 212 -64.80 -2.73 1.24
N ILE F 213 -66.03 -2.26 1.44
CA ILE F 213 -66.38 -0.85 1.28
C ILE F 213 -66.66 -0.29 2.66
N TYR F 214 -65.88 0.70 3.08
CA TYR F 214 -65.93 1.24 4.44
C TYR F 214 -66.37 2.69 4.38
N LEU F 215 -67.54 2.97 4.94
CA LEU F 215 -68.04 4.33 5.09
C LEU F 215 -67.59 4.87 6.45
N TYR F 216 -67.03 6.07 6.45
CA TYR F 216 -66.63 6.72 7.69
C TYR F 216 -67.86 7.27 8.40
N ARG F 217 -67.92 7.08 9.72
CA ARG F 217 -69.11 7.47 10.46
C ARG F 217 -69.27 8.99 10.48
N GLU F 218 -68.17 9.73 10.60
CA GLU F 218 -68.24 11.19 10.52
C GLU F 218 -68.44 11.62 9.07
N GLY F 219 -69.52 12.34 8.81
CA GLY F 219 -69.69 13.06 7.57
C GLY F 219 -69.57 14.54 7.82
N VAL F 220 -69.79 15.32 6.76
CA VAL F 220 -69.74 16.77 6.89
C VAL F 220 -70.71 17.41 5.90
N LEU F 221 -71.40 18.43 6.39
CA LEU F 221 -72.24 19.29 5.56
C LEU F 221 -71.50 20.59 5.30
N ARG F 222 -71.20 20.87 4.05
CA ARG F 222 -70.58 22.13 3.65
C ARG F 222 -71.73 23.09 3.30
N THR F 223 -71.99 24.03 4.21
CA THR F 223 -73.22 24.82 4.20
C THR F 223 -72.95 26.24 3.69
N SER F 224 -73.84 26.72 2.82
CA SER F 224 -73.83 28.12 2.43
C SER F 224 -74.49 28.97 3.52
N SER F 225 -73.88 30.12 3.80
CA SER F 225 -74.41 31.08 4.76
C SER F 225 -75.34 32.11 4.11
N GLU F 226 -75.81 31.84 2.90
CA GLU F 226 -76.46 32.85 2.08
C GLU F 226 -77.82 32.33 1.63
N PRO F 227 -78.94 32.97 2.05
CA PRO F 227 -80.27 32.45 1.69
C PRO F 227 -80.47 32.21 0.21
N TYR F 228 -80.57 30.94 -0.15
CA TYR F 228 -80.83 30.53 -1.53
C TYR F 228 -81.94 31.37 -2.15
N ASN F 229 -81.61 32.14 -3.18
CA ASN F 229 -82.61 32.95 -3.89
C ASN F 229 -82.78 32.37 -5.29
N SER F 230 -84.04 32.13 -5.67
CA SER F 230 -84.32 31.36 -6.88
C SER F 230 -83.95 32.15 -8.14
N ALA F 231 -84.58 33.31 -8.35
CA ALA F 231 -84.46 34.00 -9.63
C ALA F 231 -83.00 34.32 -9.99
N ASN F 232 -82.21 34.74 -9.01
CA ASN F 232 -80.83 35.18 -9.26
C ASN F 232 -79.87 33.98 -9.15
N PHE F 233 -79.78 33.23 -10.26
CA PHE F 233 -78.91 32.06 -10.32
C PHE F 233 -77.43 32.42 -10.47
N GLN F 234 -77.11 33.71 -10.67
CA GLN F 234 -75.74 34.20 -10.67
C GLN F 234 -75.30 34.63 -9.26
N ASP F 235 -75.93 34.10 -8.22
CA ASP F 235 -75.51 34.40 -6.85
C ASP F 235 -74.68 33.24 -6.30
N LYS F 236 -73.43 33.18 -6.77
CA LYS F 236 -72.48 32.22 -6.24
C LYS F 236 -72.38 32.37 -4.71
N THR F 237 -71.94 31.33 -4.02
CA THR F 237 -71.83 31.27 -2.56
C THR F 237 -73.17 30.91 -1.92
N CYS F 238 -74.29 31.27 -2.58
CA CYS F 238 -75.61 30.82 -2.17
C CYS F 238 -76.10 29.62 -2.96
N HIS F 239 -75.49 29.36 -4.13
CA HIS F 239 -75.80 28.19 -4.94
C HIS F 239 -74.69 27.14 -4.95
N LEU F 240 -73.43 27.56 -4.84
CA LEU F 240 -72.28 26.67 -4.84
C LEU F 240 -71.74 26.58 -3.42
N THR F 241 -71.88 25.40 -2.81
CA THR F 241 -71.48 25.20 -1.42
C THR F 241 -70.04 24.74 -1.29
N ASN F 242 -69.12 25.35 -2.04
CA ASN F 242 -67.71 24.97 -1.98
C ASN F 242 -67.06 25.67 -0.80
N HIS F 243 -66.40 24.90 0.07
CA HIS F 243 -65.77 25.49 1.25
C HIS F 243 -64.83 26.62 0.84
N CYS F 244 -64.01 26.38 -0.17
CA CYS F 244 -63.12 27.40 -0.71
C CYS F 244 -63.91 28.64 -1.12
N ILE F 245 -64.90 28.45 -1.99
CA ILE F 245 -65.70 29.55 -2.52
C ILE F 245 -66.16 30.48 -1.41
N GLN F 246 -66.32 29.98 -0.18
CA GLN F 246 -66.61 30.83 0.97
C GLN F 246 -65.32 31.51 1.42
N LYS F 247 -64.91 32.48 0.62
CA LYS F 247 -63.67 33.23 0.80
C LYS F 247 -63.89 34.45 1.70
N TYR F 253 -69.95 33.85 6.38
CA TYR F 253 -69.03 32.76 6.62
C TYR F 253 -68.72 32.64 8.11
N GLY F 254 -68.99 31.46 8.69
CA GLY F 254 -68.76 31.21 10.10
C GLY F 254 -69.90 31.63 11.00
N ARG F 255 -70.93 32.26 10.45
CA ARG F 255 -72.06 32.76 11.20
C ARG F 255 -72.74 31.61 11.95
N TYR F 256 -73.41 30.73 11.22
CA TYR F 256 -74.25 29.70 11.82
C TYR F 256 -73.47 28.48 12.32
N GLU F 257 -72.38 28.12 11.63
CA GLU F 257 -71.53 27.02 12.05
C GLU F 257 -70.09 27.33 11.67
N GLU F 258 -69.16 26.84 12.49
CA GLU F 258 -67.74 27.07 12.30
C GLU F 258 -67.26 26.53 10.95
N GLY F 259 -66.70 27.42 10.13
CA GLY F 259 -66.21 27.05 8.80
C GLY F 259 -67.29 26.64 7.82
N ASN F 260 -68.51 27.17 7.98
CA ASN F 260 -69.66 26.73 7.19
C ASN F 260 -69.70 25.21 7.12
N GLU F 261 -69.45 24.56 8.25
CA GLU F 261 -69.31 23.12 8.30
C GLU F 261 -70.14 22.59 9.46
N MET F 262 -71.10 21.71 9.15
CA MET F 262 -71.93 21.07 10.17
C MET F 262 -71.68 19.57 10.14
N PHE F 263 -71.17 19.03 11.25
CA PHE F 263 -70.94 17.60 11.40
C PHE F 263 -72.27 16.88 11.65
N PHE F 264 -72.19 15.58 11.92
CA PHE F 264 -73.40 14.76 11.85
C PHE F 264 -74.25 14.85 13.10
N GLU F 265 -73.62 14.98 14.27
CA GLU F 265 -74.39 15.10 15.51
C GLU F 265 -75.32 16.31 15.45
N GLU F 266 -74.80 17.44 14.99
CA GLU F 266 -75.61 18.65 14.89
C GLU F 266 -76.75 18.45 13.89
N PHE F 267 -76.44 17.94 12.69
CA PHE F 267 -77.44 17.90 11.62
C PHE F 267 -78.53 16.86 11.90
N ASN F 268 -78.16 15.71 12.45
CA ASN F 268 -79.19 14.73 12.83
C ASN F 268 -80.16 15.34 13.84
N GLN F 269 -79.61 15.97 14.88
CA GLN F 269 -80.45 16.67 15.85
C GLN F 269 -81.39 17.66 15.18
N TYR F 270 -80.90 18.43 14.20
CA TYR F 270 -81.77 19.40 13.53
C TYR F 270 -82.88 18.70 12.77
N LEU F 271 -82.56 17.58 12.11
CA LEU F 271 -83.57 16.77 11.44
C LEU F 271 -84.62 16.29 12.43
N MET F 272 -84.16 15.73 13.56
CA MET F 272 -85.04 15.25 14.60
C MET F 272 -86.00 16.34 15.07
N ASP F 273 -85.45 17.50 15.45
CA ASP F 273 -86.26 18.64 15.91
C ASP F 273 -87.11 19.22 14.78
N ALA F 274 -86.46 19.63 13.70
CA ALA F 274 -87.16 20.36 12.66
C ALA F 274 -88.00 19.47 11.77
N LEU F 275 -87.64 18.19 11.60
CA LEU F 275 -88.36 17.33 10.68
C LEU F 275 -88.93 16.06 11.31
N ASN F 276 -88.65 15.79 12.59
CA ASN F 276 -89.16 14.62 13.30
C ASN F 276 -88.60 13.32 12.72
N THR F 277 -87.43 13.40 12.11
CA THR F 277 -86.78 12.22 11.55
C THR F 277 -85.35 12.12 12.06
N THR F 278 -84.56 11.27 11.40
CA THR F 278 -83.17 11.04 11.79
C THR F 278 -82.31 10.98 10.54
N LEU F 279 -81.01 11.15 10.75
CA LEU F 279 -80.07 11.18 9.62
C LEU F 279 -80.02 9.83 8.91
N GLU F 280 -79.85 8.74 9.67
CA GLU F 280 -79.95 7.38 9.16
C GLU F 280 -81.15 7.21 8.23
N ASN F 281 -82.36 7.45 8.73
CA ASN F 281 -83.55 7.11 7.95
C ASN F 281 -83.71 8.01 6.73
N SER F 282 -83.63 9.33 6.93
CA SER F 282 -83.96 10.27 5.86
C SER F 282 -82.88 10.37 4.77
N ILE F 283 -81.60 10.20 5.13
CA ILE F 283 -80.52 10.44 4.18
C ILE F 283 -79.53 9.27 4.11
N LEU F 284 -79.09 8.74 5.25
CA LEU F 284 -77.97 7.81 5.23
C LEU F 284 -78.29 6.52 4.49
N LEU F 285 -79.50 5.97 4.68
CA LEU F 285 -79.87 4.79 3.92
C LEU F 285 -79.61 4.99 2.42
N GLN F 286 -80.00 6.13 1.87
CA GLN F 286 -79.83 6.36 0.44
C GLN F 286 -78.37 6.58 0.07
N ILE F 287 -77.56 7.10 1.00
CA ILE F 287 -76.16 7.32 0.71
C ILE F 287 -75.43 5.99 0.62
N LYS F 288 -75.72 5.09 1.56
CA LYS F 288 -75.07 3.80 1.53
C LYS F 288 -75.52 2.99 0.33
N HIS F 289 -76.73 3.26 -0.17
CA HIS F 289 -77.17 2.61 -1.40
C HIS F 289 -76.38 3.12 -2.61
N ILE F 290 -76.07 4.42 -2.64
CA ILE F 290 -75.37 5.01 -3.77
C ILE F 290 -73.89 4.62 -3.75
N ILE F 291 -73.23 4.81 -2.62
CA ILE F 291 -71.84 4.36 -2.53
C ILE F 291 -71.74 2.90 -2.93
N ARG F 292 -72.58 2.05 -2.32
CA ARG F 292 -72.54 0.62 -2.64
C ARG F 292 -72.75 0.41 -4.13
N SER F 293 -73.70 1.11 -4.73
CA SER F 293 -74.03 0.84 -6.12
C SER F 293 -72.91 1.29 -7.06
N CYS F 294 -72.39 2.50 -6.87
CA CYS F 294 -71.30 2.97 -7.71
C CYS F 294 -70.09 2.04 -7.64
N LEU F 295 -69.73 1.59 -6.44
CA LEU F 295 -68.50 0.82 -6.32
C LEU F 295 -68.72 -0.65 -6.69
N MET F 296 -69.94 -1.18 -6.51
CA MET F 296 -70.23 -2.51 -7.05
C MET F 296 -70.15 -2.51 -8.58
N CYS F 297 -70.59 -1.43 -9.21
CA CYS F 297 -70.52 -1.34 -10.67
C CYS F 297 -69.11 -1.61 -11.17
N ILE F 298 -68.14 -0.81 -10.73
CA ILE F 298 -66.79 -0.85 -11.32
C ILE F 298 -65.89 -1.90 -10.68
N GLU F 299 -66.43 -2.74 -9.81
CA GLU F 299 -65.58 -3.76 -9.19
C GLU F 299 -64.88 -4.65 -10.20
N PRO F 300 -65.52 -5.13 -11.27
CA PRO F 300 -64.78 -5.98 -12.22
C PRO F 300 -63.66 -5.25 -12.93
N ALA F 301 -63.77 -3.93 -13.08
CA ALA F 301 -62.76 -3.19 -13.81
C ALA F 301 -61.53 -2.85 -12.98
N ILE F 302 -61.66 -2.80 -11.64
CA ILE F 302 -60.58 -2.28 -10.81
C ILE F 302 -60.17 -3.21 -9.68
N SER F 303 -60.86 -4.32 -9.47
CA SER F 303 -60.47 -5.21 -8.39
C SER F 303 -59.01 -5.66 -8.56
N THR F 304 -58.26 -5.68 -7.46
CA THR F 304 -56.90 -6.24 -7.42
C THR F 304 -56.85 -7.58 -6.68
N LYS F 305 -57.90 -8.41 -6.86
CA LYS F 305 -58.06 -9.64 -6.10
C LYS F 305 -57.03 -10.70 -6.50
N HIS F 306 -56.77 -10.87 -7.80
CA HIS F 306 -55.75 -11.80 -8.23
C HIS F 306 -54.53 -11.10 -8.81
N LEU F 307 -54.47 -9.78 -8.70
CA LEU F 307 -53.40 -9.00 -9.30
C LEU F 307 -52.11 -9.19 -8.53
N HIS F 308 -50.99 -8.81 -9.18
CA HIS F 308 -49.65 -8.95 -8.63
C HIS F 308 -49.26 -7.81 -7.68
N TYR F 309 -49.99 -6.70 -7.70
CA TYR F 309 -49.95 -5.67 -6.68
C TYR F 309 -51.38 -5.42 -6.23
N GLN F 310 -51.54 -4.55 -5.23
CA GLN F 310 -52.85 -4.33 -4.64
C GLN F 310 -53.12 -2.85 -4.45
N SER F 311 -54.41 -2.51 -4.51
CA SER F 311 -54.89 -1.16 -4.37
C SER F 311 -55.82 -1.09 -3.17
N PHE F 312 -55.71 0.00 -2.42
CA PHE F 312 -56.82 0.57 -1.69
C PHE F 312 -56.95 2.01 -2.17
N GLN F 313 -58.04 2.66 -1.79
CA GLN F 313 -58.22 4.06 -2.15
C GLN F 313 -59.27 4.66 -1.23
N LEU F 314 -59.13 5.96 -0.97
CA LEU F 314 -60.09 6.74 -0.20
C LEU F 314 -60.83 7.63 -1.18
N PHE F 315 -62.15 7.66 -1.07
CA PHE F 315 -62.99 8.48 -1.93
C PHE F 315 -63.77 9.46 -1.09
N GLY F 316 -64.06 10.61 -1.67
CA GLY F 316 -65.03 11.50 -1.08
C GLY F 316 -66.26 11.55 -1.94
N PHE F 317 -67.40 11.15 -1.40
CA PHE F 317 -68.67 11.20 -2.11
C PHE F 317 -69.42 12.46 -1.69
N ASP F 318 -69.95 13.19 -2.68
CA ASP F 318 -70.61 14.47 -2.47
C ASP F 318 -72.08 14.34 -2.85
N PHE F 319 -72.98 14.59 -1.89
CA PHE F 319 -74.42 14.43 -2.11
C PHE F 319 -75.20 15.73 -1.92
N MET F 320 -76.36 15.77 -2.59
CA MET F 320 -77.32 16.87 -2.55
C MET F 320 -78.65 16.31 -2.05
N VAL F 321 -79.14 16.82 -0.92
CA VAL F 321 -80.43 16.40 -0.38
C VAL F 321 -81.48 17.43 -0.79
N ASP F 322 -82.52 16.97 -1.50
CA ASP F 322 -83.56 17.90 -1.93
C ASP F 322 -84.63 18.08 -0.84
N GLU F 323 -85.67 18.85 -1.16
CA GLU F 323 -86.69 19.23 -0.17
C GLU F 323 -87.53 18.05 0.29
N GLU F 324 -87.76 17.07 -0.59
CA GLU F 324 -88.48 15.85 -0.26
C GLU F 324 -87.64 14.86 0.52
N LEU F 325 -86.44 15.24 0.94
CA LEU F 325 -85.55 14.34 1.67
C LEU F 325 -85.10 13.18 0.78
N LYS F 326 -84.73 13.53 -0.44
CA LYS F 326 -84.17 12.60 -1.41
C LYS F 326 -82.72 12.96 -1.63
N VAL F 327 -81.84 11.94 -1.64
CA VAL F 327 -80.39 12.14 -1.72
C VAL F 327 -79.95 12.02 -3.17
N TRP F 328 -79.04 12.89 -3.57
CA TRP F 328 -78.57 12.94 -4.95
C TRP F 328 -77.05 12.89 -4.96
N LEU F 329 -76.49 12.19 -5.94
CA LEU F 329 -75.05 12.11 -6.11
C LEU F 329 -74.62 13.16 -7.12
N ILE F 330 -73.71 14.04 -6.71
CA ILE F 330 -73.22 15.09 -7.60
C ILE F 330 -71.89 14.66 -8.21
N GLU F 331 -70.83 14.69 -7.41
CA GLU F 331 -69.46 14.42 -7.82
C GLU F 331 -68.91 13.29 -6.95
N VAL F 332 -68.07 12.42 -7.52
CA VAL F 332 -67.26 11.47 -6.76
C VAL F 332 -65.81 11.90 -6.88
N ASN F 333 -65.19 12.26 -5.76
CA ASN F 333 -63.86 12.84 -5.76
C ASN F 333 -62.83 11.78 -5.37
N GLY F 334 -61.85 11.56 -6.26
CA GLY F 334 -60.84 10.52 -6.10
C GLY F 334 -59.63 10.90 -5.27
N ALA F 335 -59.42 12.19 -5.00
CA ALA F 335 -58.28 12.69 -4.23
C ALA F 335 -58.80 13.64 -3.15
N PRO F 336 -59.44 13.10 -2.11
CA PRO F 336 -60.27 13.91 -1.24
C PRO F 336 -59.52 14.41 -0.01
N ALA F 337 -59.80 15.67 0.32
CA ALA F 337 -59.32 16.27 1.55
C ALA F 337 -60.33 16.01 2.64
N CYS F 338 -59.84 15.70 3.85
CA CYS F 338 -60.71 15.53 5.00
C CYS F 338 -60.93 16.87 5.69
N ALA F 339 -61.88 16.90 6.63
CA ALA F 339 -62.13 18.09 7.44
C ALA F 339 -61.32 18.00 8.72
N GLN F 340 -60.71 19.13 9.12
CA GLN F 340 -59.63 19.11 10.10
C GLN F 340 -60.00 18.35 11.36
N LYS F 341 -61.23 18.50 11.85
CA LYS F 341 -61.58 17.88 13.13
C LYS F 341 -61.38 16.37 13.10
N LEU F 342 -61.45 15.76 11.90
CA LEU F 342 -61.48 14.31 11.74
C LEU F 342 -60.18 13.72 11.24
N TYR F 343 -59.28 14.52 10.66
CA TYR F 343 -57.99 14.02 10.16
C TYR F 343 -57.36 13.01 11.10
N ALA F 344 -57.27 13.35 12.38
CA ALA F 344 -56.75 12.39 13.35
C ALA F 344 -57.49 11.07 13.25
N GLU F 345 -58.83 11.10 13.24
CA GLU F 345 -59.58 9.85 13.29
C GLU F 345 -59.49 9.10 11.96
N LEU F 346 -59.73 9.79 10.84
CA LEU F 346 -59.81 9.08 9.57
C LEU F 346 -58.46 8.53 9.12
N CYS F 347 -57.37 9.26 9.35
CA CYS F 347 -56.07 8.77 8.91
C CYS F 347 -55.58 7.60 9.79
N GLN F 348 -55.98 7.56 11.05
CA GLN F 348 -55.68 6.37 11.84
C GLN F 348 -56.51 5.18 11.38
N GLY F 349 -57.73 5.42 10.88
CA GLY F 349 -58.56 4.33 10.38
C GLY F 349 -58.09 3.78 9.06
N ILE F 350 -57.56 4.63 8.18
CA ILE F 350 -56.88 4.14 6.98
C ILE F 350 -55.80 3.14 7.36
N VAL F 351 -54.95 3.52 8.33
CA VAL F 351 -53.81 2.68 8.67
C VAL F 351 -54.30 1.31 9.17
N ASP F 352 -55.37 1.29 9.95
CA ASP F 352 -55.83 0.03 10.49
C ASP F 352 -56.43 -0.84 9.38
N VAL F 353 -57.33 -0.26 8.60
CA VAL F 353 -58.17 -1.06 7.71
C VAL F 353 -57.48 -1.35 6.38
N ALA F 354 -56.74 -0.37 5.84
CA ALA F 354 -56.17 -0.48 4.50
C ALA F 354 -54.70 -0.87 4.47
N ILE F 355 -53.94 -0.61 5.55
CA ILE F 355 -52.49 -0.73 5.53
C ILE F 355 -51.99 -1.81 6.47
N SER F 356 -52.44 -1.81 7.71
CA SER F 356 -52.04 -2.87 8.62
C SER F 356 -52.78 -4.17 8.35
N SER F 357 -53.90 -4.11 7.63
CA SER F 357 -54.56 -5.34 7.22
C SER F 357 -53.60 -6.21 6.44
N VAL F 358 -52.80 -5.58 5.57
CA VAL F 358 -51.85 -6.26 4.69
C VAL F 358 -50.49 -6.44 5.36
N PHE F 359 -50.03 -5.46 6.15
CA PHE F 359 -48.69 -5.48 6.75
C PHE F 359 -48.82 -5.40 8.27
N PRO F 360 -49.11 -6.51 8.96
CA PRO F 360 -49.48 -6.43 10.38
C PRO F 360 -48.32 -6.09 11.32
N LEU F 361 -48.63 -5.27 12.33
CA LEU F 361 -47.64 -4.76 13.28
C LEU F 361 -47.61 -5.56 14.60
N THR F 372 -66.94 -0.26 17.92
CA THR F 372 -65.49 -0.16 18.05
C THR F 372 -64.89 0.60 16.87
N SER F 373 -65.15 0.10 15.65
CA SER F 373 -64.58 0.66 14.43
C SER F 373 -65.25 1.98 14.03
N ILE F 374 -64.49 2.80 13.29
CA ILE F 374 -64.91 4.14 12.87
C ILE F 374 -65.56 4.10 11.49
N PHE F 375 -65.78 2.88 10.97
CA PHE F 375 -66.38 2.69 9.65
C PHE F 375 -67.64 1.81 9.75
N ILE F 376 -68.49 1.92 8.73
CA ILE F 376 -69.62 1.02 8.53
C ILE F 376 -69.31 0.21 7.27
N LYS F 377 -69.12 -1.10 7.42
CA LYS F 377 -68.92 -1.93 6.24
C LYS F 377 -70.19 -1.94 5.40
N LEU F 378 -70.08 -1.54 4.13
CA LEU F 378 -71.22 -1.55 3.21
C LEU F 378 -71.23 -2.88 2.46
N HIS F 379 -72.26 -3.69 2.75
CA HIS F 379 -72.28 -5.12 2.42
C HIS F 379 -72.84 -5.36 1.02
N HIS F 380 -72.17 -6.25 0.28
CA HIS F 380 -72.54 -6.62 -1.08
C HIS F 380 -72.57 -8.15 -1.22
#